data_2LXE
#
_entry.id   2LXE
#
_entity_poly.entity_id   1
_entity_poly.type   'polypeptide(L)'
_entity_poly.pdbx_seq_one_letter_code
;MGSSHHHHHHSSGLVPRGSHMISLSGLTSSVESDLDMQQAMLTNKDEKVLKALERTRQLDIPDEKTMPVLMKLLEEAGGN
WSYIKLDNYTALVDAIYSVEDENKQSEGS
;
_entity_poly.pdbx_strand_id   A
#
# COMPACT_ATOMS: atom_id res chain seq x y z
N MET A 1 34.56 40.61 -52.11
CA MET A 1 33.41 41.07 -51.35
C MET A 1 32.47 39.92 -51.00
N GLY A 2 33.04 38.72 -50.91
CA GLY A 2 32.23 37.55 -50.58
C GLY A 2 33.06 36.43 -50.02
N SER A 3 33.48 36.57 -48.76
CA SER A 3 34.29 35.55 -48.10
C SER A 3 33.51 34.86 -46.99
N SER A 4 33.70 33.55 -46.86
CA SER A 4 33.00 32.78 -45.84
C SER A 4 33.88 32.61 -44.60
N HIS A 5 33.34 32.98 -43.45
CA HIS A 5 34.07 32.86 -42.19
C HIS A 5 33.30 32.01 -41.19
N HIS A 6 33.47 30.70 -41.29
CA HIS A 6 32.80 29.76 -40.40
C HIS A 6 33.71 28.60 -40.02
N HIS A 7 33.37 27.90 -38.95
CA HIS A 7 34.17 26.77 -38.48
C HIS A 7 33.27 25.63 -38.01
N HIS A 8 33.80 24.41 -38.03
CA HIS A 8 33.04 23.24 -37.61
C HIS A 8 33.94 22.27 -36.85
N HIS A 9 33.33 21.45 -35.99
CA HIS A 9 34.07 20.47 -35.20
C HIS A 9 33.19 19.28 -34.85
N HIS A 10 33.80 18.09 -34.78
CA HIS A 10 33.07 16.88 -34.45
C HIS A 10 32.59 16.90 -33.00
N SER A 11 31.46 16.25 -32.75
CA SER A 11 30.90 16.19 -31.40
C SER A 11 29.77 15.17 -31.33
N SER A 12 29.81 14.33 -30.31
CA SER A 12 28.80 13.30 -30.12
C SER A 12 27.71 13.77 -29.16
N GLY A 13 28.12 14.51 -28.13
CA GLY A 13 27.17 15.02 -27.16
C GLY A 13 26.98 14.08 -25.99
N LEU A 14 28.05 13.84 -25.23
CA LEU A 14 28.00 12.96 -24.08
C LEU A 14 27.20 13.59 -22.95
N VAL A 15 26.20 12.86 -22.47
CA VAL A 15 25.35 13.34 -21.38
C VAL A 15 25.28 12.33 -20.24
N PRO A 16 24.98 12.82 -19.03
CA PRO A 16 24.87 11.97 -17.84
C PRO A 16 23.65 11.06 -17.89
N ARG A 17 23.57 10.13 -16.94
CA ARG A 17 22.46 9.19 -16.88
C ARG A 17 22.08 8.89 -15.43
N GLY A 18 20.80 8.69 -15.18
CA GLY A 18 20.33 8.40 -13.84
C GLY A 18 19.11 7.50 -13.83
N SER A 19 19.03 6.62 -12.83
CA SER A 19 17.90 5.70 -12.72
C SER A 19 17.02 6.07 -11.52
N HIS A 20 16.23 7.13 -11.69
CA HIS A 20 15.34 7.59 -10.63
C HIS A 20 13.96 7.90 -11.18
N MET A 21 12.96 7.14 -10.73
CA MET A 21 11.59 7.33 -11.18
C MET A 21 10.67 7.63 -10.01
N ILE A 22 10.13 8.85 -9.98
CA ILE A 22 9.23 9.26 -8.91
C ILE A 22 8.38 10.45 -9.34
N SER A 23 7.09 10.41 -9.01
CA SER A 23 6.17 11.48 -9.36
C SER A 23 6.30 12.64 -8.38
N LEU A 24 7.46 13.29 -8.40
CA LEU A 24 7.72 14.43 -7.51
C LEU A 24 6.67 15.52 -7.72
N SER A 25 6.40 15.85 -8.98
CA SER A 25 5.43 16.88 -9.31
C SER A 25 4.10 16.25 -9.74
N GLY A 26 3.10 17.10 -9.95
CA GLY A 26 1.80 16.61 -10.36
C GLY A 26 1.27 17.32 -11.59
N LEU A 27 -0.04 17.30 -11.76
CA LEU A 27 -0.68 17.96 -12.91
C LEU A 27 0.12 17.70 -14.18
N THR A 28 0.68 16.51 -14.30
CA THR A 28 1.48 16.14 -15.47
C THR A 28 1.20 14.70 -15.89
N SER A 29 1.88 14.26 -16.94
CA SER A 29 1.71 12.90 -17.44
C SER A 29 2.06 11.88 -16.37
N SER A 30 2.08 10.60 -16.77
CA SER A 30 2.41 9.52 -15.84
C SER A 30 1.35 9.43 -14.74
N VAL A 31 0.09 9.53 -15.12
CA VAL A 31 -1.01 9.45 -14.16
C VAL A 31 -1.56 8.04 -14.05
N GLU A 32 -0.65 7.06 -13.97
CA GLU A 32 -1.06 5.67 -13.86
C GLU A 32 -1.27 5.27 -12.41
N SER A 33 -0.84 6.14 -11.49
CA SER A 33 -1.00 5.88 -10.06
C SER A 33 -1.97 6.86 -9.43
N ASP A 34 -2.15 8.01 -10.08
CA ASP A 34 -3.05 9.04 -9.59
C ASP A 34 -4.46 8.47 -9.38
N LEU A 35 -4.79 7.42 -10.13
CA LEU A 35 -6.10 6.79 -10.03
C LEU A 35 -6.12 5.75 -8.91
N ASP A 36 -4.99 5.09 -8.72
CA ASP A 36 -4.87 4.07 -7.68
C ASP A 36 -5.25 4.64 -6.31
N MET A 37 -5.08 5.94 -6.16
CA MET A 37 -5.40 6.62 -4.90
C MET A 37 -6.85 6.35 -4.50
N GLN A 38 -7.69 6.06 -5.49
CA GLN A 38 -9.10 5.80 -5.23
C GLN A 38 -9.27 4.51 -4.42
N GLN A 39 -8.40 3.55 -4.67
CA GLN A 39 -8.45 2.27 -3.97
C GLN A 39 -8.17 2.46 -2.48
N ALA A 40 -7.20 3.32 -2.16
CA ALA A 40 -6.84 3.59 -0.78
C ALA A 40 -8.02 4.16 0.00
N MET A 41 -8.96 4.77 -0.73
CA MET A 41 -10.14 5.35 -0.11
C MET A 41 -11.08 4.27 0.41
N LEU A 42 -11.13 3.15 -0.30
CA LEU A 42 -11.98 2.04 0.09
C LEU A 42 -11.32 1.19 1.18
N THR A 43 -10.12 1.58 1.57
CA THR A 43 -9.38 0.87 2.60
C THR A 43 -8.65 1.84 3.53
N ASN A 44 -9.42 2.61 4.29
CA ASN A 44 -8.84 3.58 5.22
C ASN A 44 -8.06 2.88 6.33
N LYS A 45 -7.68 3.63 7.34
CA LYS A 45 -6.93 3.08 8.46
C LYS A 45 -7.71 3.22 9.77
N ASP A 46 -7.08 2.85 10.88
CA ASP A 46 -7.72 2.95 12.18
C ASP A 46 -6.73 3.44 13.23
N GLU A 47 -7.20 3.55 14.47
CA GLU A 47 -6.36 4.02 15.57
C GLU A 47 -5.29 2.98 15.92
N LYS A 48 -5.69 1.72 15.94
CA LYS A 48 -4.77 0.64 16.26
C LYS A 48 -3.76 0.43 15.13
N VAL A 49 -4.21 0.68 13.90
CA VAL A 49 -3.34 0.52 12.73
C VAL A 49 -2.10 1.39 12.85
N LEU A 50 -2.23 2.51 13.55
CA LEU A 50 -1.12 3.43 13.73
C LEU A 50 -0.04 2.82 14.62
N LYS A 51 -0.43 1.83 15.41
CA LYS A 51 0.49 1.16 16.32
C LYS A 51 1.48 0.30 15.53
N ALA A 52 1.00 -0.34 14.47
CA ALA A 52 1.84 -1.18 13.64
C ALA A 52 2.96 -0.38 13.00
N LEU A 53 2.62 0.80 12.48
CA LEU A 53 3.59 1.67 11.83
C LEU A 53 4.73 2.03 12.78
N GLU A 54 4.45 1.92 14.08
CA GLU A 54 5.44 2.23 15.10
C GLU A 54 6.66 1.32 14.97
N ARG A 55 6.41 0.02 14.81
CA ARG A 55 7.48 -0.95 14.68
C ARG A 55 8.09 -0.90 13.28
N THR A 56 7.26 -0.58 12.29
CA THR A 56 7.72 -0.50 10.91
C THR A 56 8.65 0.70 10.71
N ARG A 57 8.26 1.83 11.27
CA ARG A 57 9.05 3.05 11.15
C ARG A 57 10.47 2.82 11.66
N GLN A 58 10.61 1.94 12.63
CA GLN A 58 11.91 1.63 13.20
C GLN A 58 12.89 1.15 12.13
N LEU A 59 12.39 0.29 11.24
CA LEU A 59 13.21 -0.25 10.17
C LEU A 59 13.13 0.64 8.92
N ASP A 60 12.57 1.83 9.09
CA ASP A 60 12.43 2.77 7.98
C ASP A 60 11.53 2.20 6.89
N ILE A 61 10.27 1.98 7.24
CA ILE A 61 9.30 1.44 6.29
C ILE A 61 8.17 2.43 6.04
N PRO A 62 7.85 2.67 4.76
CA PRO A 62 6.79 3.58 4.36
C PRO A 62 5.40 3.05 4.69
N ASP A 63 4.53 3.94 5.16
CA ASP A 63 3.17 3.56 5.52
C ASP A 63 2.38 3.16 4.28
N GLU A 64 2.94 3.43 3.11
CA GLU A 64 2.27 3.10 1.85
C GLU A 64 2.33 1.60 1.59
N LYS A 65 3.45 0.98 1.92
CA LYS A 65 3.64 -0.45 1.72
C LYS A 65 3.22 -1.23 2.96
N THR A 66 3.34 -0.59 4.12
CA THR A 66 2.97 -1.23 5.38
C THR A 66 1.46 -1.32 5.54
N MET A 67 0.75 -0.36 4.95
CA MET A 67 -0.70 -0.32 5.03
C MET A 67 -1.29 -1.67 4.65
N PRO A 68 -1.01 -2.13 3.41
CA PRO A 68 -1.50 -3.41 2.91
C PRO A 68 -0.85 -4.60 3.61
N VAL A 69 0.23 -4.33 4.34
CA VAL A 69 0.93 -5.38 5.06
C VAL A 69 0.25 -5.71 6.39
N LEU A 70 0.09 -4.69 7.23
CA LEU A 70 -0.55 -4.87 8.53
C LEU A 70 -1.97 -5.43 8.36
N MET A 71 -2.71 -4.88 7.40
CA MET A 71 -4.07 -5.33 7.14
C MET A 71 -4.10 -6.81 6.76
N LYS A 72 -2.97 -7.31 6.26
CA LYS A 72 -2.86 -8.71 5.88
C LYS A 72 -2.80 -9.61 7.10
N LEU A 73 -2.25 -9.10 8.19
CA LEU A 73 -2.14 -9.86 9.43
C LEU A 73 -3.47 -9.95 10.14
N LEU A 74 -4.11 -8.80 10.33
CA LEU A 74 -5.40 -8.74 11.01
C LEU A 74 -6.45 -9.56 10.25
N GLU A 75 -6.21 -9.74 8.95
CA GLU A 75 -7.13 -10.50 8.11
C GLU A 75 -7.32 -11.91 8.65
N GLU A 76 -6.21 -12.61 8.84
CA GLU A 76 -6.24 -13.98 9.35
C GLU A 76 -6.50 -13.99 10.85
N ALA A 77 -6.05 -12.94 11.54
CA ALA A 77 -6.24 -12.83 12.98
C ALA A 77 -7.60 -12.25 13.32
N GLY A 78 -8.42 -12.05 12.29
CA GLY A 78 -9.74 -11.50 12.50
C GLY A 78 -9.72 -10.19 13.26
N GLY A 79 -8.59 -9.50 13.20
CA GLY A 79 -8.46 -8.23 13.90
C GLY A 79 -7.94 -8.39 15.31
N ASN A 80 -6.99 -9.29 15.48
CA ASN A 80 -6.41 -9.55 16.80
C ASN A 80 -4.93 -9.18 16.83
N TRP A 81 -4.62 -8.04 17.43
CA TRP A 81 -3.24 -7.58 17.53
C TRP A 81 -2.50 -8.28 18.66
N SER A 82 -3.27 -8.82 19.61
CA SER A 82 -2.67 -9.52 20.74
C SER A 82 -1.68 -10.59 20.28
N TYR A 83 -2.13 -11.45 19.37
CA TYR A 83 -1.29 -12.51 18.85
C TYR A 83 -0.32 -11.98 17.81
N ILE A 84 -0.81 -11.10 16.95
CA ILE A 84 0.03 -10.50 15.91
C ILE A 84 1.21 -9.76 16.51
N LYS A 85 1.07 -9.32 17.76
CA LYS A 85 2.12 -8.60 18.45
C LYS A 85 2.90 -9.54 19.38
N LEU A 86 2.62 -10.83 19.28
CA LEU A 86 3.29 -11.83 20.11
C LEU A 86 4.78 -11.86 19.81
N ASP A 87 5.17 -11.28 18.68
CA ASP A 87 6.57 -11.24 18.28
C ASP A 87 6.96 -9.85 17.80
N ASN A 88 6.26 -8.83 18.29
CA ASN A 88 6.53 -7.46 17.91
C ASN A 88 6.20 -7.23 16.43
N TYR A 89 5.10 -7.81 15.98
CA TYR A 89 4.67 -7.67 14.59
C TYR A 89 5.73 -8.25 13.64
N THR A 90 6.30 -9.38 14.02
CA THR A 90 7.32 -10.03 13.21
C THR A 90 6.84 -10.21 11.78
N ALA A 91 5.53 -10.38 11.61
CA ALA A 91 4.95 -10.56 10.28
C ALA A 91 5.36 -9.42 9.34
N LEU A 92 5.45 -8.21 9.89
CA LEU A 92 5.82 -7.05 9.11
C LEU A 92 7.27 -7.15 8.63
N VAL A 93 8.12 -7.74 9.47
CA VAL A 93 9.53 -7.90 9.13
C VAL A 93 9.70 -8.80 7.91
N ASP A 94 9.05 -9.95 7.93
CA ASP A 94 9.13 -10.89 6.81
C ASP A 94 8.31 -10.41 5.63
N ALA A 95 7.24 -9.67 5.92
CA ALA A 95 6.37 -9.15 4.88
C ALA A 95 7.06 -8.03 4.10
N ILE A 96 7.48 -7.00 4.82
CA ILE A 96 8.16 -5.86 4.19
C ILE A 96 9.43 -6.30 3.48
N TYR A 97 10.14 -7.25 4.07
CA TYR A 97 11.37 -7.77 3.49
C TYR A 97 11.11 -8.38 2.11
N SER A 98 9.95 -8.98 1.95
CA SER A 98 9.58 -9.60 0.68
C SER A 98 9.18 -8.55 -0.35
N VAL A 99 8.21 -7.71 0.01
CA VAL A 99 7.75 -6.66 -0.87
C VAL A 99 8.88 -5.70 -1.24
N GLU A 100 9.54 -5.15 -0.22
CA GLU A 100 10.64 -4.22 -0.44
C GLU A 100 11.66 -4.81 -1.42
N ASP A 101 11.79 -6.13 -1.41
CA ASP A 101 12.73 -6.81 -2.30
C ASP A 101 12.10 -7.06 -3.67
N GLU A 102 12.94 -7.08 -4.70
CA GLU A 102 12.46 -7.31 -6.06
C GLU A 102 11.33 -6.35 -6.41
N ASN A 103 11.69 -5.16 -6.90
CA ASN A 103 10.70 -4.16 -7.27
C ASN A 103 10.62 -4.01 -8.78
N LYS A 104 11.71 -4.34 -9.47
CA LYS A 104 11.77 -4.24 -10.92
C LYS A 104 11.24 -5.52 -11.57
N GLN A 105 11.29 -6.62 -10.82
CA GLN A 105 10.82 -7.90 -11.34
C GLN A 105 9.33 -7.84 -11.66
N SER A 106 9.01 -7.60 -12.93
CA SER A 106 7.63 -7.51 -13.37
C SER A 106 7.55 -7.25 -14.87
N GLU A 107 6.39 -7.52 -15.46
CA GLU A 107 6.19 -7.31 -16.88
C GLU A 107 5.89 -5.84 -17.18
N GLY A 108 4.86 -5.31 -16.54
CA GLY A 108 4.49 -3.92 -16.75
C GLY A 108 3.51 -3.42 -15.72
N SER A 109 2.22 -3.65 -15.97
CA SER A 109 1.17 -3.21 -15.05
C SER A 109 0.71 -4.37 -14.17
N MET A 1 10.70 18.25 21.11
CA MET A 1 10.53 17.22 22.12
C MET A 1 9.11 16.67 22.12
N GLY A 2 8.99 15.35 22.14
CA GLY A 2 7.68 14.72 22.14
C GLY A 2 7.73 13.26 22.56
N SER A 3 7.53 12.37 21.60
CA SER A 3 7.55 10.93 21.89
C SER A 3 6.50 10.57 22.94
N SER A 4 5.28 11.06 22.74
CA SER A 4 4.19 10.79 23.68
C SER A 4 2.91 10.45 22.93
N HIS A 5 2.30 9.34 23.33
CA HIS A 5 1.05 8.88 22.69
C HIS A 5 -0.03 8.65 23.74
N HIS A 6 -1.27 8.48 23.27
CA HIS A 6 -2.39 8.24 24.17
C HIS A 6 -2.75 6.75 24.21
N HIS A 7 -3.24 6.30 25.36
CA HIS A 7 -3.61 4.91 25.54
C HIS A 7 -5.13 4.77 25.67
N HIS A 8 -5.63 3.56 25.45
CA HIS A 8 -7.06 3.28 25.54
C HIS A 8 -7.33 1.79 25.64
N HIS A 9 -8.60 1.42 25.65
CA HIS A 9 -8.99 0.02 25.74
C HIS A 9 -10.28 -0.24 24.96
N HIS A 10 -10.29 -1.31 24.17
CA HIS A 10 -11.46 -1.67 23.38
C HIS A 10 -11.67 -3.18 23.38
N SER A 11 -12.71 -3.62 22.68
CA SER A 11 -13.03 -5.04 22.60
C SER A 11 -12.47 -5.65 21.32
N SER A 12 -12.26 -6.96 21.35
CA SER A 12 -11.72 -7.67 20.19
C SER A 12 -12.76 -8.63 19.61
N GLY A 13 -12.48 -9.13 18.42
CA GLY A 13 -13.41 -10.05 17.77
C GLY A 13 -13.65 -11.30 18.59
N LEU A 14 -12.59 -12.05 18.87
CA LEU A 14 -12.70 -13.28 19.66
C LEU A 14 -13.70 -14.24 19.03
N VAL A 15 -13.66 -14.35 17.70
CA VAL A 15 -14.55 -15.24 16.97
C VAL A 15 -13.77 -16.24 16.14
N PRO A 16 -14.41 -17.38 15.83
CA PRO A 16 -13.78 -18.44 15.03
C PRO A 16 -13.60 -18.04 13.57
N ARG A 17 -13.03 -18.93 12.77
CA ARG A 17 -12.80 -18.67 11.36
C ARG A 17 -12.34 -19.94 10.64
N GLY A 18 -13.00 -20.24 9.53
CA GLY A 18 -12.65 -21.43 8.76
C GLY A 18 -12.53 -21.14 7.28
N SER A 19 -11.37 -20.63 6.87
CA SER A 19 -11.13 -20.31 5.47
C SER A 19 -9.87 -21.01 4.96
N HIS A 20 -9.90 -21.44 3.71
CA HIS A 20 -8.77 -22.12 3.09
C HIS A 20 -8.06 -21.22 2.09
N MET A 21 -8.82 -20.75 1.10
CA MET A 21 -8.26 -19.87 0.08
C MET A 21 -7.05 -20.52 -0.60
N ILE A 22 -7.21 -21.75 -1.04
CA ILE A 22 -6.14 -22.48 -1.71
C ILE A 22 -5.95 -22.00 -3.14
N SER A 23 -4.71 -22.01 -3.60
CA SER A 23 -4.39 -21.58 -4.97
C SER A 23 -4.60 -22.72 -5.95
N LEU A 24 -5.83 -23.25 -5.99
CA LEU A 24 -6.16 -24.34 -6.90
C LEU A 24 -5.98 -23.91 -8.35
N SER A 25 -6.50 -22.73 -8.68
CA SER A 25 -6.40 -22.20 -10.04
C SER A 25 -6.53 -20.68 -10.04
N GLY A 26 -6.38 -20.09 -11.22
CA GLY A 26 -6.48 -18.65 -11.34
C GLY A 26 -7.80 -18.21 -11.94
N LEU A 27 -8.89 -18.83 -11.50
CA LEU A 27 -10.22 -18.50 -12.01
C LEU A 27 -11.10 -17.93 -10.89
N THR A 28 -10.68 -18.16 -9.64
CA THR A 28 -11.43 -17.68 -8.49
C THR A 28 -10.69 -16.54 -7.80
N SER A 29 -11.43 -15.71 -7.08
CA SER A 29 -10.85 -14.58 -6.36
C SER A 29 -10.14 -13.63 -7.33
N SER A 30 -10.59 -13.64 -8.59
CA SER A 30 -10.00 -12.78 -9.62
C SER A 30 -10.11 -11.31 -9.23
N VAL A 31 -9.68 -10.43 -10.12
CA VAL A 31 -9.73 -9.00 -9.88
C VAL A 31 -9.43 -8.68 -8.42
N GLU A 32 -8.41 -9.33 -7.87
CA GLU A 32 -8.02 -9.12 -6.48
C GLU A 32 -7.40 -7.74 -6.30
N SER A 33 -6.83 -7.20 -7.37
CA SER A 33 -6.20 -5.88 -7.32
C SER A 33 -6.92 -4.91 -8.24
N ASP A 34 -7.63 -5.44 -9.23
CA ASP A 34 -8.37 -4.62 -10.18
C ASP A 34 -9.50 -3.87 -9.48
N LEU A 35 -10.25 -4.58 -8.64
CA LEU A 35 -11.36 -3.99 -7.92
C LEU A 35 -10.92 -3.54 -6.52
N ASP A 36 -9.62 -3.46 -6.32
CA ASP A 36 -9.07 -3.05 -5.03
C ASP A 36 -9.63 -1.69 -4.62
N MET A 37 -9.98 -0.87 -5.60
CA MET A 37 -10.52 0.45 -5.35
C MET A 37 -11.70 0.38 -4.38
N GLN A 38 -12.56 -0.61 -4.59
CA GLN A 38 -13.73 -0.79 -3.73
C GLN A 38 -13.33 -1.38 -2.38
N GLN A 39 -12.38 -2.32 -2.40
CA GLN A 39 -11.92 -2.96 -1.18
C GLN A 39 -11.27 -1.94 -0.24
N ALA A 40 -10.81 -0.83 -0.81
CA ALA A 40 -10.18 0.22 -0.02
C ALA A 40 -11.13 0.77 1.03
N MET A 41 -12.43 0.61 0.80
CA MET A 41 -13.44 1.08 1.73
C MET A 41 -13.53 0.17 2.95
N LEU A 42 -13.40 -1.13 2.73
CA LEU A 42 -13.48 -2.11 3.81
C LEU A 42 -12.19 -2.11 4.62
N THR A 43 -11.13 -1.55 4.04
CA THR A 43 -9.83 -1.49 4.72
C THR A 43 -9.40 -0.04 4.92
N ASN A 44 -10.13 0.67 5.77
CA ASN A 44 -9.81 2.07 6.06
C ASN A 44 -8.74 2.18 7.14
N LYS A 45 -8.50 3.40 7.60
CA LYS A 45 -7.48 3.63 8.63
C LYS A 45 -8.09 3.46 10.02
N ASP A 46 -7.26 3.03 10.97
CA ASP A 46 -7.70 2.83 12.34
C ASP A 46 -6.66 3.34 13.33
N GLU A 47 -7.08 3.56 14.57
CA GLU A 47 -6.20 4.05 15.61
C GLU A 47 -5.12 3.03 15.93
N LYS A 48 -5.52 1.77 16.04
CA LYS A 48 -4.58 0.69 16.33
C LYS A 48 -3.56 0.53 15.21
N VAL A 49 -3.99 0.80 13.99
CA VAL A 49 -3.10 0.70 12.83
C VAL A 49 -1.88 1.60 12.98
N LEU A 50 -2.05 2.69 13.72
CA LEU A 50 -0.95 3.63 13.95
C LEU A 50 0.14 3.00 14.81
N LYS A 51 -0.23 1.97 15.56
CA LYS A 51 0.73 1.27 16.43
C LYS A 51 1.69 0.43 15.61
N ALA A 52 1.17 -0.20 14.56
CA ALA A 52 1.98 -1.04 13.69
C ALA A 52 3.06 -0.23 12.98
N LEU A 53 2.68 0.95 12.49
CA LEU A 53 3.61 1.83 11.80
C LEU A 53 4.79 2.19 12.70
N GLU A 54 4.59 2.07 14.01
CA GLU A 54 5.64 2.39 14.96
C GLU A 54 6.80 1.41 14.85
N ARG A 55 6.48 0.13 14.68
CA ARG A 55 7.49 -0.90 14.56
C ARG A 55 8.11 -0.89 13.16
N THR A 56 7.32 -0.55 12.17
CA THR A 56 7.79 -0.49 10.79
C THR A 56 8.67 0.73 10.56
N ARG A 57 8.20 1.88 11.01
CA ARG A 57 8.95 3.12 10.86
C ARG A 57 10.36 2.99 11.42
N GLN A 58 10.52 2.10 12.39
CA GLN A 58 11.82 1.87 13.02
C GLN A 58 12.82 1.32 12.00
N LEU A 59 12.36 0.42 11.15
CA LEU A 59 13.21 -0.18 10.13
C LEU A 59 13.14 0.60 8.83
N ASP A 60 12.59 1.80 8.89
CA ASP A 60 12.46 2.67 7.72
C ASP A 60 11.53 2.03 6.68
N ILE A 61 10.24 2.05 6.97
CA ILE A 61 9.25 1.49 6.05
C ILE A 61 8.12 2.47 5.77
N PRO A 62 7.81 2.65 4.48
CA PRO A 62 6.74 3.57 4.05
C PRO A 62 5.35 3.07 4.42
N ASP A 63 4.50 3.98 4.86
CA ASP A 63 3.14 3.62 5.25
C ASP A 63 2.32 3.19 4.04
N GLU A 64 2.88 3.40 2.85
CA GLU A 64 2.20 3.02 1.62
C GLU A 64 2.26 1.51 1.39
N LYS A 65 3.35 0.90 1.84
CA LYS A 65 3.54 -0.53 1.69
C LYS A 65 3.16 -1.27 2.98
N THR A 66 3.35 -0.61 4.11
CA THR A 66 3.02 -1.19 5.40
C THR A 66 1.51 -1.29 5.59
N MET A 67 0.77 -0.36 5.00
CA MET A 67 -0.67 -0.35 5.10
C MET A 67 -1.26 -1.72 4.75
N PRO A 68 -1.00 -2.17 3.52
CA PRO A 68 -1.49 -3.47 3.03
C PRO A 68 -0.80 -4.64 3.71
N VAL A 69 0.31 -4.36 4.37
CA VAL A 69 1.08 -5.39 5.07
C VAL A 69 0.46 -5.72 6.42
N LEU A 70 0.32 -4.70 7.26
CA LEU A 70 -0.26 -4.88 8.58
C LEU A 70 -1.68 -5.44 8.49
N MET A 71 -2.47 -4.87 7.58
CA MET A 71 -3.84 -5.32 7.38
C MET A 71 -3.89 -6.80 7.02
N LYS A 72 -2.81 -7.30 6.43
CA LYS A 72 -2.72 -8.70 6.04
C LYS A 72 -2.71 -9.61 7.26
N LEU A 73 -2.17 -9.11 8.37
CA LEU A 73 -2.10 -9.87 9.60
C LEU A 73 -3.46 -9.94 10.28
N LEU A 74 -4.17 -8.82 10.29
CA LEU A 74 -5.49 -8.75 10.91
C LEU A 74 -6.49 -9.59 10.13
N GLU A 75 -6.20 -9.81 8.84
CA GLU A 75 -7.09 -10.60 7.98
C GLU A 75 -7.27 -12.01 8.55
N GLU A 76 -6.15 -12.69 8.78
CA GLU A 76 -6.19 -14.05 9.31
C GLU A 76 -6.46 -14.04 10.80
N ALA A 77 -6.03 -12.99 11.49
CA ALA A 77 -6.24 -12.87 12.92
C ALA A 77 -7.61 -12.29 13.23
N GLY A 78 -8.40 -12.06 12.18
CA GLY A 78 -9.73 -11.51 12.36
C GLY A 78 -9.72 -10.21 13.12
N GLY A 79 -8.59 -9.52 13.09
CA GLY A 79 -8.47 -8.25 13.80
C GLY A 79 -7.98 -8.43 15.22
N ASN A 80 -7.05 -9.35 15.41
CA ASN A 80 -6.51 -9.61 16.75
C ASN A 80 -5.02 -9.26 16.81
N TRP A 81 -4.72 -8.13 17.43
CA TRP A 81 -3.33 -7.67 17.56
C TRP A 81 -2.63 -8.41 18.69
N SER A 82 -3.41 -8.96 19.62
CA SER A 82 -2.85 -9.68 20.75
C SER A 82 -1.85 -10.74 20.28
N TYR A 83 -2.30 -11.60 19.37
CA TYR A 83 -1.45 -12.66 18.84
C TYR A 83 -0.46 -12.11 17.82
N ILE A 84 -0.93 -11.22 16.96
CA ILE A 84 -0.09 -10.61 15.94
C ILE A 84 1.10 -9.88 16.56
N LYS A 85 0.93 -9.44 17.80
CA LYS A 85 1.99 -8.74 18.51
C LYS A 85 2.77 -9.69 19.43
N LEU A 86 2.48 -10.98 19.30
CA LEU A 86 3.15 -12.00 20.10
C LEU A 86 4.65 -12.02 19.83
N ASP A 87 5.05 -11.42 18.70
CA ASP A 87 6.45 -11.36 18.32
C ASP A 87 6.83 -9.97 17.85
N ASN A 88 6.10 -8.96 18.33
CA ASN A 88 6.36 -7.57 17.95
C ASN A 88 6.04 -7.34 16.49
N TYR A 89 4.95 -7.95 16.03
CA TYR A 89 4.54 -7.80 14.63
C TYR A 89 5.60 -8.34 13.69
N THR A 90 6.20 -9.46 14.06
CA THR A 90 7.23 -10.09 13.24
C THR A 90 6.77 -10.27 11.81
N ALA A 91 5.48 -10.50 11.62
CA ALA A 91 4.90 -10.70 10.30
C ALA A 91 5.28 -9.54 9.37
N LEU A 92 5.35 -8.34 9.92
CA LEU A 92 5.71 -7.16 9.15
C LEU A 92 7.16 -7.22 8.69
N VAL A 93 8.01 -7.79 9.54
CA VAL A 93 9.43 -7.92 9.22
C VAL A 93 9.64 -8.80 7.99
N ASP A 94 9.02 -9.97 7.99
CA ASP A 94 9.14 -10.91 6.89
C ASP A 94 8.32 -10.43 5.68
N ALA A 95 7.23 -9.71 5.96
CA ALA A 95 6.37 -9.20 4.90
C ALA A 95 7.06 -8.06 4.15
N ILE A 96 7.45 -7.02 4.87
CA ILE A 96 8.11 -5.88 4.27
C ILE A 96 9.42 -6.30 3.58
N TYR A 97 10.11 -7.26 4.17
CA TYR A 97 11.37 -7.74 3.62
C TYR A 97 11.16 -8.32 2.22
N SER A 98 10.00 -8.94 2.01
CA SER A 98 9.68 -9.54 0.71
C SER A 98 9.29 -8.47 -0.29
N VAL A 99 8.30 -7.65 0.06
CA VAL A 99 7.83 -6.59 -0.81
C VAL A 99 8.96 -5.61 -1.15
N GLU A 100 9.61 -5.09 -0.10
CA GLU A 100 10.70 -4.15 -0.29
C GLU A 100 11.74 -4.70 -1.26
N ASP A 101 11.88 -6.02 -1.29
CA ASP A 101 12.83 -6.67 -2.17
C ASP A 101 12.43 -6.48 -3.64
N GLU A 102 11.19 -6.80 -3.94
CA GLU A 102 10.68 -6.68 -5.31
C GLU A 102 9.71 -5.49 -5.42
N ASN A 103 10.12 -4.48 -6.17
CA ASN A 103 9.29 -3.29 -6.36
C ASN A 103 8.89 -3.14 -7.82
N LYS A 104 9.80 -3.48 -8.72
CA LYS A 104 9.54 -3.38 -10.15
C LYS A 104 8.57 -4.47 -10.61
N GLN A 105 8.76 -5.68 -10.08
CA GLN A 105 7.90 -6.80 -10.43
C GLN A 105 6.94 -7.14 -9.28
N SER A 106 6.44 -6.11 -8.62
CA SER A 106 5.52 -6.30 -7.50
C SER A 106 5.06 -4.95 -6.95
N GLU A 107 3.78 -4.87 -6.61
CA GLU A 107 3.20 -3.63 -6.07
C GLU A 107 3.03 -3.74 -4.56
N GLY A 108 2.10 -4.60 -4.13
CA GLY A 108 1.85 -4.78 -2.71
C GLY A 108 0.44 -5.27 -2.43
N SER A 109 -0.53 -4.66 -3.09
CA SER A 109 -1.93 -5.04 -2.90
C SER A 109 -2.75 -4.76 -4.17
N MET A 1 -12.88 10.77 -70.61
CA MET A 1 -12.29 10.64 -69.28
C MET A 1 -12.30 9.18 -68.82
N GLY A 2 -11.91 8.28 -69.72
CA GLY A 2 -11.88 6.87 -69.39
C GLY A 2 -10.56 6.47 -68.74
N SER A 3 -9.47 6.61 -69.48
CA SER A 3 -8.16 6.24 -68.97
C SER A 3 -7.31 7.48 -68.70
N SER A 4 -7.10 7.78 -67.42
CA SER A 4 -6.32 8.94 -67.02
C SER A 4 -4.83 8.65 -67.10
N HIS A 5 -4.47 7.39 -66.88
CA HIS A 5 -3.07 6.97 -66.92
C HIS A 5 -2.96 5.48 -67.24
N HIS A 6 -1.90 5.11 -67.96
CA HIS A 6 -1.68 3.72 -68.33
C HIS A 6 -0.98 2.96 -67.20
N HIS A 7 -1.56 1.82 -66.82
CA HIS A 7 -1.00 1.00 -65.76
C HIS A 7 -0.13 -0.12 -66.33
N HIS A 8 1.05 -0.30 -65.75
CA HIS A 8 1.97 -1.34 -66.20
C HIS A 8 2.04 -2.47 -65.19
N HIS A 9 2.03 -3.70 -65.70
CA HIS A 9 2.09 -4.89 -64.84
C HIS A 9 3.48 -5.51 -64.87
N HIS A 10 4.20 -5.38 -63.77
CA HIS A 10 5.55 -5.94 -63.67
C HIS A 10 5.80 -6.52 -62.29
N SER A 11 6.46 -7.67 -62.24
CA SER A 11 6.76 -8.33 -60.98
C SER A 11 8.17 -8.92 -60.99
N SER A 12 8.87 -8.76 -59.87
CA SER A 12 10.24 -9.27 -59.75
C SER A 12 10.52 -9.73 -58.32
N GLY A 13 11.09 -10.92 -58.19
CA GLY A 13 11.42 -11.46 -56.89
C GLY A 13 12.81 -12.02 -56.82
N LEU A 14 13.79 -11.16 -56.53
CA LEU A 14 15.18 -11.57 -56.44
C LEU A 14 15.51 -12.03 -55.02
N VAL A 15 15.28 -11.15 -54.05
CA VAL A 15 15.56 -11.47 -52.65
C VAL A 15 14.91 -12.79 -52.25
N PRO A 16 15.47 -13.43 -51.21
CA PRO A 16 14.97 -14.70 -50.70
C PRO A 16 13.61 -14.57 -50.01
N ARG A 17 12.59 -15.20 -50.59
CA ARG A 17 11.25 -15.14 -50.03
C ARG A 17 11.21 -15.75 -48.63
N GLY A 18 10.79 -14.94 -47.65
CA GLY A 18 10.73 -15.42 -46.29
C GLY A 18 9.95 -14.48 -45.39
N SER A 19 9.36 -15.02 -44.33
CA SER A 19 8.58 -14.23 -43.39
C SER A 19 8.60 -14.85 -42.00
N HIS A 20 9.04 -14.08 -41.01
CA HIS A 20 9.10 -14.55 -39.64
C HIS A 20 7.74 -14.49 -38.97
N MET A 21 7.69 -14.81 -37.68
CA MET A 21 6.44 -14.80 -36.93
C MET A 21 6.56 -13.88 -35.72
N ILE A 22 5.57 -13.00 -35.55
CA ILE A 22 5.56 -12.07 -34.43
C ILE A 22 4.27 -12.17 -33.64
N SER A 23 4.35 -11.91 -32.33
CA SER A 23 3.19 -11.97 -31.46
C SER A 23 2.10 -11.01 -31.93
N LEU A 24 2.46 -9.73 -32.02
CA LEU A 24 1.52 -8.71 -32.45
C LEU A 24 0.29 -8.68 -31.55
N SER A 25 0.52 -8.85 -30.25
CA SER A 25 -0.57 -8.84 -29.28
C SER A 25 -0.10 -8.29 -27.94
N GLY A 26 -0.95 -7.49 -27.30
CA GLY A 26 -0.61 -6.90 -26.02
C GLY A 26 -0.28 -5.42 -26.14
N LEU A 27 -1.16 -4.67 -26.78
CA LEU A 27 -0.96 -3.23 -26.96
C LEU A 27 -2.18 -2.46 -26.47
N THR A 28 -3.06 -3.14 -25.74
CA THR A 28 -4.27 -2.51 -25.22
C THR A 28 -4.16 -2.28 -23.72
N SER A 29 -5.10 -1.52 -23.17
CA SER A 29 -5.11 -1.22 -21.74
C SER A 29 -6.53 -1.12 -21.21
N SER A 30 -6.67 -0.80 -19.93
CA SER A 30 -7.98 -0.67 -19.31
C SER A 30 -7.86 -0.02 -17.93
N VAL A 31 -9.00 0.11 -17.25
CA VAL A 31 -9.03 0.71 -15.93
C VAL A 31 -8.83 -0.34 -14.84
N GLU A 32 -7.82 -1.19 -15.01
CA GLU A 32 -7.53 -2.24 -14.05
C GLU A 32 -6.89 -1.65 -12.79
N SER A 33 -6.28 -0.49 -12.93
CA SER A 33 -5.62 0.17 -11.81
C SER A 33 -6.29 1.51 -11.50
N ASP A 34 -6.97 2.06 -12.49
CA ASP A 34 -7.65 3.34 -12.33
C ASP A 34 -8.74 3.23 -11.27
N LEU A 35 -9.52 2.15 -11.34
CA LEU A 35 -10.61 1.93 -10.39
C LEU A 35 -10.14 1.06 -9.23
N ASP A 36 -8.83 0.91 -9.09
CA ASP A 36 -8.26 0.10 -8.01
C ASP A 36 -8.13 0.92 -6.73
N MET A 37 -8.04 2.23 -6.89
CA MET A 37 -7.91 3.13 -5.74
C MET A 37 -9.08 2.97 -4.78
N GLN A 38 -10.19 2.45 -5.30
CA GLN A 38 -11.38 2.24 -4.48
C GLN A 38 -11.07 1.39 -3.26
N GLN A 39 -10.02 0.57 -3.36
CA GLN A 39 -9.62 -0.30 -2.27
C GLN A 39 -9.40 0.50 -0.99
N ALA A 40 -8.96 1.75 -1.14
CA ALA A 40 -8.71 2.61 0.00
C ALA A 40 -9.99 2.85 0.79
N MET A 41 -11.13 2.69 0.14
CA MET A 41 -12.42 2.88 0.78
C MET A 41 -12.81 1.67 1.61
N LEU A 42 -12.42 0.48 1.14
CA LEU A 42 -12.71 -0.75 1.85
C LEU A 42 -11.72 -1.00 2.98
N THR A 43 -10.70 -0.15 3.05
CA THR A 43 -9.67 -0.27 4.08
C THR A 43 -9.47 1.05 4.82
N ASN A 44 -10.57 1.62 5.31
CA ASN A 44 -10.50 2.89 6.03
C ASN A 44 -9.46 2.83 7.15
N LYS A 45 -8.44 3.68 7.05
CA LYS A 45 -7.39 3.72 8.05
C LYS A 45 -7.97 3.87 9.45
N ASP A 46 -7.27 3.31 10.44
CA ASP A 46 -7.72 3.37 11.82
C ASP A 46 -6.59 3.82 12.75
N GLU A 47 -6.95 4.25 13.95
CA GLU A 47 -5.96 4.71 14.92
C GLU A 47 -5.14 3.53 15.45
N LYS A 48 -5.82 2.43 15.74
CA LYS A 48 -5.16 1.24 16.26
C LYS A 48 -4.14 0.70 15.26
N VAL A 49 -4.42 0.89 13.97
CA VAL A 49 -3.52 0.44 12.92
C VAL A 49 -2.17 1.13 13.01
N LEU A 50 -2.16 2.37 13.49
CA LEU A 50 -0.94 3.14 13.64
C LEU A 50 0.06 2.41 14.52
N LYS A 51 -0.46 1.67 15.50
CA LYS A 51 0.38 0.92 16.43
C LYS A 51 1.39 0.07 15.66
N ALA A 52 0.98 -0.43 14.51
CA ALA A 52 1.85 -1.26 13.68
C ALA A 52 2.95 -0.43 13.02
N LEU A 53 2.56 0.74 12.53
CA LEU A 53 3.52 1.64 11.86
C LEU A 53 4.64 2.03 12.82
N GLU A 54 4.39 1.89 14.11
CA GLU A 54 5.38 2.24 15.12
C GLU A 54 6.59 1.31 15.04
N ARG A 55 6.33 0.03 14.81
CA ARG A 55 7.39 -0.96 14.71
C ARG A 55 8.08 -0.88 13.34
N THR A 56 7.31 -0.54 12.32
CA THR A 56 7.84 -0.43 10.97
C THR A 56 8.68 0.83 10.80
N ARG A 57 8.17 1.94 11.34
CA ARG A 57 8.88 3.22 11.25
C ARG A 57 10.28 3.10 11.85
N GLN A 58 10.45 2.16 12.77
CA GLN A 58 11.74 1.96 13.42
C GLN A 58 12.78 1.46 12.42
N LEU A 59 12.36 0.58 11.52
CA LEU A 59 13.26 0.04 10.50
C LEU A 59 13.18 0.86 9.22
N ASP A 60 12.58 2.04 9.31
CA ASP A 60 12.46 2.92 8.15
C ASP A 60 11.57 2.29 7.09
N ILE A 61 10.27 2.26 7.34
CA ILE A 61 9.31 1.70 6.40
C ILE A 61 8.16 2.65 6.13
N PRO A 62 7.85 2.86 4.84
CA PRO A 62 6.76 3.75 4.42
C PRO A 62 5.39 3.18 4.76
N ASP A 63 4.49 4.05 5.24
CA ASP A 63 3.15 3.63 5.60
C ASP A 63 2.35 3.22 4.36
N GLU A 64 2.91 3.50 3.18
CA GLU A 64 2.25 3.17 1.93
C GLU A 64 2.35 1.67 1.64
N LYS A 65 3.50 1.08 1.98
CA LYS A 65 3.73 -0.34 1.78
C LYS A 65 3.32 -1.15 3.00
N THR A 66 3.44 -0.53 4.17
CA THR A 66 3.08 -1.20 5.42
C THR A 66 1.58 -1.27 5.59
N MET A 67 0.87 -0.29 5.03
CA MET A 67 -0.58 -0.26 5.12
C MET A 67 -1.19 -1.60 4.73
N PRO A 68 -0.91 -2.03 3.49
CA PRO A 68 -1.42 -3.31 2.97
C PRO A 68 -0.77 -4.51 3.65
N VAL A 69 0.31 -4.26 4.37
CA VAL A 69 1.03 -5.32 5.07
C VAL A 69 0.35 -5.67 6.39
N LEU A 70 0.19 -4.67 7.25
CA LEU A 70 -0.43 -4.87 8.55
C LEU A 70 -1.85 -5.41 8.39
N MET A 71 -2.59 -4.85 7.44
CA MET A 71 -3.96 -5.29 7.18
C MET A 71 -4.00 -6.75 6.78
N LYS A 72 -2.87 -7.26 6.28
CA LYS A 72 -2.77 -8.65 5.86
C LYS A 72 -2.72 -9.58 7.07
N LEU A 73 -2.17 -9.08 8.17
CA LEU A 73 -2.05 -9.87 9.39
C LEU A 73 -3.39 -9.96 10.10
N LEU A 74 -4.02 -8.80 10.32
CA LEU A 74 -5.32 -8.75 10.99
C LEU A 74 -6.36 -9.54 10.22
N GLU A 75 -6.13 -9.71 8.92
CA GLU A 75 -7.06 -10.43 8.06
C GLU A 75 -7.25 -11.87 8.57
N GLU A 76 -6.13 -12.57 8.74
CA GLU A 76 -6.18 -13.95 9.21
C GLU A 76 -6.43 -14.00 10.72
N ALA A 77 -5.97 -12.97 11.42
CA ALA A 77 -6.14 -12.90 12.87
C ALA A 77 -7.50 -12.33 13.23
N GLY A 78 -8.32 -12.08 12.21
CA GLY A 78 -9.64 -11.52 12.43
C GLY A 78 -9.61 -10.23 13.24
N GLY A 79 -8.47 -9.55 13.20
CA GLY A 79 -8.33 -8.30 13.93
C GLY A 79 -7.82 -8.51 15.34
N ASN A 80 -6.85 -9.43 15.49
CA ASN A 80 -6.28 -9.73 16.79
C ASN A 80 -4.79 -9.35 16.83
N TRP A 81 -4.49 -8.25 17.53
CA TRP A 81 -3.11 -7.79 17.64
C TRP A 81 -2.38 -8.51 18.77
N SER A 82 -3.15 -9.10 19.68
CA SER A 82 -2.57 -9.82 20.81
C SER A 82 -1.58 -10.87 20.33
N TYR A 83 -1.99 -11.65 19.34
CA TYR A 83 -1.13 -12.70 18.79
C TYR A 83 -0.15 -12.12 17.77
N ILE A 84 -0.66 -11.23 16.92
CA ILE A 84 0.18 -10.60 15.90
C ILE A 84 1.35 -9.86 16.52
N LYS A 85 1.18 -9.43 17.77
CA LYS A 85 2.23 -8.71 18.48
C LYS A 85 3.01 -9.65 19.40
N LEU A 86 2.72 -10.95 19.29
CA LEU A 86 3.40 -11.95 20.10
C LEU A 86 4.89 -11.98 19.80
N ASP A 87 5.28 -11.39 18.68
CA ASP A 87 6.68 -11.35 18.28
C ASP A 87 7.06 -9.96 17.79
N ASN A 88 6.36 -8.94 18.29
CA ASN A 88 6.63 -7.57 17.91
C ASN A 88 6.29 -7.33 16.43
N TYR A 89 5.17 -7.91 16.00
CA TYR A 89 4.74 -7.77 14.61
C TYR A 89 5.78 -8.35 13.65
N THR A 90 6.35 -9.48 14.03
CA THR A 90 7.37 -10.13 13.21
C THR A 90 6.87 -10.32 11.78
N ALA A 91 5.56 -10.49 11.62
CA ALA A 91 4.95 -10.67 10.31
C ALA A 91 5.33 -9.54 9.37
N LEU A 92 5.45 -8.33 9.92
CA LEU A 92 5.80 -7.16 9.13
C LEU A 92 7.24 -7.24 8.64
N VAL A 93 8.11 -7.84 9.46
CA VAL A 93 9.52 -7.99 9.11
C VAL A 93 9.68 -8.86 7.86
N ASP A 94 9.03 -10.02 7.87
CA ASP A 94 9.11 -10.94 6.74
C ASP A 94 8.26 -10.44 5.58
N ALA A 95 7.19 -9.72 5.90
CA ALA A 95 6.29 -9.19 4.89
C ALA A 95 6.95 -8.07 4.10
N ILE A 96 7.40 -7.04 4.82
CA ILE A 96 8.05 -5.90 4.18
C ILE A 96 9.29 -6.34 3.41
N TYR A 97 10.10 -7.17 4.04
CA TYR A 97 11.33 -7.67 3.42
C TYR A 97 11.01 -8.44 2.14
N SER A 98 9.86 -9.08 2.12
CA SER A 98 9.43 -9.86 0.97
C SER A 98 8.94 -8.94 -0.16
N VAL A 99 7.98 -8.10 0.16
CA VAL A 99 7.42 -7.16 -0.82
C VAL A 99 8.48 -6.19 -1.31
N GLU A 100 9.14 -5.52 -0.39
CA GLU A 100 10.18 -4.56 -0.73
C GLU A 100 11.20 -5.18 -1.69
N ASP A 101 11.40 -6.48 -1.56
CA ASP A 101 12.34 -7.20 -2.42
C ASP A 101 11.96 -7.05 -3.88
N GLU A 102 10.70 -7.33 -4.20
CA GLU A 102 10.21 -7.23 -5.57
C GLU A 102 9.09 -6.22 -5.67
N ASN A 103 9.29 -5.19 -6.49
CA ASN A 103 8.29 -4.15 -6.68
C ASN A 103 7.79 -4.12 -8.12
N LYS A 104 8.72 -4.16 -9.07
CA LYS A 104 8.38 -4.15 -10.48
C LYS A 104 7.91 -5.52 -10.95
N GLN A 105 8.34 -6.56 -10.22
CA GLN A 105 7.96 -7.93 -10.56
C GLN A 105 6.44 -8.09 -10.55
N SER A 106 5.83 -8.04 -11.73
CA SER A 106 4.39 -8.18 -11.86
C SER A 106 4.03 -9.23 -12.90
N GLU A 107 3.27 -10.23 -12.48
CA GLU A 107 2.85 -11.30 -13.38
C GLU A 107 1.33 -11.37 -13.48
N GLY A 108 0.71 -10.22 -13.73
CA GLY A 108 -0.74 -10.18 -13.84
C GLY A 108 -1.32 -8.87 -13.35
N SER A 109 -2.43 -8.95 -12.63
CA SER A 109 -3.10 -7.76 -12.11
C SER A 109 -2.22 -7.08 -11.05
N MET A 1 -26.66 -21.68 3.60
CA MET A 1 -27.49 -21.61 2.40
C MET A 1 -26.87 -20.67 1.37
N GLY A 2 -26.57 -21.21 0.19
CA GLY A 2 -25.97 -20.41 -0.86
C GLY A 2 -24.98 -21.18 -1.70
N SER A 3 -24.38 -20.51 -2.68
CA SER A 3 -23.41 -21.14 -3.56
C SER A 3 -22.11 -20.33 -3.61
N SER A 4 -20.99 -21.04 -3.69
CA SER A 4 -19.68 -20.38 -3.75
C SER A 4 -18.79 -21.05 -4.79
N HIS A 5 -18.25 -20.24 -5.70
CA HIS A 5 -17.38 -20.74 -6.75
C HIS A 5 -16.04 -21.19 -6.18
N HIS A 6 -15.29 -21.96 -6.96
CA HIS A 6 -13.99 -22.44 -6.53
C HIS A 6 -12.87 -21.67 -7.22
N HIS A 7 -11.63 -21.94 -6.81
CA HIS A 7 -10.47 -21.27 -7.39
C HIS A 7 -9.23 -22.17 -7.32
N HIS A 8 -8.11 -21.65 -7.79
CA HIS A 8 -6.86 -22.40 -7.78
C HIS A 8 -5.65 -21.46 -7.70
N HIS A 9 -4.77 -21.72 -6.75
CA HIS A 9 -3.58 -20.90 -6.56
C HIS A 9 -2.44 -21.72 -5.94
N HIS A 10 -1.22 -21.45 -6.38
CA HIS A 10 -0.05 -22.15 -5.88
C HIS A 10 1.24 -21.44 -6.27
N SER A 11 2.09 -21.16 -5.29
CA SER A 11 3.35 -20.48 -5.55
C SER A 11 4.53 -21.33 -5.09
N SER A 12 5.62 -21.28 -5.85
CA SER A 12 6.81 -22.05 -5.51
C SER A 12 8.03 -21.50 -6.26
N GLY A 13 9.09 -21.19 -5.53
CA GLY A 13 10.30 -20.67 -6.14
C GLY A 13 11.23 -20.05 -5.12
N LEU A 14 12.51 -19.97 -5.47
CA LEU A 14 13.52 -19.39 -4.59
C LEU A 14 14.30 -18.29 -5.29
N VAL A 15 14.97 -17.45 -4.51
CA VAL A 15 15.76 -16.36 -5.06
C VAL A 15 16.94 -16.02 -4.15
N PRO A 16 17.98 -15.41 -4.74
CA PRO A 16 19.19 -15.03 -4.00
C PRO A 16 18.93 -13.87 -3.05
N ARG A 17 20.00 -13.38 -2.41
CA ARG A 17 19.89 -12.27 -1.47
C ARG A 17 21.04 -11.30 -1.65
N GLY A 18 20.84 -10.06 -1.19
CA GLY A 18 21.88 -9.05 -1.30
C GLY A 18 21.35 -7.65 -1.06
N SER A 19 22.20 -6.77 -0.55
CA SER A 19 21.82 -5.40 -0.26
C SER A 19 21.90 -4.54 -1.52
N HIS A 20 21.03 -4.82 -2.48
CA HIS A 20 20.99 -4.07 -3.73
C HIS A 20 19.80 -3.11 -3.75
N MET A 21 20.05 -1.87 -3.34
CA MET A 21 19.00 -0.86 -3.32
C MET A 21 19.11 0.05 -4.54
N ILE A 22 17.95 0.54 -5.01
CA ILE A 22 17.92 1.43 -6.16
C ILE A 22 16.52 1.98 -6.38
N SER A 23 16.44 3.20 -6.90
CA SER A 23 15.16 3.85 -7.16
C SER A 23 14.52 3.29 -8.43
N LEU A 24 14.24 2.00 -8.43
CA LEU A 24 13.63 1.33 -9.58
C LEU A 24 12.11 1.29 -9.43
N SER A 25 11.52 2.42 -9.04
CA SER A 25 10.07 2.51 -8.85
C SER A 25 9.34 2.08 -10.13
N GLY A 26 8.50 1.05 -9.99
CA GLY A 26 7.75 0.56 -11.13
C GLY A 26 7.90 -0.94 -11.32
N LEU A 27 6.91 -1.68 -10.83
CA LEU A 27 6.93 -3.14 -10.95
C LEU A 27 5.87 -3.62 -11.93
N THR A 28 5.01 -2.71 -12.36
CA THR A 28 3.95 -3.04 -13.31
C THR A 28 3.43 -1.80 -14.02
N SER A 29 2.52 -1.99 -14.95
CA SER A 29 1.94 -0.89 -15.71
C SER A 29 0.41 -1.03 -15.80
N SER A 30 -0.18 -1.56 -14.75
CA SER A 30 -1.64 -1.75 -14.72
C SER A 30 -2.28 -0.88 -13.65
N VAL A 31 -3.56 -1.09 -13.41
CA VAL A 31 -4.30 -0.32 -12.42
C VAL A 31 -4.27 -1.01 -11.06
N GLU A 32 -3.08 -1.44 -10.64
CA GLU A 32 -2.92 -2.11 -9.36
C GLU A 32 -2.95 -1.10 -8.21
N SER A 33 -2.63 0.16 -8.52
CA SER A 33 -2.61 1.21 -7.52
C SER A 33 -3.68 2.26 -7.82
N ASP A 34 -4.07 2.34 -9.08
CA ASP A 34 -5.08 3.30 -9.50
C ASP A 34 -6.38 3.10 -8.73
N LEU A 35 -6.62 1.87 -8.30
CA LEU A 35 -7.84 1.54 -7.55
C LEU A 35 -7.56 1.58 -6.05
N ASP A 36 -6.45 2.20 -5.67
CA ASP A 36 -6.09 2.31 -4.26
C ASP A 36 -7.21 2.96 -3.46
N MET A 37 -7.76 4.05 -3.98
CA MET A 37 -8.85 4.76 -3.31
C MET A 37 -9.99 3.81 -2.98
N GLN A 38 -10.27 2.88 -3.90
CA GLN A 38 -11.35 1.92 -3.72
C GLN A 38 -10.98 0.90 -2.64
N GLN A 39 -9.68 0.70 -2.44
CA GLN A 39 -9.21 -0.24 -1.44
C GLN A 39 -9.06 0.42 -0.08
N ALA A 40 -8.90 1.74 -0.09
CA ALA A 40 -8.75 2.49 1.15
C ALA A 40 -10.00 2.36 2.03
N MET A 41 -11.13 2.06 1.39
CA MET A 41 -12.39 1.91 2.11
C MET A 41 -12.44 0.58 2.85
N LEU A 42 -11.95 -0.47 2.19
CA LEU A 42 -11.93 -1.81 2.78
C LEU A 42 -10.86 -1.91 3.86
N THR A 43 -9.93 -0.96 3.86
CA THR A 43 -8.85 -0.95 4.84
C THR A 43 -8.88 0.33 5.67
N ASN A 44 -10.06 0.67 6.16
CA ASN A 44 -10.22 1.87 6.98
C ASN A 44 -9.21 1.90 8.12
N LYS A 45 -8.32 2.88 8.10
CA LYS A 45 -7.31 3.02 9.13
C LYS A 45 -7.94 3.13 10.52
N ASP A 46 -7.15 2.92 11.56
CA ASP A 46 -7.63 2.99 12.93
C ASP A 46 -6.53 3.48 13.87
N GLU A 47 -6.92 3.79 15.11
CA GLU A 47 -5.97 4.28 16.10
C GLU A 47 -4.89 3.23 16.39
N LYS A 48 -5.32 1.98 16.52
CA LYS A 48 -4.41 0.89 16.80
C LYS A 48 -3.51 0.61 15.60
N VAL A 49 -4.04 0.83 14.41
CA VAL A 49 -3.28 0.60 13.17
C VAL A 49 -2.02 1.46 13.15
N LEU A 50 -2.09 2.61 13.79
CA LEU A 50 -0.95 3.53 13.85
C LEU A 50 0.19 2.95 14.66
N LYS A 51 -0.16 2.05 15.59
CA LYS A 51 0.84 1.41 16.44
C LYS A 51 1.80 0.55 15.62
N ALA A 52 1.25 -0.12 14.61
CA ALA A 52 2.05 -0.97 13.74
C ALA A 52 3.10 -0.16 13.00
N LEU A 53 2.69 0.99 12.48
CA LEU A 53 3.60 1.87 11.73
C LEU A 53 4.79 2.28 12.60
N GLU A 54 4.61 2.19 13.92
CA GLU A 54 5.67 2.56 14.85
C GLU A 54 6.84 1.59 14.75
N ARG A 55 6.53 0.31 14.58
CA ARG A 55 7.55 -0.71 14.47
C ARG A 55 8.21 -0.70 13.08
N THR A 56 7.41 -0.39 12.08
CA THR A 56 7.90 -0.34 10.70
C THR A 56 8.73 0.92 10.46
N ARG A 57 8.23 2.05 10.94
CA ARG A 57 8.92 3.32 10.77
C ARG A 57 10.35 3.24 11.31
N GLN A 58 10.56 2.35 12.27
CA GLN A 58 11.87 2.17 12.87
C GLN A 58 12.88 1.65 11.85
N LEU A 59 12.42 0.74 11.00
CA LEU A 59 13.28 0.16 9.97
C LEU A 59 13.14 0.92 8.65
N ASP A 60 12.52 2.10 8.72
CA ASP A 60 12.33 2.93 7.54
C ASP A 60 11.43 2.24 6.53
N ILE A 61 10.13 2.21 6.82
CA ILE A 61 9.16 1.58 5.93
C ILE A 61 7.99 2.51 5.65
N PRO A 62 7.65 2.65 4.36
CA PRO A 62 6.54 3.51 3.92
C PRO A 62 5.18 2.95 4.32
N ASP A 63 4.29 3.83 4.76
CA ASP A 63 2.95 3.43 5.17
C ASP A 63 2.14 2.92 3.98
N GLU A 64 2.67 3.14 2.78
CA GLU A 64 2.00 2.70 1.56
C GLU A 64 2.13 1.19 1.38
N LYS A 65 3.25 0.65 1.83
CA LYS A 65 3.50 -0.79 1.71
C LYS A 65 3.19 -1.50 3.02
N THR A 66 3.33 -0.79 4.14
CA THR A 66 3.06 -1.36 5.45
C THR A 66 1.56 -1.49 5.69
N MET A 67 0.78 -0.60 5.09
CA MET A 67 -0.67 -0.62 5.23
C MET A 67 -1.22 -2.02 4.92
N PRO A 68 -0.97 -2.49 3.70
CA PRO A 68 -1.43 -3.80 3.25
C PRO A 68 -0.70 -4.95 3.95
N VAL A 69 0.41 -4.62 4.60
CA VAL A 69 1.20 -5.62 5.31
C VAL A 69 0.60 -5.91 6.68
N LEU A 70 0.29 -4.86 7.42
CA LEU A 70 -0.30 -5.01 8.75
C LEU A 70 -1.73 -5.53 8.66
N MET A 71 -2.47 -5.07 7.66
CA MET A 71 -3.85 -5.50 7.46
C MET A 71 -3.90 -6.95 7.01
N LYS A 72 -2.81 -7.44 6.42
CA LYS A 72 -2.74 -8.81 5.94
C LYS A 72 -2.86 -9.79 7.10
N LEU A 73 -2.39 -9.38 8.27
CA LEU A 73 -2.43 -10.23 9.46
C LEU A 73 -3.80 -10.13 10.14
N LEU A 74 -4.29 -8.91 10.28
CA LEU A 74 -5.59 -8.67 10.92
C LEU A 74 -6.72 -9.18 10.03
N GLU A 75 -6.46 -9.27 8.73
CA GLU A 75 -7.47 -9.74 7.79
C GLU A 75 -7.76 -11.22 8.00
N GLU A 76 -6.71 -12.03 8.03
CA GLU A 76 -6.86 -13.47 8.23
C GLU A 76 -7.13 -13.79 9.70
N ALA A 77 -6.45 -13.09 10.59
CA ALA A 77 -6.62 -13.29 12.02
C ALA A 77 -7.94 -12.71 12.51
N GLY A 78 -8.55 -11.86 11.68
CA GLY A 78 -9.81 -11.25 12.05
C GLY A 78 -9.61 -9.94 12.78
N GLY A 79 -8.38 -9.64 13.15
CA GLY A 79 -8.08 -8.41 13.87
C GLY A 79 -7.66 -8.66 15.30
N ASN A 80 -6.71 -9.58 15.49
CA ASN A 80 -6.23 -9.91 16.82
C ASN A 80 -4.80 -9.41 17.02
N TRP A 81 -4.65 -8.29 17.72
CA TRP A 81 -3.34 -7.72 17.98
C TRP A 81 -2.57 -8.55 19.00
N SER A 82 -3.30 -9.22 19.88
CA SER A 82 -2.69 -10.06 20.92
C SER A 82 -1.74 -11.07 20.29
N TYR A 83 -2.19 -11.71 19.21
CA TYR A 83 -1.37 -12.71 18.53
C TYR A 83 -0.46 -12.05 17.50
N ILE A 84 -1.00 -11.08 16.76
CA ILE A 84 -0.24 -10.37 15.75
C ILE A 84 0.96 -9.66 16.36
N LYS A 85 0.83 -9.29 17.64
CA LYS A 85 1.91 -8.60 18.34
C LYS A 85 2.69 -9.57 19.21
N LEU A 86 2.34 -10.84 19.16
CA LEU A 86 3.01 -11.87 19.94
C LEU A 86 4.52 -11.80 19.74
N ASP A 87 4.94 -11.35 18.56
CA ASP A 87 6.36 -11.23 18.25
C ASP A 87 6.70 -9.81 17.83
N ASN A 88 5.94 -8.85 18.34
CA ASN A 88 6.17 -7.44 18.03
C ASN A 88 5.91 -7.18 16.55
N TYR A 89 4.85 -7.77 16.01
CA TYR A 89 4.50 -7.60 14.61
C TYR A 89 5.60 -8.14 13.70
N THR A 90 6.19 -9.26 14.11
CA THR A 90 7.25 -9.89 13.33
C THR A 90 6.82 -10.11 11.88
N ALA A 91 5.53 -10.37 11.69
CA ALA A 91 4.99 -10.60 10.35
C ALA A 91 5.39 -9.47 9.40
N LEU A 92 5.45 -8.25 9.93
CA LEU A 92 5.82 -7.09 9.14
C LEU A 92 7.29 -7.15 8.71
N VAL A 93 8.12 -7.72 9.58
CA VAL A 93 9.54 -7.85 9.30
C VAL A 93 9.78 -8.76 8.10
N ASP A 94 9.15 -9.93 8.12
CA ASP A 94 9.30 -10.90 7.04
C ASP A 94 8.50 -10.46 5.81
N ALA A 95 7.41 -9.74 6.05
CA ALA A 95 6.55 -9.26 4.97
C ALA A 95 7.23 -8.13 4.20
N ILE A 96 7.59 -7.06 4.91
CA ILE A 96 8.24 -5.92 4.30
C ILE A 96 9.54 -6.33 3.62
N TYR A 97 10.28 -7.23 4.26
CA TYR A 97 11.55 -7.70 3.72
C TYR A 97 11.35 -8.37 2.36
N SER A 98 10.20 -9.01 2.18
CA SER A 98 9.88 -9.69 0.93
C SER A 98 9.48 -8.68 -0.14
N VAL A 99 8.48 -7.86 0.18
CA VAL A 99 7.99 -6.85 -0.77
C VAL A 99 9.09 -5.87 -1.13
N GLU A 100 9.71 -5.27 -0.11
CA GLU A 100 10.78 -4.31 -0.33
C GLU A 100 11.84 -4.88 -1.27
N ASP A 101 12.02 -6.18 -1.23
CA ASP A 101 13.01 -6.85 -2.08
C ASP A 101 12.35 -7.38 -3.35
N GLU A 102 13.13 -8.12 -4.13
CA GLU A 102 12.62 -8.69 -5.38
C GLU A 102 11.67 -7.73 -6.07
N ASN A 103 12.20 -6.59 -6.52
CA ASN A 103 11.39 -5.58 -7.19
C ASN A 103 11.35 -5.84 -8.69
N LYS A 104 12.37 -6.51 -9.20
CA LYS A 104 12.45 -6.82 -10.63
C LYS A 104 12.42 -8.34 -10.85
N GLN A 105 12.89 -9.08 -9.86
CA GLN A 105 12.92 -10.54 -9.95
C GLN A 105 11.60 -11.14 -9.50
N SER A 106 10.57 -10.98 -10.34
CA SER A 106 9.25 -11.50 -10.03
C SER A 106 8.65 -12.23 -11.22
N GLU A 107 9.12 -13.46 -11.45
CA GLU A 107 8.65 -14.28 -12.56
C GLU A 107 8.67 -13.47 -13.87
N GLY A 108 9.79 -12.80 -14.12
CA GLY A 108 9.91 -12.00 -15.32
C GLY A 108 10.67 -12.72 -16.42
N SER A 109 10.67 -12.16 -17.62
CA SER A 109 11.35 -12.76 -18.76
C SER A 109 10.85 -14.18 -19.02
N MET A 1 25.48 48.76 -26.60
CA MET A 1 24.08 48.55 -26.27
C MET A 1 23.33 47.95 -27.46
N GLY A 2 22.35 47.09 -27.16
CA GLY A 2 21.58 46.46 -28.21
C GLY A 2 21.01 45.12 -27.79
N SER A 3 19.84 44.79 -28.31
CA SER A 3 19.18 43.53 -27.98
C SER A 3 20.12 42.35 -28.20
N SER A 4 20.39 41.61 -27.13
CA SER A 4 21.28 40.46 -27.20
C SER A 4 21.20 39.64 -25.92
N HIS A 5 20.98 38.33 -26.07
CA HIS A 5 20.88 37.43 -24.93
C HIS A 5 19.81 37.91 -23.96
N HIS A 6 18.61 38.14 -24.48
CA HIS A 6 17.49 38.59 -23.65
C HIS A 6 16.78 37.41 -23.00
N HIS A 7 16.87 36.24 -23.63
CA HIS A 7 16.24 35.04 -23.11
C HIS A 7 14.73 35.21 -23.04
N HIS A 8 14.14 35.70 -24.12
CA HIS A 8 12.69 35.92 -24.17
C HIS A 8 12.18 35.78 -25.61
N HIS A 9 10.99 35.21 -25.75
CA HIS A 9 10.39 35.02 -27.06
C HIS A 9 8.92 35.46 -27.06
N HIS A 10 8.45 35.91 -28.21
CA HIS A 10 7.06 36.37 -28.33
C HIS A 10 6.12 35.18 -28.41
N SER A 11 5.46 34.87 -27.29
CA SER A 11 4.53 33.75 -27.23
C SER A 11 3.16 34.16 -27.75
N SER A 12 2.39 33.18 -28.24
CA SER A 12 1.07 33.45 -28.76
C SER A 12 0.14 32.26 -28.52
N GLY A 13 -1.15 32.54 -28.37
CA GLY A 13 -2.12 31.49 -28.13
C GLY A 13 -2.22 30.52 -29.30
N LEU A 14 -1.78 29.28 -29.07
CA LEU A 14 -1.81 28.26 -30.11
C LEU A 14 -3.24 27.79 -30.36
N VAL A 15 -3.64 27.80 -31.63
CA VAL A 15 -4.99 27.37 -32.00
C VAL A 15 -4.95 26.38 -33.16
N PRO A 16 -6.00 25.56 -33.28
CA PRO A 16 -6.11 24.55 -34.33
C PRO A 16 -6.32 25.17 -35.71
N ARG A 17 -5.42 24.85 -36.63
CA ARG A 17 -5.50 25.38 -37.99
C ARG A 17 -5.48 24.25 -39.02
N GLY A 18 -6.56 23.48 -39.07
CA GLY A 18 -6.65 22.38 -40.00
C GLY A 18 -7.67 21.33 -39.59
N SER A 19 -7.93 20.38 -40.47
CA SER A 19 -8.90 19.32 -40.19
C SER A 19 -8.20 18.05 -39.74
N HIS A 20 -8.99 17.05 -39.35
CA HIS A 20 -8.44 15.77 -38.91
C HIS A 20 -7.58 15.97 -37.66
N MET A 21 -8.00 16.86 -36.78
CA MET A 21 -7.26 17.14 -35.55
C MET A 21 -8.05 16.66 -34.33
N ILE A 22 -7.54 15.62 -33.68
CA ILE A 22 -8.19 15.06 -32.49
C ILE A 22 -7.18 14.80 -31.39
N SER A 23 -7.55 15.14 -30.16
CA SER A 23 -6.68 14.93 -29.01
C SER A 23 -6.70 13.48 -28.56
N LEU A 24 -6.25 12.59 -29.43
CA LEU A 24 -6.22 11.17 -29.12
C LEU A 24 -5.50 10.91 -27.80
N SER A 25 -4.51 11.74 -27.50
CA SER A 25 -3.74 11.60 -26.27
C SER A 25 -4.61 11.95 -25.06
N GLY A 26 -4.31 11.30 -23.93
CA GLY A 26 -5.05 11.55 -22.71
C GLY A 26 -4.69 10.60 -21.59
N LEU A 27 -4.51 9.33 -21.93
CA LEU A 27 -4.16 8.32 -20.95
C LEU A 27 -2.68 7.93 -21.08
N THR A 28 -1.94 8.71 -21.85
CA THR A 28 -0.52 8.44 -22.06
C THR A 28 0.32 9.02 -20.93
N SER A 29 0.81 8.15 -20.05
CA SER A 29 1.63 8.58 -18.92
C SER A 29 0.89 9.62 -18.09
N SER A 30 -0.38 9.36 -17.82
CA SER A 30 -1.20 10.28 -17.03
C SER A 30 -1.88 9.55 -15.88
N VAL A 31 -1.79 10.13 -14.69
CA VAL A 31 -2.40 9.53 -13.50
C VAL A 31 -2.29 8.01 -13.53
N GLU A 32 -1.11 7.51 -13.90
CA GLU A 32 -0.88 6.08 -13.97
C GLU A 32 -0.77 5.47 -12.58
N SER A 33 -0.37 6.30 -11.61
CA SER A 33 -0.21 5.85 -10.23
C SER A 33 -1.20 6.57 -9.31
N ASP A 34 -1.61 7.77 -9.72
CA ASP A 34 -2.54 8.56 -8.94
C ASP A 34 -3.82 7.79 -8.66
N LEU A 35 -4.13 6.82 -9.53
CA LEU A 35 -5.33 6.00 -9.37
C LEU A 35 -5.37 5.38 -7.98
N ASP A 36 -4.20 5.04 -7.45
CA ASP A 36 -4.12 4.44 -6.13
C ASP A 36 -4.81 5.31 -5.08
N MET A 37 -4.88 6.61 -5.34
CA MET A 37 -5.52 7.54 -4.43
C MET A 37 -6.95 7.12 -4.13
N GLN A 38 -7.58 6.45 -5.09
CA GLN A 38 -8.95 5.98 -4.92
C GLN A 38 -9.00 4.74 -4.03
N GLN A 39 -7.91 3.98 -4.01
CA GLN A 39 -7.83 2.77 -3.21
C GLN A 39 -7.63 3.11 -1.73
N ALA A 40 -7.10 4.29 -1.46
CA ALA A 40 -6.87 4.74 -0.09
C ALA A 40 -8.18 4.89 0.66
N MET A 41 -9.27 5.09 -0.08
CA MET A 41 -10.58 5.24 0.53
C MET A 41 -11.15 3.89 0.96
N LEU A 42 -11.00 2.89 0.09
CA LEU A 42 -11.50 1.55 0.39
C LEU A 42 -10.68 0.91 1.50
N THR A 43 -9.48 1.43 1.73
CA THR A 43 -8.60 0.91 2.77
C THR A 43 -8.39 1.93 3.88
N ASN A 44 -9.47 2.59 4.29
CA ASN A 44 -9.40 3.59 5.35
C ASN A 44 -8.69 3.04 6.58
N LYS A 45 -7.56 3.65 6.93
CA LYS A 45 -6.79 3.23 8.09
C LYS A 45 -7.51 3.57 9.38
N ASP A 46 -6.96 3.12 10.50
CA ASP A 46 -7.55 3.37 11.81
C ASP A 46 -6.50 3.86 12.80
N GLU A 47 -6.94 4.20 14.01
CA GLU A 47 -6.03 4.68 15.04
C GLU A 47 -5.11 3.55 15.52
N LYS A 48 -5.72 2.44 15.93
CA LYS A 48 -4.96 1.29 16.42
C LYS A 48 -3.96 0.81 15.36
N VAL A 49 -4.32 0.99 14.10
CA VAL A 49 -3.46 0.58 13.00
C VAL A 49 -2.10 1.27 13.08
N LEU A 50 -2.10 2.50 13.57
CA LEU A 50 -0.86 3.28 13.69
C LEU A 50 0.15 2.55 14.58
N LYS A 51 -0.36 1.82 15.57
CA LYS A 51 0.48 1.08 16.50
C LYS A 51 1.48 0.20 15.73
N ALA A 52 1.04 -0.32 14.59
CA ALA A 52 1.89 -1.17 13.77
C ALA A 52 2.98 -0.35 13.07
N LEU A 53 2.60 0.82 12.56
CA LEU A 53 3.54 1.69 11.88
C LEU A 53 4.69 2.09 12.80
N GLU A 54 4.46 1.97 14.10
CA GLU A 54 5.48 2.31 15.09
C GLU A 54 6.66 1.35 15.01
N ARG A 55 6.37 0.08 14.80
CA ARG A 55 7.40 -0.95 14.70
C ARG A 55 8.08 -0.91 13.34
N THR A 56 7.30 -0.57 12.31
CA THR A 56 7.83 -0.49 10.95
C THR A 56 8.69 0.76 10.75
N ARG A 57 8.20 1.89 11.26
CA ARG A 57 8.92 3.15 11.15
C ARG A 57 10.33 3.03 11.72
N GLN A 58 10.49 2.11 12.67
CA GLN A 58 11.79 1.90 13.31
C GLN A 58 12.80 1.37 12.31
N LEU A 59 12.36 0.47 11.43
CA LEU A 59 13.23 -0.11 10.42
C LEU A 59 13.17 0.69 9.12
N ASP A 60 12.60 1.89 9.19
CA ASP A 60 12.47 2.75 8.03
C ASP A 60 11.57 2.11 6.98
N ILE A 61 10.27 2.11 7.24
CA ILE A 61 9.30 1.53 6.32
C ILE A 61 8.18 2.50 6.02
N PRO A 62 7.87 2.68 4.73
CA PRO A 62 6.81 3.58 4.28
C PRO A 62 5.42 3.06 4.64
N ASP A 63 4.54 3.97 5.08
CA ASP A 63 3.19 3.60 5.45
C ASP A 63 2.38 3.18 4.22
N GLU A 64 2.96 3.40 3.04
CA GLU A 64 2.29 3.04 1.80
C GLU A 64 2.35 1.53 1.57
N LYS A 65 3.47 0.93 1.94
CA LYS A 65 3.66 -0.51 1.79
C LYS A 65 3.22 -1.27 3.04
N THR A 66 3.36 -0.62 4.19
CA THR A 66 2.98 -1.23 5.45
C THR A 66 1.46 -1.29 5.60
N MET A 67 0.77 -0.33 5.00
CA MET A 67 -0.69 -0.28 5.06
C MET A 67 -1.29 -1.63 4.67
N PRO A 68 -1.00 -2.07 3.45
CA PRO A 68 -1.50 -3.35 2.93
C PRO A 68 -0.87 -4.55 3.63
N VAL A 69 0.22 -4.30 4.34
CA VAL A 69 0.92 -5.36 5.06
C VAL A 69 0.24 -5.68 6.39
N LEU A 70 0.11 -4.65 7.23
CA LEU A 70 -0.52 -4.82 8.54
C LEU A 70 -1.94 -5.36 8.39
N MET A 71 -2.68 -4.82 7.43
CA MET A 71 -4.05 -5.24 7.17
C MET A 71 -4.10 -6.72 6.81
N LYS A 72 -2.98 -7.24 6.31
CA LYS A 72 -2.90 -8.64 5.91
C LYS A 72 -2.82 -9.54 7.14
N LEU A 73 -2.23 -9.02 8.22
CA LEU A 73 -2.08 -9.78 9.45
C LEU A 73 -3.43 -9.93 10.15
N LEU A 74 -4.15 -8.82 10.32
CA LEU A 74 -5.45 -8.83 10.97
C LEU A 74 -6.44 -9.68 10.19
N GLU A 75 -6.18 -9.84 8.88
CA GLU A 75 -7.06 -10.63 8.03
C GLU A 75 -7.16 -12.07 8.53
N GLU A 76 -6.01 -12.71 8.72
CA GLU A 76 -5.97 -14.09 9.19
C GLU A 76 -6.22 -14.15 10.70
N ALA A 77 -5.80 -13.10 11.40
CA ALA A 77 -5.99 -13.03 12.85
C ALA A 77 -7.38 -12.52 13.21
N GLY A 78 -8.21 -12.31 12.19
CA GLY A 78 -9.55 -11.82 12.41
C GLY A 78 -9.58 -10.54 13.22
N GLY A 79 -8.47 -9.80 13.19
CA GLY A 79 -8.39 -8.56 13.93
C GLY A 79 -7.85 -8.75 15.34
N ASN A 80 -6.84 -9.60 15.48
CA ASN A 80 -6.25 -9.88 16.78
C ASN A 80 -4.79 -9.42 16.82
N TRP A 81 -4.56 -8.30 17.52
CA TRP A 81 -3.21 -7.76 17.64
C TRP A 81 -2.43 -8.46 18.75
N SER A 82 -3.16 -9.10 19.65
CA SER A 82 -2.54 -9.80 20.77
C SER A 82 -1.48 -10.78 20.27
N TYR A 83 -1.88 -11.65 19.34
CA TYR A 83 -0.96 -12.63 18.78
C TYR A 83 -0.01 -11.99 17.78
N ILE A 84 -0.55 -11.14 16.92
CA ILE A 84 0.25 -10.45 15.91
C ILE A 84 1.39 -9.67 16.56
N LYS A 85 1.15 -9.19 17.77
CA LYS A 85 2.16 -8.42 18.49
C LYS A 85 2.99 -9.33 19.40
N LEU A 86 2.53 -10.57 19.54
CA LEU A 86 3.23 -11.55 20.38
C LEU A 86 4.71 -11.62 20.02
N ASP A 87 5.01 -11.37 18.75
CA ASP A 87 6.40 -11.40 18.28
C ASP A 87 6.83 -10.02 17.79
N ASN A 88 6.18 -8.98 18.30
CA ASN A 88 6.50 -7.62 17.91
C ASN A 88 6.18 -7.36 16.45
N TYR A 89 5.05 -7.91 16.00
CA TYR A 89 4.62 -7.75 14.61
C TYR A 89 5.64 -8.35 13.65
N THR A 90 6.18 -9.51 14.02
CA THR A 90 7.17 -10.20 13.21
C THR A 90 6.68 -10.34 11.77
N ALA A 91 5.38 -10.50 11.61
CA ALA A 91 4.78 -10.65 10.28
C ALA A 91 5.20 -9.51 9.36
N LEU A 92 5.32 -8.32 9.92
CA LEU A 92 5.72 -7.14 9.14
C LEU A 92 7.16 -7.28 8.65
N VAL A 93 7.99 -7.92 9.47
CA VAL A 93 9.40 -8.12 9.12
C VAL A 93 9.54 -9.02 7.90
N ASP A 94 8.86 -10.15 7.92
CA ASP A 94 8.90 -11.10 6.80
C ASP A 94 8.09 -10.58 5.63
N ALA A 95 7.04 -9.81 5.92
CA ALA A 95 6.18 -9.26 4.88
C ALA A 95 6.89 -8.13 4.13
N ILE A 96 7.31 -7.11 4.86
CA ILE A 96 8.00 -5.97 4.27
C ILE A 96 9.26 -6.42 3.53
N TYR A 97 9.93 -7.42 4.08
CA TYR A 97 11.16 -7.93 3.48
C TYR A 97 10.89 -8.47 2.07
N SER A 98 9.70 -9.04 1.87
CA SER A 98 9.32 -9.59 0.58
C SER A 98 8.95 -8.47 -0.40
N VAL A 99 8.02 -7.62 0.00
CA VAL A 99 7.57 -6.52 -0.84
C VAL A 99 8.72 -5.58 -1.16
N GLU A 100 9.43 -5.13 -0.13
CA GLU A 100 10.56 -4.22 -0.30
C GLU A 100 11.53 -4.77 -1.34
N ASP A 101 11.62 -6.10 -1.42
CA ASP A 101 12.51 -6.75 -2.38
C ASP A 101 12.10 -6.43 -3.82
N GLU A 102 10.83 -6.65 -4.12
CA GLU A 102 10.30 -6.39 -5.46
C GLU A 102 9.16 -5.39 -5.41
N ASN A 103 9.33 -4.27 -6.10
CA ASN A 103 8.31 -3.23 -6.14
C ASN A 103 7.65 -3.15 -7.52
N LYS A 104 8.38 -3.60 -8.53
CA LYS A 104 7.88 -3.59 -9.90
C LYS A 104 6.50 -4.22 -9.98
N GLN A 105 6.30 -5.31 -9.24
CA GLN A 105 5.02 -5.99 -9.22
C GLN A 105 4.53 -6.27 -10.64
N SER A 106 5.48 -6.46 -11.56
CA SER A 106 5.14 -6.73 -12.95
C SER A 106 6.41 -6.91 -13.79
N GLU A 107 6.36 -7.84 -14.73
CA GLU A 107 7.50 -8.11 -15.59
C GLU A 107 7.64 -7.04 -16.66
N GLY A 108 8.60 -7.22 -17.55
CA GLY A 108 8.84 -6.25 -18.61
C GLY A 108 9.16 -4.88 -18.08
N SER A 109 8.17 -4.00 -18.06
CA SER A 109 8.36 -2.63 -17.57
C SER A 109 7.80 -2.48 -16.16
N MET A 1 35.19 37.09 -43.49
CA MET A 1 33.84 37.54 -43.21
C MET A 1 32.86 37.04 -44.28
N GLY A 2 33.29 37.15 -45.54
CA GLY A 2 32.44 36.72 -46.64
C GLY A 2 32.88 35.38 -47.20
N SER A 3 32.40 35.05 -48.40
CA SER A 3 32.74 33.80 -49.05
C SER A 3 34.16 33.82 -49.60
N SER A 4 34.66 32.66 -50.00
CA SER A 4 36.00 32.55 -50.54
C SER A 4 36.07 31.50 -51.63
N HIS A 5 37.27 31.28 -52.17
CA HIS A 5 37.47 30.29 -53.23
C HIS A 5 38.73 29.49 -52.99
N HIS A 6 38.90 28.40 -53.75
CA HIS A 6 40.07 27.55 -53.62
C HIS A 6 40.15 26.94 -52.22
N HIS A 7 39.02 26.41 -51.75
CA HIS A 7 38.96 25.80 -50.43
C HIS A 7 39.75 24.50 -50.40
N HIS A 8 40.44 24.25 -49.29
CA HIS A 8 41.24 23.04 -49.14
C HIS A 8 40.89 22.31 -47.85
N HIS A 9 39.63 22.44 -47.42
CA HIS A 9 39.16 21.80 -46.20
C HIS A 9 39.22 20.28 -46.33
N HIS A 10 39.22 19.59 -45.20
CA HIS A 10 39.28 18.14 -45.18
C HIS A 10 38.22 17.57 -44.24
N SER A 11 38.18 16.24 -44.15
CA SER A 11 37.21 15.57 -43.28
C SER A 11 37.85 14.38 -42.56
N SER A 12 37.81 14.41 -41.24
CA SER A 12 38.39 13.34 -40.44
C SER A 12 37.31 12.39 -39.92
N GLY A 13 36.27 12.97 -39.31
CA GLY A 13 35.18 12.17 -38.77
C GLY A 13 35.38 11.82 -37.32
N LEU A 14 34.58 12.44 -36.45
CA LEU A 14 34.66 12.19 -35.02
C LEU A 14 33.30 12.36 -34.35
N VAL A 15 33.06 11.58 -33.30
CA VAL A 15 31.81 11.64 -32.57
C VAL A 15 32.05 11.80 -31.07
N PRO A 16 31.05 12.35 -30.38
CA PRO A 16 31.12 12.58 -28.93
C PRO A 16 31.09 11.27 -28.13
N ARG A 17 31.20 11.38 -26.82
CA ARG A 17 31.18 10.21 -25.94
C ARG A 17 30.12 10.35 -24.87
N GLY A 18 29.21 9.40 -24.83
CA GLY A 18 28.14 9.42 -23.83
C GLY A 18 27.06 8.40 -24.12
N SER A 19 25.83 8.71 -23.68
CA SER A 19 24.70 7.81 -23.88
C SER A 19 23.38 8.54 -23.72
N HIS A 20 22.66 8.71 -24.81
CA HIS A 20 21.37 9.40 -24.78
C HIS A 20 20.22 8.41 -24.90
N MET A 21 20.46 7.31 -25.63
CA MET A 21 19.44 6.29 -25.81
C MET A 21 19.77 5.03 -25.01
N ILE A 22 18.96 4.76 -24.00
CA ILE A 22 19.17 3.58 -23.16
C ILE A 22 17.96 2.66 -23.18
N SER A 23 18.22 1.36 -23.15
CA SER A 23 17.15 0.37 -23.18
C SER A 23 16.51 0.22 -21.80
N LEU A 24 15.95 1.33 -21.29
CA LEU A 24 15.32 1.33 -19.98
C LEU A 24 14.03 0.51 -20.01
N SER A 25 13.24 0.69 -21.07
CA SER A 25 11.98 -0.02 -21.21
C SER A 25 12.21 -1.53 -21.21
N GLY A 26 11.40 -2.25 -20.43
CA GLY A 26 11.53 -3.69 -20.36
C GLY A 26 11.50 -4.21 -18.94
N LEU A 27 12.36 -3.65 -18.09
CA LEU A 27 12.43 -4.06 -16.70
C LEU A 27 12.05 -2.91 -15.77
N THR A 28 11.51 -1.85 -16.35
CA THR A 28 11.09 -0.68 -15.58
C THR A 28 9.84 -0.97 -14.78
N SER A 29 9.59 -0.17 -13.75
CA SER A 29 8.42 -0.34 -12.91
C SER A 29 7.14 -0.06 -13.68
N SER A 30 6.03 -0.59 -13.21
CA SER A 30 4.74 -0.41 -13.86
C SER A 30 3.72 0.17 -12.90
N VAL A 31 2.46 0.20 -13.32
CA VAL A 31 1.38 0.72 -12.49
C VAL A 31 0.69 -0.39 -11.70
N GLU A 32 1.50 -1.33 -11.21
CA GLU A 32 0.97 -2.44 -10.43
C GLU A 32 0.63 -2.01 -9.00
N SER A 33 1.28 -0.93 -8.55
CA SER A 33 1.04 -0.41 -7.21
C SER A 33 0.40 0.97 -7.26
N ASP A 34 0.55 1.65 -8.39
CA ASP A 34 -0.02 2.98 -8.57
C ASP A 34 -1.53 2.95 -8.39
N LEU A 35 -2.13 1.79 -8.61
CA LEU A 35 -3.58 1.62 -8.46
C LEU A 35 -3.93 1.10 -7.08
N ASP A 36 -2.97 1.18 -6.16
CA ASP A 36 -3.18 0.70 -4.79
C ASP A 36 -3.88 1.77 -3.96
N MET A 37 -4.20 2.90 -4.59
CA MET A 37 -4.87 4.00 -3.90
C MET A 37 -6.36 3.73 -3.77
N GLN A 38 -6.96 3.18 -4.83
CA GLN A 38 -8.38 2.87 -4.83
C GLN A 38 -8.72 1.88 -3.73
N GLN A 39 -7.74 1.07 -3.33
CA GLN A 39 -7.94 0.07 -2.29
C GLN A 39 -7.87 0.71 -0.91
N ALA A 40 -7.19 1.86 -0.83
CA ALA A 40 -7.05 2.57 0.44
C ALA A 40 -8.41 2.99 0.98
N MET A 41 -9.40 3.09 0.10
CA MET A 41 -10.74 3.49 0.49
C MET A 41 -11.48 2.32 1.12
N LEU A 42 -11.19 1.11 0.65
CA LEU A 42 -11.83 -0.09 1.16
C LEU A 42 -11.10 -0.63 2.39
N THR A 43 -10.10 0.13 2.84
CA THR A 43 -9.32 -0.27 4.01
C THR A 43 -8.95 0.93 4.87
N ASN A 44 -9.96 1.72 5.22
CA ASN A 44 -9.75 2.91 6.04
C ASN A 44 -8.95 2.57 7.30
N LYS A 45 -7.77 3.16 7.43
CA LYS A 45 -6.92 2.92 8.59
C LYS A 45 -7.69 3.12 9.89
N ASP A 46 -7.10 2.68 10.99
CA ASP A 46 -7.74 2.82 12.30
C ASP A 46 -6.75 3.38 13.32
N GLU A 47 -7.21 3.53 14.56
CA GLU A 47 -6.37 4.06 15.63
C GLU A 47 -5.27 3.07 16.00
N LYS A 48 -5.64 1.80 16.07
CA LYS A 48 -4.69 0.74 16.41
C LYS A 48 -3.70 0.51 15.27
N VAL A 49 -4.17 0.70 14.05
CA VAL A 49 -3.32 0.51 12.87
C VAL A 49 -2.08 1.39 12.93
N LEU A 50 -2.21 2.54 13.61
CA LEU A 50 -1.11 3.47 13.74
C LEU A 50 0.00 2.88 14.61
N LYS A 51 -0.37 1.95 15.48
CA LYS A 51 0.59 1.30 16.37
C LYS A 51 1.59 0.45 15.58
N ALA A 52 1.09 -0.22 14.54
CA ALA A 52 1.92 -1.06 13.71
C ALA A 52 3.01 -0.25 13.02
N LEU A 53 2.64 0.93 12.51
CA LEU A 53 3.58 1.80 11.83
C LEU A 53 4.73 2.19 12.75
N GLU A 54 4.51 2.07 14.05
CA GLU A 54 5.52 2.41 15.04
C GLU A 54 6.71 1.45 14.94
N ARG A 55 6.42 0.17 14.78
CA ARG A 55 7.46 -0.85 14.67
C ARG A 55 8.09 -0.84 13.27
N THR A 56 7.27 -0.51 12.27
CA THR A 56 7.75 -0.47 10.89
C THR A 56 8.63 0.75 10.66
N ARG A 57 8.18 1.90 11.12
CA ARG A 57 8.93 3.14 10.96
C ARG A 57 10.33 3.01 11.54
N GLN A 58 10.48 2.13 12.53
CA GLN A 58 11.76 1.91 13.18
C GLN A 58 12.77 1.34 12.19
N LEU A 59 12.31 0.42 11.35
CA LEU A 59 13.18 -0.20 10.35
C LEU A 59 13.13 0.56 9.03
N ASP A 60 12.61 1.78 9.07
CA ASP A 60 12.50 2.61 7.89
C ASP A 60 11.55 1.98 6.87
N ILE A 61 10.26 2.06 7.14
CA ILE A 61 9.25 1.50 6.25
C ILE A 61 8.10 2.48 6.03
N PRO A 62 7.83 2.79 4.75
CA PRO A 62 6.75 3.71 4.38
C PRO A 62 5.37 3.13 4.64
N ASP A 63 4.50 3.94 5.22
CA ASP A 63 3.14 3.50 5.52
C ASP A 63 2.42 3.06 4.25
N GLU A 64 2.93 3.50 3.11
CA GLU A 64 2.33 3.16 1.82
C GLU A 64 2.38 1.65 1.58
N LYS A 65 3.53 1.04 1.91
CA LYS A 65 3.72 -0.39 1.73
C LYS A 65 3.29 -1.16 2.98
N THR A 66 3.40 -0.51 4.13
CA THR A 66 3.03 -1.13 5.40
C THR A 66 1.51 -1.22 5.53
N MET A 67 0.81 -0.27 4.92
CA MET A 67 -0.66 -0.25 4.97
C MET A 67 -1.23 -1.61 4.59
N PRO A 68 -0.92 -2.07 3.38
CA PRO A 68 -1.41 -3.36 2.88
C PRO A 68 -0.76 -4.54 3.59
N VAL A 69 0.31 -4.26 4.34
CA VAL A 69 1.03 -5.30 5.07
C VAL A 69 0.32 -5.62 6.38
N LEU A 70 0.14 -4.61 7.22
CA LEU A 70 -0.52 -4.79 8.51
C LEU A 70 -1.91 -5.36 8.33
N MET A 71 -2.65 -4.83 7.36
CA MET A 71 -4.00 -5.28 7.08
C MET A 71 -4.00 -6.76 6.70
N LYS A 72 -2.87 -7.26 6.23
CA LYS A 72 -2.73 -8.66 5.84
C LYS A 72 -2.69 -9.56 7.06
N LEU A 73 -2.16 -9.04 8.16
CA LEU A 73 -2.05 -9.80 9.40
C LEU A 73 -3.40 -9.90 10.10
N LEU A 74 -4.05 -8.75 10.29
CA LEU A 74 -5.36 -8.72 10.93
C LEU A 74 -6.38 -9.53 10.15
N GLU A 75 -6.12 -9.70 8.86
CA GLU A 75 -7.02 -10.46 8.00
C GLU A 75 -7.20 -11.89 8.52
N GLU A 76 -6.09 -12.57 8.72
CA GLU A 76 -6.12 -13.95 9.22
C GLU A 76 -6.39 -13.98 10.72
N ALA A 77 -5.95 -12.94 11.41
CA ALA A 77 -6.16 -12.84 12.86
C ALA A 77 -7.54 -12.28 13.18
N GLY A 78 -8.34 -12.05 12.15
CA GLY A 78 -9.68 -11.53 12.35
C GLY A 78 -9.67 -10.22 13.13
N GLY A 79 -8.55 -9.51 13.09
CA GLY A 79 -8.44 -8.26 13.80
C GLY A 79 -7.93 -8.44 15.21
N ASN A 80 -6.97 -9.34 15.39
CA ASN A 80 -6.41 -9.60 16.71
C ASN A 80 -4.93 -9.23 16.75
N TRP A 81 -4.63 -8.11 17.40
CA TRP A 81 -3.25 -7.63 17.52
C TRP A 81 -2.53 -8.36 18.64
N SER A 82 -3.29 -8.93 19.57
CA SER A 82 -2.72 -9.65 20.70
C SER A 82 -1.71 -10.70 20.21
N TYR A 83 -2.16 -11.55 19.30
CA TYR A 83 -1.30 -12.61 18.76
C TYR A 83 -0.31 -12.04 17.74
N ILE A 84 -0.79 -11.14 16.90
CA ILE A 84 0.04 -10.53 15.88
C ILE A 84 1.23 -9.80 16.52
N LYS A 85 1.06 -9.38 17.76
CA LYS A 85 2.11 -8.67 18.48
C LYS A 85 2.87 -9.62 19.40
N LEU A 86 2.58 -10.91 19.28
CA LEU A 86 3.24 -11.92 20.10
C LEU A 86 4.74 -11.96 19.82
N ASP A 87 5.14 -11.36 18.70
CA ASP A 87 6.55 -11.32 18.32
C ASP A 87 6.94 -9.92 17.85
N ASN A 88 6.24 -8.92 18.35
CA ASN A 88 6.52 -7.53 17.98
C ASN A 88 6.20 -7.29 16.51
N TYR A 89 5.09 -7.86 16.05
CA TYR A 89 4.67 -7.71 14.66
C TYR A 89 5.72 -8.29 13.71
N THR A 90 6.28 -9.43 14.09
CA THR A 90 7.30 -10.07 13.27
C THR A 90 6.82 -10.26 11.84
N ALA A 91 5.51 -10.40 11.67
CA ALA A 91 4.92 -10.58 10.34
C ALA A 91 5.32 -9.44 9.41
N LEU A 92 5.44 -8.24 9.97
CA LEU A 92 5.81 -7.07 9.18
C LEU A 92 7.25 -7.18 8.70
N VAL A 93 8.10 -7.76 9.53
CA VAL A 93 9.52 -7.93 9.19
C VAL A 93 9.68 -8.77 7.94
N ASP A 94 9.04 -9.94 7.92
CA ASP A 94 9.11 -10.84 6.78
C ASP A 94 8.26 -10.32 5.62
N ALA A 95 7.19 -9.61 5.96
CA ALA A 95 6.30 -9.05 4.94
C ALA A 95 6.98 -7.94 4.16
N ILE A 96 7.44 -6.92 4.87
CA ILE A 96 8.11 -5.79 4.24
C ILE A 96 9.35 -6.24 3.48
N TYR A 97 10.16 -7.08 4.11
CA TYR A 97 11.38 -7.58 3.49
C TYR A 97 11.05 -8.38 2.23
N SER A 98 9.88 -9.00 2.21
CA SER A 98 9.45 -9.79 1.07
C SER A 98 8.99 -8.89 -0.08
N VAL A 99 8.06 -8.00 0.22
CA VAL A 99 7.54 -7.08 -0.79
C VAL A 99 8.62 -6.12 -1.26
N GLU A 100 9.29 -5.47 -0.33
CA GLU A 100 10.35 -4.52 -0.65
C GLU A 100 11.35 -5.16 -1.62
N ASP A 101 11.54 -6.46 -1.49
CA ASP A 101 12.47 -7.19 -2.35
C ASP A 101 12.14 -6.96 -3.82
N GLU A 102 10.98 -7.43 -4.24
CA GLU A 102 10.55 -7.28 -5.63
C GLU A 102 9.44 -6.25 -5.75
N ASN A 103 9.66 -5.23 -6.57
CA ASN A 103 8.68 -4.17 -6.77
C ASN A 103 8.27 -4.08 -8.24
N LYS A 104 9.21 -4.35 -9.13
CA LYS A 104 8.95 -4.31 -10.57
C LYS A 104 8.70 -5.70 -11.11
N GLN A 105 9.25 -6.72 -10.44
CA GLN A 105 9.09 -8.10 -10.87
C GLN A 105 7.71 -8.62 -10.49
N SER A 106 6.67 -8.02 -11.05
CA SER A 106 5.30 -8.41 -10.76
C SER A 106 4.30 -7.57 -11.56
N GLU A 107 3.09 -8.08 -11.70
CA GLU A 107 2.05 -7.36 -12.44
C GLU A 107 0.72 -7.44 -11.71
N GLY A 108 -0.33 -6.89 -12.33
CA GLY A 108 -1.65 -6.91 -11.72
C GLY A 108 -2.10 -5.52 -11.30
N SER A 109 -3.17 -5.48 -10.50
CA SER A 109 -3.71 -4.22 -10.03
C SER A 109 -3.30 -3.96 -8.58
N MET A 1 25.05 -41.88 21.08
CA MET A 1 24.04 -41.58 22.10
C MET A 1 22.77 -42.38 21.85
N GLY A 2 22.15 -42.16 20.70
CA GLY A 2 20.93 -42.88 20.36
C GLY A 2 21.15 -43.93 19.30
N SER A 3 20.94 -43.56 18.04
CA SER A 3 21.12 -44.50 16.93
C SER A 3 22.39 -44.17 16.14
N SER A 4 23.09 -45.21 15.71
CA SER A 4 24.31 -45.03 14.94
C SER A 4 24.01 -44.50 13.55
N HIS A 5 24.63 -43.38 13.21
CA HIS A 5 24.43 -42.76 11.89
C HIS A 5 25.77 -42.35 11.28
N HIS A 6 25.79 -42.26 9.95
CA HIS A 6 27.01 -41.88 9.24
C HIS A 6 26.70 -40.84 8.17
N HIS A 7 27.65 -39.91 7.97
CA HIS A 7 27.48 -38.86 6.98
C HIS A 7 27.83 -39.36 5.58
N HIS A 8 26.84 -39.91 4.90
CA HIS A 8 27.04 -40.44 3.54
C HIS A 8 26.36 -39.55 2.50
N HIS A 9 25.29 -38.89 2.93
CA HIS A 9 24.54 -38.01 2.04
C HIS A 9 24.77 -36.54 2.39
N HIS A 10 24.39 -35.65 1.49
CA HIS A 10 24.56 -34.22 1.70
C HIS A 10 23.37 -33.63 2.46
N SER A 11 23.30 -33.91 3.76
CA SER A 11 22.22 -33.43 4.59
C SER A 11 22.43 -31.96 4.95
N SER A 12 21.34 -31.29 5.35
CA SER A 12 21.41 -29.88 5.71
C SER A 12 21.88 -29.03 4.54
N GLY A 13 21.32 -29.30 3.36
CA GLY A 13 21.69 -28.55 2.17
C GLY A 13 21.49 -27.06 2.34
N LEU A 14 22.58 -26.32 2.37
CA LEU A 14 22.52 -24.87 2.53
C LEU A 14 22.64 -24.17 1.18
N VAL A 15 22.30 -22.88 1.16
CA VAL A 15 22.37 -22.10 -0.08
C VAL A 15 23.35 -20.94 0.07
N PRO A 16 23.87 -20.46 -1.06
CA PRO A 16 24.84 -19.35 -1.10
C PRO A 16 24.18 -18.02 -0.72
N ARG A 17 25.00 -16.99 -0.60
CA ARG A 17 24.52 -15.66 -0.25
C ARG A 17 24.86 -14.64 -1.34
N GLY A 18 23.91 -14.41 -2.24
CA GLY A 18 24.13 -13.46 -3.32
C GLY A 18 22.88 -13.22 -4.13
N SER A 19 22.18 -12.13 -3.83
CA SER A 19 20.96 -11.78 -4.54
C SER A 19 20.43 -10.43 -4.07
N HIS A 20 19.59 -9.80 -4.91
CA HIS A 20 19.02 -8.51 -4.58
C HIS A 20 18.35 -8.54 -3.21
N MET A 21 18.76 -7.61 -2.34
CA MET A 21 18.20 -7.54 -1.00
C MET A 21 17.22 -6.37 -0.87
N ILE A 22 17.68 -5.18 -1.24
CA ILE A 22 16.85 -3.99 -1.17
C ILE A 22 17.09 -3.08 -2.37
N SER A 23 16.02 -2.53 -2.92
CA SER A 23 16.11 -1.65 -4.07
C SER A 23 16.43 -0.21 -3.64
N LEU A 24 17.60 -0.02 -3.07
CA LEU A 24 18.03 1.30 -2.60
C LEU A 24 17.94 2.32 -3.73
N SER A 25 18.06 1.85 -4.96
CA SER A 25 18.00 2.72 -6.13
C SER A 25 16.59 2.76 -6.70
N GLY A 26 15.86 3.83 -6.39
CA GLY A 26 14.50 3.97 -6.88
C GLY A 26 14.36 5.11 -7.87
N LEU A 27 14.26 4.76 -9.15
CA LEU A 27 14.13 5.77 -10.20
C LEU A 27 12.76 5.66 -10.88
N THR A 28 11.88 4.88 -10.28
CA THR A 28 10.53 4.70 -10.83
C THR A 28 9.66 5.92 -10.60
N SER A 29 8.44 5.89 -11.13
CA SER A 29 7.52 7.01 -10.98
C SER A 29 7.24 7.30 -9.50
N SER A 30 6.34 8.24 -9.25
CA SER A 30 5.99 8.61 -7.88
C SER A 30 4.59 8.11 -7.54
N VAL A 31 4.21 8.26 -6.27
CA VAL A 31 2.90 7.83 -5.80
C VAL A 31 2.47 6.54 -6.49
N GLU A 32 3.39 5.59 -6.60
CA GLU A 32 3.12 4.32 -7.24
C GLU A 32 2.37 3.38 -6.29
N SER A 33 2.49 3.65 -4.99
CA SER A 33 1.84 2.83 -3.97
C SER A 33 0.81 3.65 -3.20
N ASP A 34 0.93 4.97 -3.29
CA ASP A 34 0.00 5.86 -2.60
C ASP A 34 -1.44 5.56 -3.00
N LEU A 35 -1.61 4.99 -4.18
CA LEU A 35 -2.94 4.65 -4.68
C LEU A 35 -3.72 3.83 -3.65
N ASP A 36 -2.99 3.07 -2.85
CA ASP A 36 -3.62 2.23 -1.82
C ASP A 36 -4.49 3.08 -0.89
N MET A 37 -4.10 4.34 -0.70
CA MET A 37 -4.85 5.25 0.15
C MET A 37 -6.32 5.27 -0.23
N GLN A 38 -6.60 5.07 -1.51
CA GLN A 38 -7.97 5.07 -2.01
C GLN A 38 -8.84 4.11 -1.20
N GLN A 39 -8.34 2.90 -0.98
CA GLN A 39 -9.08 1.90 -0.23
C GLN A 39 -9.08 2.24 1.27
N ALA A 40 -8.08 3.01 1.69
CA ALA A 40 -7.98 3.40 3.09
C ALA A 40 -9.18 4.21 3.53
N MET A 41 -9.86 4.83 2.56
CA MET A 41 -11.04 5.64 2.85
C MET A 41 -12.26 4.76 3.07
N LEU A 42 -12.49 3.82 2.15
CA LEU A 42 -13.62 2.91 2.26
C LEU A 42 -13.56 2.09 3.54
N THR A 43 -12.36 1.97 4.10
CA THR A 43 -12.15 1.21 5.32
C THR A 43 -11.98 2.14 6.53
N ASN A 44 -11.58 3.38 6.26
CA ASN A 44 -11.39 4.37 7.30
C ASN A 44 -10.24 3.95 8.23
N LYS A 45 -9.14 4.70 8.18
CA LYS A 45 -7.98 4.41 9.02
C LYS A 45 -8.38 4.27 10.48
N ASP A 46 -7.50 3.68 11.28
CA ASP A 46 -7.76 3.49 12.70
C ASP A 46 -6.47 3.62 13.51
N GLU A 47 -6.59 4.11 14.73
CA GLU A 47 -5.45 4.27 15.61
C GLU A 47 -4.72 2.93 15.82
N LYS A 48 -5.49 1.90 16.13
CA LYS A 48 -4.94 0.57 16.35
C LYS A 48 -4.02 0.16 15.20
N VAL A 49 -4.33 0.65 14.00
CA VAL A 49 -3.54 0.33 12.81
C VAL A 49 -2.26 1.16 12.78
N LEU A 50 -2.36 2.42 13.17
CA LEU A 50 -1.21 3.32 13.19
C LEU A 50 -0.15 2.82 14.17
N LYS A 51 -0.57 2.05 15.15
CA LYS A 51 0.34 1.50 16.15
C LYS A 51 1.39 0.61 15.49
N ALA A 52 0.99 -0.07 14.42
CA ALA A 52 1.89 -0.96 13.70
C ALA A 52 2.99 -0.17 12.99
N LEU A 53 2.63 1.01 12.48
CA LEU A 53 3.58 1.86 11.78
C LEU A 53 4.75 2.23 12.69
N GLU A 54 4.55 2.13 13.99
CA GLU A 54 5.58 2.45 14.96
C GLU A 54 6.74 1.45 14.87
N ARG A 55 6.41 0.17 14.70
CA ARG A 55 7.42 -0.87 14.59
C ARG A 55 8.06 -0.86 13.21
N THR A 56 7.28 -0.51 12.19
CA THR A 56 7.77 -0.46 10.82
C THR A 56 8.66 0.75 10.60
N ARG A 57 8.24 1.89 11.12
CA ARG A 57 9.00 3.12 10.97
C ARG A 57 10.40 2.97 11.54
N GLN A 58 10.55 2.06 12.50
CA GLN A 58 11.83 1.81 13.14
C GLN A 58 12.83 1.23 12.14
N LEU A 59 12.35 0.33 11.29
CA LEU A 59 13.19 -0.30 10.29
C LEU A 59 13.15 0.47 8.97
N ASP A 60 12.63 1.68 9.03
CA ASP A 60 12.53 2.52 7.84
C ASP A 60 11.58 1.90 6.81
N ILE A 61 10.30 1.98 7.08
CA ILE A 61 9.29 1.43 6.19
C ILE A 61 8.18 2.44 5.90
N PRO A 62 7.87 2.63 4.61
CA PRO A 62 6.82 3.57 4.18
C PRO A 62 5.42 3.09 4.55
N ASP A 63 4.59 4.02 5.00
CA ASP A 63 3.23 3.70 5.38
C ASP A 63 2.40 3.29 4.18
N GLU A 64 2.96 3.49 2.99
CA GLU A 64 2.26 3.13 1.76
C GLU A 64 2.29 1.62 1.53
N LYS A 65 3.42 1.00 1.83
CA LYS A 65 3.58 -0.43 1.66
C LYS A 65 3.18 -1.17 2.94
N THR A 66 3.32 -0.50 4.07
CA THR A 66 2.98 -1.10 5.36
C THR A 66 1.46 -1.20 5.53
N MET A 67 0.74 -0.27 4.92
CA MET A 67 -0.71 -0.25 5.01
C MET A 67 -1.29 -1.62 4.65
N PRO A 68 -1.01 -2.08 3.42
CA PRO A 68 -1.49 -3.37 2.94
C PRO A 68 -0.82 -4.55 3.64
N VAL A 69 0.29 -4.26 4.33
CA VAL A 69 1.02 -5.30 5.04
C VAL A 69 0.38 -5.60 6.39
N LEU A 70 0.24 -4.57 7.22
CA LEU A 70 -0.37 -4.72 8.54
C LEU A 70 -1.78 -5.30 8.43
N MET A 71 -2.55 -4.77 7.47
CA MET A 71 -3.91 -5.24 7.26
C MET A 71 -3.94 -6.73 6.92
N LYS A 72 -2.82 -7.23 6.41
CA LYS A 72 -2.72 -8.65 6.06
C LYS A 72 -2.67 -9.52 7.30
N LEU A 73 -2.12 -8.97 8.38
CA LEU A 73 -2.01 -9.71 9.64
C LEU A 73 -3.38 -9.85 10.30
N LEU A 74 -4.18 -8.80 10.25
CA LEU A 74 -5.51 -8.82 10.84
C LEU A 74 -6.45 -9.73 10.04
N GLU A 75 -6.12 -9.95 8.78
CA GLU A 75 -6.93 -10.80 7.91
C GLU A 75 -7.00 -12.22 8.46
N GLU A 76 -5.83 -12.79 8.77
CA GLU A 76 -5.77 -14.14 9.31
C GLU A 76 -6.16 -14.17 10.78
N ALA A 77 -5.66 -13.20 11.53
CA ALA A 77 -5.95 -13.11 12.96
C ALA A 77 -7.39 -12.62 13.19
N GLY A 78 -8.08 -12.30 12.10
CA GLY A 78 -9.45 -11.82 12.20
C GLY A 78 -9.54 -10.52 12.98
N GLY A 79 -8.44 -9.78 13.03
CA GLY A 79 -8.43 -8.52 13.75
C GLY A 79 -7.93 -8.65 15.17
N ASN A 80 -6.94 -9.52 15.36
CA ASN A 80 -6.38 -9.75 16.69
C ASN A 80 -4.91 -9.33 16.74
N TRP A 81 -4.64 -8.21 17.40
CA TRP A 81 -3.29 -7.69 17.52
C TRP A 81 -2.53 -8.41 18.62
N SER A 82 -3.27 -8.99 19.56
CA SER A 82 -2.67 -9.70 20.69
C SER A 82 -1.66 -10.74 20.18
N TYR A 83 -2.11 -11.59 19.27
CA TYR A 83 -1.24 -12.63 18.72
C TYR A 83 -0.27 -12.05 17.69
N ILE A 84 -0.77 -11.15 16.84
CA ILE A 84 0.05 -10.52 15.83
C ILE A 84 1.23 -9.77 16.45
N LYS A 85 1.06 -9.38 17.71
CA LYS A 85 2.10 -8.66 18.44
C LYS A 85 2.90 -9.60 19.33
N LEU A 86 2.52 -10.87 19.33
CA LEU A 86 3.19 -11.88 20.15
C LEU A 86 4.69 -11.89 19.87
N ASP A 87 5.07 -11.45 18.68
CA ASP A 87 6.47 -11.40 18.29
C ASP A 87 6.88 -10.00 17.86
N ASN A 88 6.16 -9.00 18.37
CA ASN A 88 6.44 -7.61 18.04
C ASN A 88 6.15 -7.32 16.57
N TYR A 89 5.02 -7.85 16.09
CA TYR A 89 4.62 -7.66 14.70
C TYR A 89 5.67 -8.24 13.76
N THR A 90 6.18 -9.42 14.10
CA THR A 90 7.19 -10.08 13.28
C THR A 90 6.70 -10.27 11.85
N ALA A 91 5.39 -10.42 11.70
CA ALA A 91 4.79 -10.60 10.38
C ALA A 91 5.18 -9.48 9.43
N LEU A 92 5.29 -8.27 9.97
CA LEU A 92 5.67 -7.11 9.16
C LEU A 92 7.11 -7.21 8.69
N VAL A 93 7.96 -7.81 9.53
CA VAL A 93 9.36 -7.97 9.21
C VAL A 93 9.55 -8.87 7.99
N ASP A 94 8.88 -10.02 8.01
CA ASP A 94 8.97 -10.97 6.89
C ASP A 94 8.17 -10.47 5.70
N ALA A 95 7.11 -9.70 5.96
CA ALA A 95 6.26 -9.17 4.90
C ALA A 95 6.99 -8.07 4.14
N ILE A 96 7.42 -7.03 4.86
CA ILE A 96 8.12 -5.92 4.25
C ILE A 96 9.39 -6.38 3.55
N TYR A 97 10.10 -7.30 4.18
CA TYR A 97 11.34 -7.83 3.62
C TYR A 97 11.09 -8.50 2.27
N SER A 98 9.91 -9.09 2.13
CA SER A 98 9.55 -9.77 0.89
C SER A 98 9.17 -8.76 -0.19
N VAL A 99 8.21 -7.89 0.12
CA VAL A 99 7.76 -6.87 -0.81
C VAL A 99 8.91 -5.94 -1.20
N GLU A 100 9.55 -5.35 -0.19
CA GLU A 100 10.65 -4.43 -0.43
C GLU A 100 11.69 -5.05 -1.36
N ASP A 101 11.81 -6.37 -1.30
CA ASP A 101 12.77 -7.09 -2.14
C ASP A 101 12.56 -6.74 -3.61
N GLU A 102 11.44 -7.18 -4.17
CA GLU A 102 11.12 -6.92 -5.57
C GLU A 102 9.87 -6.04 -5.69
N ASN A 103 9.93 -5.06 -6.58
CA ASN A 103 8.81 -4.15 -6.80
C ASN A 103 8.57 -3.93 -8.28
N LYS A 104 9.66 -3.77 -9.04
CA LYS A 104 9.55 -3.54 -10.47
C LYS A 104 9.65 -4.86 -11.23
N GLN A 105 10.02 -5.92 -10.52
CA GLN A 105 10.14 -7.24 -11.14
C GLN A 105 8.76 -7.82 -11.47
N SER A 106 7.72 -7.15 -11.00
CA SER A 106 6.35 -7.60 -11.25
C SER A 106 6.18 -9.06 -10.86
N GLU A 107 6.49 -9.37 -9.60
CA GLU A 107 6.38 -10.75 -9.10
C GLU A 107 5.36 -10.82 -7.96
N GLY A 108 5.24 -9.73 -7.22
CA GLY A 108 4.31 -9.69 -6.10
C GLY A 108 3.39 -8.50 -6.16
N SER A 109 2.08 -8.75 -6.06
CA SER A 109 1.09 -7.69 -6.11
C SER A 109 0.64 -7.29 -4.70
N MET A 1 -19.87 47.52 -80.22
CA MET A 1 -19.53 48.21 -78.97
C MET A 1 -19.97 47.40 -77.76
N GLY A 2 -19.01 46.96 -76.96
CA GLY A 2 -19.32 46.18 -75.78
C GLY A 2 -18.14 46.05 -74.84
N SER A 3 -18.33 46.52 -73.59
CA SER A 3 -17.27 46.46 -72.59
C SER A 3 -17.02 45.03 -72.14
N SER A 4 -15.83 44.78 -71.63
CA SER A 4 -15.46 43.44 -71.15
C SER A 4 -15.16 43.46 -69.66
N HIS A 5 -15.98 42.74 -68.89
CA HIS A 5 -15.80 42.68 -67.45
C HIS A 5 -14.89 41.52 -67.07
N HIS A 6 -14.55 41.42 -65.78
CA HIS A 6 -13.69 40.36 -65.29
C HIS A 6 -14.48 39.07 -65.07
N HIS A 7 -13.78 37.94 -65.09
CA HIS A 7 -14.42 36.64 -64.90
C HIS A 7 -13.79 35.91 -63.71
N HIS A 8 -14.30 34.71 -63.42
CA HIS A 8 -13.80 33.91 -62.33
C HIS A 8 -13.86 34.69 -61.01
N HIS A 9 -14.95 35.41 -60.80
CA HIS A 9 -15.13 36.20 -59.59
C HIS A 9 -15.13 35.30 -58.36
N HIS A 10 -14.39 35.71 -57.33
CA HIS A 10 -14.31 34.95 -56.09
C HIS A 10 -14.67 35.82 -54.89
N SER A 11 -15.61 35.34 -54.09
CA SER A 11 -16.06 36.07 -52.91
C SER A 11 -15.58 35.40 -51.63
N SER A 12 -14.81 36.13 -50.83
CA SER A 12 -14.29 35.59 -49.57
C SER A 12 -15.33 35.65 -48.47
N GLY A 13 -15.10 34.89 -47.41
CA GLY A 13 -16.04 34.87 -46.29
C GLY A 13 -15.72 33.79 -45.28
N LEU A 14 -15.64 34.17 -44.02
CA LEU A 14 -15.33 33.23 -42.95
C LEU A 14 -15.71 33.80 -41.58
N VAL A 15 -16.63 33.13 -40.89
CA VAL A 15 -17.07 33.56 -39.58
C VAL A 15 -17.00 32.43 -38.57
N PRO A 16 -16.89 32.79 -37.27
CA PRO A 16 -16.82 31.81 -36.18
C PRO A 16 -18.14 31.08 -35.97
N ARG A 17 -18.21 29.85 -36.44
CA ARG A 17 -19.41 29.04 -36.30
C ARG A 17 -19.12 27.75 -35.53
N GLY A 18 -19.53 27.72 -34.27
CA GLY A 18 -19.30 26.55 -33.45
C GLY A 18 -20.02 26.62 -32.11
N SER A 19 -19.65 25.73 -31.20
CA SER A 19 -20.28 25.71 -29.87
C SER A 19 -19.28 25.26 -28.81
N HIS A 20 -19.23 25.98 -27.70
CA HIS A 20 -18.33 25.66 -26.61
C HIS A 20 -19.00 25.88 -25.26
N MET A 21 -18.76 24.96 -24.32
CA MET A 21 -19.35 25.05 -22.99
C MET A 21 -20.87 25.09 -23.06
N ILE A 22 -21.45 24.09 -23.72
CA ILE A 22 -22.90 24.00 -23.86
C ILE A 22 -23.51 23.15 -22.76
N SER A 23 -24.73 23.49 -22.37
CA SER A 23 -25.43 22.76 -21.31
C SER A 23 -25.48 21.27 -21.64
N LEU A 24 -25.43 20.94 -22.93
CA LEU A 24 -25.47 19.56 -23.37
C LEU A 24 -24.10 19.08 -23.81
N SER A 25 -23.09 19.33 -22.98
CA SER A 25 -21.72 18.92 -23.29
C SER A 25 -21.57 17.42 -23.21
N GLY A 26 -21.04 16.82 -24.28
CA GLY A 26 -20.84 15.38 -24.30
C GLY A 26 -19.58 14.98 -25.05
N LEU A 27 -18.44 15.50 -24.60
CA LEU A 27 -17.17 15.19 -25.23
C LEU A 27 -16.42 14.11 -24.44
N THR A 28 -15.15 13.90 -24.79
CA THR A 28 -14.32 12.91 -24.13
C THR A 28 -14.48 12.99 -22.61
N SER A 29 -15.13 11.99 -22.03
CA SER A 29 -15.36 11.96 -20.59
C SER A 29 -14.05 12.14 -19.83
N SER A 30 -14.15 12.40 -18.53
CA SER A 30 -12.97 12.60 -17.70
C SER A 30 -13.10 11.84 -16.38
N VAL A 31 -12.17 12.09 -15.47
CA VAL A 31 -12.18 11.42 -14.17
C VAL A 31 -12.63 9.97 -14.29
N GLU A 32 -12.11 9.28 -15.30
CA GLU A 32 -12.47 7.89 -15.53
C GLU A 32 -11.87 6.99 -14.45
N SER A 33 -10.74 7.42 -13.89
CA SER A 33 -10.08 6.66 -12.84
C SER A 33 -9.71 7.55 -11.66
N ASP A 34 -10.32 8.74 -11.61
CA ASP A 34 -10.07 9.69 -10.53
C ASP A 34 -11.02 9.45 -9.37
N LEU A 35 -12.18 8.86 -9.66
CA LEU A 35 -13.17 8.58 -8.63
C LEU A 35 -13.00 7.17 -8.08
N ASP A 36 -11.84 6.57 -8.35
CA ASP A 36 -11.55 5.23 -7.88
C ASP A 36 -11.12 5.24 -6.41
N MET A 37 -10.53 6.35 -5.99
CA MET A 37 -10.08 6.49 -4.61
C MET A 37 -11.25 6.44 -3.65
N GLN A 38 -12.45 6.70 -4.16
CA GLN A 38 -13.66 6.67 -3.34
C GLN A 38 -13.76 5.37 -2.56
N GLN A 39 -13.29 4.29 -3.16
CA GLN A 39 -13.33 2.98 -2.52
C GLN A 39 -12.58 3.00 -1.18
N ALA A 40 -11.54 3.81 -1.11
CA ALA A 40 -10.74 3.93 0.11
C ALA A 40 -11.57 4.51 1.25
N MET A 41 -12.48 5.42 0.90
CA MET A 41 -13.34 6.06 1.89
C MET A 41 -14.07 5.01 2.73
N LEU A 42 -14.70 4.05 2.05
CA LEU A 42 -15.43 2.99 2.73
C LEU A 42 -14.51 2.17 3.62
N THR A 43 -13.22 2.26 3.36
CA THR A 43 -12.23 1.53 4.14
C THR A 43 -11.09 2.43 4.60
N ASN A 44 -11.41 3.38 5.47
CA ASN A 44 -10.42 4.32 5.98
C ASN A 44 -9.47 3.62 6.95
N LYS A 45 -8.63 4.41 7.62
CA LYS A 45 -7.66 3.87 8.57
C LYS A 45 -8.13 4.10 10.01
N ASP A 46 -7.47 3.44 10.95
CA ASP A 46 -7.82 3.57 12.36
C ASP A 46 -6.63 4.08 13.17
N GLU A 47 -6.89 4.54 14.38
CA GLU A 47 -5.84 5.05 15.25
C GLU A 47 -4.95 3.93 15.76
N LYS A 48 -5.57 2.82 16.16
CA LYS A 48 -4.83 1.67 16.65
C LYS A 48 -3.90 1.10 15.58
N VAL A 49 -4.31 1.24 14.32
CA VAL A 49 -3.52 0.76 13.20
C VAL A 49 -2.14 1.40 13.18
N LEU A 50 -2.07 2.66 13.61
CA LEU A 50 -0.82 3.40 13.64
C LEU A 50 0.21 2.70 14.53
N LYS A 51 -0.30 2.03 15.57
CA LYS A 51 0.58 1.31 16.50
C LYS A 51 1.55 0.40 15.74
N ALA A 52 1.10 -0.14 14.61
CA ALA A 52 1.93 -1.02 13.80
C ALA A 52 3.00 -0.24 13.08
N LEU A 53 2.64 0.92 12.54
CA LEU A 53 3.59 1.77 11.82
C LEU A 53 4.74 2.18 12.72
N GLU A 54 4.51 2.10 14.03
CA GLU A 54 5.54 2.47 14.99
C GLU A 54 6.73 1.52 14.92
N ARG A 55 6.45 0.23 14.75
CA ARG A 55 7.50 -0.77 14.66
C ARG A 55 8.15 -0.76 13.28
N THR A 56 7.36 -0.45 12.26
CA THR A 56 7.86 -0.40 10.89
C THR A 56 8.71 0.84 10.66
N ARG A 57 8.20 1.99 11.10
CA ARG A 57 8.90 3.25 10.93
C ARG A 57 10.31 3.16 11.52
N GLN A 58 10.49 2.29 12.51
CA GLN A 58 11.78 2.12 13.15
C GLN A 58 12.82 1.60 12.15
N LEU A 59 12.40 0.68 11.29
CA LEU A 59 13.29 0.11 10.29
C LEU A 59 13.20 0.87 8.98
N ASP A 60 12.61 2.06 9.04
CA ASP A 60 12.46 2.91 7.85
C ASP A 60 11.55 2.24 6.83
N ILE A 61 10.26 2.23 7.11
CA ILE A 61 9.28 1.63 6.20
C ILE A 61 8.12 2.58 5.93
N PRO A 62 7.78 2.74 4.65
CA PRO A 62 6.68 3.61 4.22
C PRO A 62 5.31 3.07 4.61
N ASP A 63 4.44 3.94 5.07
CA ASP A 63 3.10 3.54 5.48
C ASP A 63 2.28 3.09 4.27
N GLU A 64 2.81 3.33 3.07
CA GLU A 64 2.12 2.96 1.84
C GLU A 64 2.23 1.45 1.61
N LYS A 65 3.38 0.88 1.94
CA LYS A 65 3.61 -0.55 1.76
C LYS A 65 3.24 -1.32 3.03
N THR A 66 3.40 -0.67 4.18
CA THR A 66 3.09 -1.29 5.46
C THR A 66 1.58 -1.37 5.68
N MET A 67 0.86 -0.41 5.12
CA MET A 67 -0.59 -0.37 5.25
C MET A 67 -1.21 -1.71 4.89
N PRO A 68 -0.97 -2.15 3.64
CA PRO A 68 -1.49 -3.42 3.13
C PRO A 68 -0.83 -4.62 3.79
N VAL A 69 0.30 -4.38 4.46
CA VAL A 69 1.04 -5.44 5.13
C VAL A 69 0.42 -5.76 6.48
N LEU A 70 0.32 -4.75 7.34
CA LEU A 70 -0.25 -4.92 8.67
C LEU A 70 -1.66 -5.49 8.58
N MET A 71 -2.42 -5.03 7.59
CA MET A 71 -3.79 -5.49 7.39
C MET A 71 -3.81 -6.95 6.95
N LYS A 72 -2.73 -7.39 6.33
CA LYS A 72 -2.62 -8.76 5.85
C LYS A 72 -2.68 -9.75 7.02
N LEU A 73 -2.19 -9.32 8.17
CA LEU A 73 -2.19 -10.16 9.36
C LEU A 73 -3.55 -10.15 10.04
N LEU A 74 -4.08 -8.95 10.27
CA LEU A 74 -5.38 -8.80 10.91
C LEU A 74 -6.49 -9.34 10.03
N GLU A 75 -6.22 -9.42 8.72
CA GLU A 75 -7.21 -9.92 7.78
C GLU A 75 -7.40 -11.43 7.94
N GLU A 76 -6.29 -12.17 7.92
CA GLU A 76 -6.35 -13.62 8.07
C GLU A 76 -6.54 -14.01 9.52
N ALA A 77 -5.90 -13.27 10.42
CA ALA A 77 -6.00 -13.54 11.85
C ALA A 77 -7.35 -13.10 12.40
N GLY A 78 -8.11 -12.38 11.57
CA GLY A 78 -9.42 -11.91 11.99
C GLY A 78 -9.35 -10.57 12.70
N GLY A 79 -8.13 -10.15 13.07
CA GLY A 79 -7.96 -8.90 13.75
C GLY A 79 -7.52 -9.07 15.20
N ASN A 80 -6.54 -9.94 15.42
CA ASN A 80 -6.04 -10.21 16.76
C ASN A 80 -4.65 -9.62 16.95
N TRP A 81 -4.57 -8.46 17.59
CA TRP A 81 -3.30 -7.80 17.84
C TRP A 81 -2.45 -8.59 18.84
N SER A 82 -3.13 -9.28 19.76
CA SER A 82 -2.44 -10.07 20.76
C SER A 82 -1.47 -11.06 20.12
N TYR A 83 -1.99 -11.88 19.22
CA TYR A 83 -1.17 -12.87 18.52
C TYR A 83 -0.26 -12.21 17.50
N ILE A 84 -0.78 -11.18 16.83
CA ILE A 84 -0.01 -10.46 15.82
C ILE A 84 1.16 -9.72 16.45
N LYS A 85 1.03 -9.40 17.74
CA LYS A 85 2.08 -8.69 18.46
C LYS A 85 2.90 -9.65 19.32
N LEU A 86 2.52 -10.93 19.30
CA LEU A 86 3.21 -11.95 20.08
C LEU A 86 4.71 -11.88 19.84
N ASP A 87 5.10 -11.47 18.65
CA ASP A 87 6.51 -11.36 18.29
C ASP A 87 6.87 -9.93 17.93
N ASN A 88 6.11 -8.98 18.47
CA ASN A 88 6.35 -7.56 18.20
C ASN A 88 6.10 -7.24 16.72
N TYR A 89 5.01 -7.77 16.19
CA TYR A 89 4.64 -7.54 14.80
C TYR A 89 5.72 -8.08 13.86
N THR A 90 6.35 -9.18 14.27
CA THR A 90 7.40 -9.81 13.47
C THR A 90 6.93 -10.05 12.04
N ALA A 91 5.64 -10.34 11.88
CA ALA A 91 5.08 -10.58 10.57
C ALA A 91 5.42 -9.46 9.60
N LEU A 92 5.47 -8.23 10.11
CA LEU A 92 5.79 -7.07 9.29
C LEU A 92 7.23 -7.13 8.80
N VAL A 93 8.12 -7.66 9.64
CA VAL A 93 9.52 -7.78 9.30
C VAL A 93 9.72 -8.70 8.10
N ASP A 94 9.11 -9.88 8.15
CA ASP A 94 9.21 -10.85 7.07
C ASP A 94 8.35 -10.43 5.88
N ALA A 95 7.25 -9.75 6.17
CA ALA A 95 6.34 -9.29 5.12
C ALA A 95 6.97 -8.17 4.30
N ILE A 96 7.36 -7.10 4.97
CA ILE A 96 7.99 -5.96 4.30
C ILE A 96 9.22 -6.39 3.52
N TYR A 97 10.07 -7.19 4.16
CA TYR A 97 11.29 -7.67 3.52
C TYR A 97 10.97 -8.50 2.29
N SER A 98 9.82 -9.17 2.31
CA SER A 98 9.40 -10.00 1.19
C SER A 98 8.87 -9.14 0.04
N VAL A 99 7.88 -8.31 0.35
CA VAL A 99 7.29 -7.43 -0.65
C VAL A 99 8.32 -6.45 -1.21
N GLU A 100 9.01 -5.76 -0.31
CA GLU A 100 10.02 -4.79 -0.72
C GLU A 100 11.01 -5.41 -1.70
N ASP A 101 11.24 -6.71 -1.57
CA ASP A 101 12.15 -7.42 -2.45
C ASP A 101 11.77 -7.20 -3.92
N GLU A 102 10.49 -7.35 -4.22
CA GLU A 102 10.00 -7.17 -5.58
C GLU A 102 8.74 -6.30 -5.60
N ASN A 103 8.78 -5.23 -6.39
CA ASN A 103 7.65 -4.32 -6.49
C ASN A 103 7.07 -4.33 -7.91
N LYS A 104 7.93 -4.13 -8.90
CA LYS A 104 7.49 -4.13 -10.29
C LYS A 104 7.71 -5.50 -10.93
N GLN A 105 8.72 -6.22 -10.46
CA GLN A 105 9.02 -7.55 -10.98
C GLN A 105 7.79 -8.44 -10.96
N SER A 106 7.79 -9.46 -11.81
CA SER A 106 6.66 -10.38 -11.89
C SER A 106 5.38 -9.64 -12.23
N GLU A 107 5.35 -9.04 -13.43
CA GLU A 107 4.18 -8.31 -13.88
C GLU A 107 3.87 -8.61 -15.35
N GLY A 108 2.58 -8.65 -15.68
CA GLY A 108 2.19 -8.94 -17.05
C GLY A 108 2.39 -10.38 -17.42
N SER A 109 3.64 -10.76 -17.69
CA SER A 109 3.96 -12.13 -18.07
C SER A 109 4.54 -12.90 -16.88
N MET A 1 -59.91 -3.25 -33.78
CA MET A 1 -60.98 -2.48 -33.18
C MET A 1 -61.06 -2.73 -31.68
N GLY A 2 -61.28 -1.66 -30.91
CA GLY A 2 -61.37 -1.79 -29.47
C GLY A 2 -60.49 -0.77 -28.75
N SER A 3 -60.93 -0.37 -27.55
CA SER A 3 -60.18 0.60 -26.77
C SER A 3 -60.39 0.36 -25.27
N SER A 4 -59.30 0.41 -24.52
CA SER A 4 -59.36 0.20 -23.07
C SER A 4 -58.38 1.11 -22.34
N HIS A 5 -58.81 1.61 -21.19
CA HIS A 5 -57.96 2.50 -20.40
C HIS A 5 -57.58 1.85 -19.08
N HIS A 6 -56.40 2.22 -18.57
CA HIS A 6 -55.91 1.66 -17.31
C HIS A 6 -55.55 2.77 -16.33
N HIS A 7 -55.69 2.49 -15.04
CA HIS A 7 -55.37 3.47 -14.00
C HIS A 7 -54.65 2.80 -12.83
N HIS A 8 -53.43 3.24 -12.56
CA HIS A 8 -52.63 2.69 -11.47
C HIS A 8 -52.49 3.70 -10.34
N HIS A 9 -52.48 3.20 -9.11
CA HIS A 9 -52.35 4.06 -7.93
C HIS A 9 -51.02 3.82 -7.22
N HIS A 10 -50.41 4.90 -6.74
CA HIS A 10 -49.14 4.80 -6.03
C HIS A 10 -49.35 4.41 -4.57
N SER A 11 -49.44 3.10 -4.33
CA SER A 11 -49.64 2.58 -2.99
C SER A 11 -48.49 3.00 -2.07
N SER A 12 -48.82 3.29 -0.81
CA SER A 12 -47.82 3.71 0.16
C SER A 12 -46.93 2.54 0.56
N GLY A 13 -45.81 2.84 1.21
CA GLY A 13 -44.89 1.80 1.63
C GLY A 13 -43.61 1.79 0.80
N LEU A 14 -43.22 0.61 0.35
CA LEU A 14 -42.01 0.46 -0.44
C LEU A 14 -40.80 1.07 0.27
N VAL A 15 -40.76 0.90 1.58
CA VAL A 15 -39.66 1.43 2.39
C VAL A 15 -38.31 1.00 1.82
N PRO A 16 -37.26 1.78 2.13
CA PRO A 16 -35.90 1.50 1.66
C PRO A 16 -35.31 0.27 2.32
N ARG A 17 -34.08 -0.07 1.93
CA ARG A 17 -33.40 -1.24 2.50
C ARG A 17 -31.91 -1.20 2.17
N GLY A 18 -31.13 -1.98 2.90
CA GLY A 18 -29.69 -2.03 2.67
C GLY A 18 -29.34 -2.77 1.40
N SER A 19 -28.94 -2.02 0.37
CA SER A 19 -28.56 -2.60 -0.91
C SER A 19 -27.20 -2.11 -1.36
N HIS A 20 -26.41 -3.00 -1.96
CA HIS A 20 -25.08 -2.65 -2.44
C HIS A 20 -24.95 -2.92 -3.93
N MET A 21 -26.06 -2.81 -4.65
CA MET A 21 -26.07 -3.05 -6.09
C MET A 21 -26.28 -1.74 -6.86
N ILE A 22 -25.83 -1.72 -8.10
CA ILE A 22 -25.97 -0.53 -8.94
C ILE A 22 -25.66 -0.86 -10.40
N SER A 23 -26.37 -0.19 -11.30
CA SER A 23 -26.18 -0.41 -12.73
C SER A 23 -24.95 0.33 -13.23
N LEU A 24 -23.79 -0.01 -12.67
CA LEU A 24 -22.53 0.61 -13.05
C LEU A 24 -21.99 0.00 -14.35
N SER A 25 -21.74 -1.30 -14.31
CA SER A 25 -21.21 -2.01 -15.48
C SER A 25 -22.35 -2.64 -16.28
N GLY A 26 -23.32 -1.83 -16.67
CA GLY A 26 -24.44 -2.33 -17.43
C GLY A 26 -24.64 -1.57 -18.74
N LEU A 27 -23.78 -1.84 -19.71
CA LEU A 27 -23.86 -1.16 -21.00
C LEU A 27 -24.18 0.32 -20.84
N THR A 28 -23.61 0.92 -19.78
CA THR A 28 -23.82 2.33 -19.52
C THR A 28 -22.50 3.07 -19.36
N SER A 29 -21.52 2.40 -18.76
CA SER A 29 -20.21 3.00 -18.55
C SER A 29 -19.21 1.95 -18.06
N SER A 30 -17.98 2.04 -18.55
CA SER A 30 -16.93 1.11 -18.17
C SER A 30 -16.53 1.30 -16.71
N VAL A 31 -15.50 0.60 -16.28
CA VAL A 31 -15.00 0.69 -14.91
C VAL A 31 -13.81 1.63 -14.82
N GLU A 32 -13.85 2.73 -15.58
CA GLU A 32 -12.78 3.70 -15.59
C GLU A 32 -12.79 4.53 -14.31
N SER A 33 -13.95 4.62 -13.67
CA SER A 33 -14.10 5.38 -12.44
C SER A 33 -14.41 4.46 -11.27
N ASP A 34 -14.92 3.28 -11.57
CA ASP A 34 -15.26 2.30 -10.53
C ASP A 34 -14.05 2.01 -9.65
N LEU A 35 -12.86 2.18 -10.21
CA LEU A 35 -11.61 1.92 -9.48
C LEU A 35 -11.52 2.83 -8.26
N ASP A 36 -12.18 3.98 -8.32
CA ASP A 36 -12.16 4.93 -7.22
C ASP A 36 -12.57 4.25 -5.91
N MET A 37 -13.40 3.22 -6.01
CA MET A 37 -13.85 2.49 -4.84
C MET A 37 -12.67 2.03 -3.99
N GLN A 38 -11.53 1.80 -4.63
CA GLN A 38 -10.34 1.37 -3.93
C GLN A 38 -9.96 2.35 -2.82
N GLN A 39 -10.38 3.61 -2.98
CA GLN A 39 -10.10 4.64 -2.01
C GLN A 39 -10.56 4.22 -0.61
N ALA A 40 -11.66 3.47 -0.56
CA ALA A 40 -12.21 2.99 0.70
C ALA A 40 -11.23 2.09 1.42
N MET A 41 -10.33 1.46 0.66
CA MET A 41 -9.34 0.56 1.22
C MET A 41 -8.20 1.34 1.87
N LEU A 42 -7.72 2.38 1.18
CA LEU A 42 -6.64 3.21 1.70
C LEU A 42 -7.10 4.01 2.90
N THR A 43 -8.39 4.35 2.94
CA THR A 43 -8.95 5.12 4.05
C THR A 43 -9.67 4.21 5.04
N ASN A 44 -9.19 2.97 5.16
CA ASN A 44 -9.79 2.00 6.07
C ASN A 44 -8.94 1.85 7.33
N LYS A 45 -7.85 2.60 7.40
CA LYS A 45 -6.96 2.56 8.55
C LYS A 45 -7.74 2.81 9.84
N ASP A 46 -7.06 2.64 10.97
CA ASP A 46 -7.69 2.83 12.28
C ASP A 46 -6.70 3.47 13.26
N GLU A 47 -7.17 3.74 14.47
CA GLU A 47 -6.34 4.34 15.50
C GLU A 47 -5.25 3.37 15.95
N LYS A 48 -5.63 2.12 16.12
CA LYS A 48 -4.68 1.08 16.56
C LYS A 48 -3.69 0.76 15.45
N VAL A 49 -4.15 0.85 14.21
CA VAL A 49 -3.30 0.56 13.05
C VAL A 49 -2.07 1.44 13.05
N LEU A 50 -2.19 2.64 13.62
CA LEU A 50 -1.08 3.58 13.69
C LEU A 50 0.03 3.06 14.59
N LYS A 51 -0.34 2.14 15.48
CA LYS A 51 0.63 1.55 16.41
C LYS A 51 1.59 0.62 15.67
N ALA A 52 1.08 -0.11 14.69
CA ALA A 52 1.89 -1.02 13.91
C ALA A 52 2.99 -0.29 13.15
N LEU A 53 2.63 0.86 12.57
CA LEU A 53 3.58 1.66 11.82
C LEU A 53 4.79 2.04 12.68
N GLU A 54 4.59 2.04 13.98
CA GLU A 54 5.66 2.38 14.92
C GLU A 54 6.87 1.47 14.71
N ARG A 55 6.63 0.16 14.73
CA ARG A 55 7.70 -0.81 14.54
C ARG A 55 8.23 -0.76 13.11
N THR A 56 7.37 -0.44 12.17
CA THR A 56 7.76 -0.36 10.76
C THR A 56 8.57 0.90 10.49
N ARG A 57 8.28 1.96 11.25
CA ARG A 57 8.98 3.23 11.08
C ARG A 57 10.44 3.11 11.52
N GLN A 58 10.67 2.31 12.57
CA GLN A 58 12.01 2.11 13.09
C GLN A 58 12.88 1.37 12.08
N LEU A 59 12.28 0.44 11.35
CA LEU A 59 12.99 -0.34 10.35
C LEU A 59 12.99 0.37 9.00
N ASP A 60 12.49 1.61 8.99
CA ASP A 60 12.43 2.40 7.76
C ASP A 60 11.49 1.76 6.75
N ILE A 61 10.19 1.91 6.97
CA ILE A 61 9.20 1.34 6.07
C ILE A 61 8.06 2.33 5.83
N PRO A 62 7.71 2.53 4.55
CA PRO A 62 6.63 3.45 4.15
C PRO A 62 5.26 2.92 4.55
N ASP A 63 4.40 3.83 5.01
CA ASP A 63 3.05 3.46 5.42
C ASP A 63 2.22 3.03 4.22
N GLU A 64 2.75 3.26 3.03
CA GLU A 64 2.06 2.89 1.79
C GLU A 64 2.14 1.40 1.55
N LYS A 65 3.24 0.79 1.98
CA LYS A 65 3.45 -0.64 1.81
C LYS A 65 3.12 -1.40 3.09
N THR A 66 3.22 -0.71 4.22
CA THR A 66 2.93 -1.32 5.51
C THR A 66 1.43 -1.48 5.72
N MET A 67 0.65 -0.58 5.12
CA MET A 67 -0.80 -0.64 5.25
C MET A 67 -1.33 -2.04 4.93
N PRO A 68 -1.03 -2.53 3.71
CA PRO A 68 -1.46 -3.85 3.27
C PRO A 68 -0.72 -4.97 3.99
N VAL A 69 0.37 -4.62 4.65
CA VAL A 69 1.17 -5.60 5.39
C VAL A 69 0.55 -5.90 6.76
N LEU A 70 0.25 -4.84 7.50
CA LEU A 70 -0.35 -4.99 8.82
C LEU A 70 -1.79 -5.50 8.72
N MET A 71 -2.52 -5.01 7.73
CA MET A 71 -3.90 -5.43 7.53
C MET A 71 -3.96 -6.89 7.06
N LYS A 72 -2.87 -7.36 6.47
CA LYS A 72 -2.80 -8.74 5.98
C LYS A 72 -2.87 -9.73 7.14
N LEU A 73 -2.38 -9.32 8.30
CA LEU A 73 -2.39 -10.17 9.49
C LEU A 73 -3.74 -10.08 10.20
N LEU A 74 -4.25 -8.87 10.33
CA LEU A 74 -5.54 -8.64 10.99
C LEU A 74 -6.69 -9.16 10.13
N GLU A 75 -6.46 -9.25 8.83
CA GLU A 75 -7.48 -9.73 7.90
C GLU A 75 -7.78 -11.21 8.14
N GLU A 76 -6.73 -12.02 8.15
CA GLU A 76 -6.88 -13.46 8.38
C GLU A 76 -7.11 -13.76 9.85
N ALA A 77 -6.40 -13.05 10.71
CA ALA A 77 -6.53 -13.23 12.15
C ALA A 77 -7.84 -12.65 12.67
N GLY A 78 -8.50 -11.86 11.83
CA GLY A 78 -9.76 -11.24 12.23
C GLY A 78 -9.55 -9.93 12.95
N GLY A 79 -8.31 -9.62 13.29
CA GLY A 79 -8.00 -8.38 13.99
C GLY A 79 -7.56 -8.62 15.42
N ASN A 80 -6.60 -9.51 15.60
CA ASN A 80 -6.08 -9.83 16.93
C ASN A 80 -4.65 -9.33 17.10
N TRP A 81 -4.50 -8.20 17.78
CA TRP A 81 -3.18 -7.62 18.01
C TRP A 81 -2.40 -8.45 19.03
N SER A 82 -3.11 -9.12 19.91
CA SER A 82 -2.48 -9.95 20.95
C SER A 82 -1.55 -10.98 20.31
N TYR A 83 -2.03 -11.62 19.25
CA TYR A 83 -1.24 -12.64 18.55
C TYR A 83 -0.35 -12.00 17.49
N ILE A 84 -0.87 -10.98 16.82
CA ILE A 84 -0.12 -10.29 15.78
C ILE A 84 1.08 -9.55 16.37
N LYS A 85 0.98 -9.19 17.64
CA LYS A 85 2.06 -8.49 18.32
C LYS A 85 2.86 -9.44 19.20
N LEU A 86 2.46 -10.70 19.22
CA LEU A 86 3.14 -11.72 20.02
C LEU A 86 4.65 -11.68 19.76
N ASP A 87 5.03 -11.31 18.55
CA ASP A 87 6.44 -11.24 18.17
C ASP A 87 6.82 -9.82 17.76
N ASN A 88 6.09 -8.84 18.29
CA ASN A 88 6.35 -7.43 17.97
C ASN A 88 6.08 -7.16 16.49
N TYR A 89 5.00 -7.75 15.97
CA TYR A 89 4.64 -7.56 14.57
C TYR A 89 5.71 -8.12 13.65
N THR A 90 6.29 -9.25 14.05
CA THR A 90 7.33 -9.89 13.26
C THR A 90 6.88 -10.10 11.81
N ALA A 91 5.59 -10.33 11.63
CA ALA A 91 5.04 -10.53 10.29
C ALA A 91 5.45 -9.41 9.36
N LEU A 92 5.52 -8.19 9.88
CA LEU A 92 5.91 -7.03 9.10
C LEU A 92 7.36 -7.14 8.63
N VAL A 93 8.19 -7.74 9.47
CA VAL A 93 9.60 -7.92 9.15
C VAL A 93 9.78 -8.84 7.95
N ASP A 94 9.12 -9.99 7.99
CA ASP A 94 9.21 -10.96 6.91
C ASP A 94 8.39 -10.51 5.70
N ALA A 95 7.33 -9.76 5.97
CA ALA A 95 6.47 -9.26 4.91
C ALA A 95 7.15 -8.13 4.13
N ILE A 96 7.53 -7.08 4.85
CA ILE A 96 8.18 -5.94 4.22
C ILE A 96 9.46 -6.37 3.52
N TYR A 97 10.17 -7.32 4.10
CA TYR A 97 11.41 -7.82 3.53
C TYR A 97 11.19 -8.39 2.13
N SER A 98 10.01 -9.01 1.94
CA SER A 98 9.67 -9.60 0.66
C SER A 98 9.27 -8.53 -0.35
N VAL A 99 8.30 -7.71 0.02
CA VAL A 99 7.82 -6.64 -0.85
C VAL A 99 8.95 -5.66 -1.19
N GLU A 100 9.59 -5.13 -0.16
CA GLU A 100 10.68 -4.18 -0.34
C GLU A 100 11.72 -4.74 -1.31
N ASP A 101 11.87 -6.06 -1.32
CA ASP A 101 12.82 -6.72 -2.20
C ASP A 101 12.62 -6.29 -3.65
N GLU A 102 11.49 -6.71 -4.23
CA GLU A 102 11.18 -6.37 -5.61
C GLU A 102 9.80 -5.71 -5.71
N ASN A 103 9.78 -4.49 -6.26
CA ASN A 103 8.53 -3.76 -6.40
C ASN A 103 8.21 -3.52 -7.88
N LYS A 104 9.24 -3.60 -8.72
CA LYS A 104 9.06 -3.41 -10.16
C LYS A 104 9.38 -4.69 -10.92
N GLN A 105 9.87 -5.69 -10.21
CA GLN A 105 10.22 -6.97 -10.82
C GLN A 105 11.18 -6.76 -11.99
N SER A 106 12.48 -6.84 -11.69
CA SER A 106 13.50 -6.67 -12.71
C SER A 106 14.82 -7.28 -12.27
N GLU A 107 15.86 -7.10 -13.10
CA GLU A 107 17.18 -7.65 -12.79
C GLU A 107 18.19 -6.53 -12.60
N GLY A 108 18.26 -5.99 -11.39
CA GLY A 108 19.20 -4.92 -11.10
C GLY A 108 20.06 -5.22 -9.89
N SER A 109 19.69 -4.66 -8.74
CA SER A 109 20.44 -4.87 -7.51
C SER A 109 20.65 -6.36 -7.25
N MET A 1 -2.59 50.89 -15.77
CA MET A 1 -2.63 50.41 -14.38
C MET A 1 -3.74 49.38 -14.20
N GLY A 2 -3.60 48.54 -13.18
CA GLY A 2 -4.60 47.51 -12.91
C GLY A 2 -4.01 46.31 -12.20
N SER A 3 -4.41 46.12 -10.95
CA SER A 3 -3.92 45.00 -10.15
C SER A 3 -5.07 44.28 -9.45
N SER A 4 -5.37 43.07 -9.92
CA SER A 4 -6.45 42.28 -9.35
C SER A 4 -6.20 40.79 -9.58
N HIS A 5 -6.69 39.98 -8.65
CA HIS A 5 -6.52 38.53 -8.74
C HIS A 5 -7.57 37.92 -9.66
N HIS A 6 -7.12 37.40 -10.80
CA HIS A 6 -8.02 36.79 -11.78
C HIS A 6 -7.67 35.32 -11.98
N HIS A 7 -8.67 34.46 -11.82
CA HIS A 7 -8.48 33.02 -11.99
C HIS A 7 -9.17 32.53 -13.26
N HIS A 8 -8.61 31.48 -13.86
CA HIS A 8 -9.16 30.91 -15.09
C HIS A 8 -9.34 29.40 -14.95
N HIS A 9 -10.49 28.91 -15.38
CA HIS A 9 -10.78 27.48 -15.31
C HIS A 9 -10.68 26.83 -16.68
N HIS A 10 -10.86 25.52 -16.74
CA HIS A 10 -10.79 24.78 -17.99
C HIS A 10 -12.05 23.96 -18.21
N SER A 11 -12.41 23.77 -19.48
CA SER A 11 -13.61 23.01 -19.83
C SER A 11 -13.23 21.65 -20.40
N SER A 12 -14.09 20.66 -20.19
CA SER A 12 -13.86 19.31 -20.68
C SER A 12 -15.06 18.79 -21.46
N GLY A 13 -14.79 18.07 -22.54
CA GLY A 13 -15.86 17.53 -23.37
C GLY A 13 -15.62 16.09 -23.76
N LEU A 14 -16.41 15.18 -23.19
CA LEU A 14 -16.28 13.77 -23.49
C LEU A 14 -17.51 13.24 -24.23
N VAL A 15 -18.67 13.36 -23.58
CA VAL A 15 -19.91 12.90 -24.18
C VAL A 15 -19.84 11.42 -24.55
N PRO A 16 -21.02 10.79 -24.73
CA PRO A 16 -21.11 9.38 -25.08
C PRO A 16 -20.65 9.11 -26.52
N ARG A 17 -19.54 8.38 -26.63
CA ARG A 17 -18.99 8.05 -27.96
C ARG A 17 -19.29 6.61 -28.32
N GLY A 18 -18.57 5.68 -27.70
CA GLY A 18 -18.77 4.27 -27.98
C GLY A 18 -18.62 3.41 -26.74
N SER A 19 -19.44 2.36 -26.63
CA SER A 19 -19.39 1.46 -25.49
C SER A 19 -18.50 0.26 -25.79
N HIS A 20 -18.54 -0.20 -27.03
CA HIS A 20 -17.74 -1.36 -27.45
C HIS A 20 -16.35 -0.91 -27.91
N MET A 21 -15.52 -1.88 -28.27
CA MET A 21 -14.16 -1.58 -28.73
C MET A 21 -13.51 -2.83 -29.31
N ILE A 22 -12.63 -2.64 -30.30
CA ILE A 22 -11.94 -3.74 -30.94
C ILE A 22 -10.46 -3.43 -31.10
N SER A 23 -9.64 -4.49 -31.17
CA SER A 23 -8.21 -4.33 -31.33
C SER A 23 -7.89 -3.45 -32.54
N LEU A 24 -8.78 -3.47 -33.53
CA LEU A 24 -8.59 -2.68 -34.73
C LEU A 24 -8.37 -1.20 -34.39
N SER A 25 -8.92 -0.78 -33.25
CA SER A 25 -8.79 0.61 -32.82
C SER A 25 -8.44 0.67 -31.33
N GLY A 26 -7.39 1.43 -31.01
CA GLY A 26 -6.98 1.56 -29.62
C GLY A 26 -6.75 3.01 -29.22
N LEU A 27 -7.82 3.68 -28.80
CA LEU A 27 -7.73 5.07 -28.39
C LEU A 27 -8.08 5.23 -26.90
N THR A 28 -8.71 4.21 -26.35
CA THR A 28 -9.08 4.23 -24.94
C THR A 28 -8.11 3.40 -24.09
N SER A 29 -8.19 3.58 -22.78
CA SER A 29 -7.31 2.86 -21.86
C SER A 29 -8.08 1.77 -21.12
N SER A 30 -7.44 1.18 -20.11
CA SER A 30 -8.07 0.13 -19.32
C SER A 30 -8.33 0.60 -17.91
N VAL A 31 -8.94 -0.27 -17.11
CA VAL A 31 -9.26 0.06 -15.72
C VAL A 31 -8.24 -0.57 -14.76
N GLU A 32 -6.97 -0.43 -15.10
CA GLU A 32 -5.90 -0.97 -14.27
C GLU A 32 -5.76 -0.19 -12.96
N SER A 33 -6.19 1.07 -13.00
CA SER A 33 -6.11 1.93 -11.82
C SER A 33 -7.50 2.34 -11.35
N ASP A 34 -8.46 2.30 -12.27
CA ASP A 34 -9.83 2.67 -11.94
C ASP A 34 -10.38 1.78 -10.83
N LEU A 35 -9.80 0.61 -10.67
CA LEU A 35 -10.23 -0.34 -9.64
C LEU A 35 -9.41 -0.15 -8.36
N ASP A 36 -8.72 0.98 -8.26
CA ASP A 36 -7.91 1.29 -7.10
C ASP A 36 -8.78 1.75 -5.94
N MET A 37 -9.94 2.32 -6.27
CA MET A 37 -10.87 2.82 -5.26
C MET A 37 -11.23 1.71 -4.27
N GLN A 38 -11.51 0.52 -4.80
CA GLN A 38 -11.87 -0.62 -3.96
C GLN A 38 -10.82 -0.86 -2.88
N GLN A 39 -9.56 -0.63 -3.22
CA GLN A 39 -8.47 -0.82 -2.28
C GLN A 39 -8.66 0.04 -1.04
N ALA A 40 -9.44 1.11 -1.17
CA ALA A 40 -9.70 2.01 -0.06
C ALA A 40 -10.41 1.28 1.08
N MET A 41 -11.01 0.13 0.76
CA MET A 41 -11.71 -0.66 1.76
C MET A 41 -10.75 -1.59 2.49
N LEU A 42 -9.86 -2.24 1.73
CA LEU A 42 -8.89 -3.15 2.30
C LEU A 42 -7.83 -2.40 3.11
N THR A 43 -7.61 -1.13 2.75
CA THR A 43 -6.63 -0.30 3.44
C THR A 43 -7.30 0.59 4.47
N ASN A 44 -8.33 0.05 5.13
CA ASN A 44 -9.05 0.80 6.16
C ASN A 44 -8.12 1.17 7.31
N LYS A 45 -7.96 2.48 7.53
CA LYS A 45 -7.10 2.97 8.60
C LYS A 45 -7.83 2.94 9.93
N ASP A 46 -7.07 2.80 11.02
CA ASP A 46 -7.64 2.76 12.36
C ASP A 46 -6.67 3.32 13.39
N GLU A 47 -7.17 3.59 14.59
CA GLU A 47 -6.34 4.14 15.65
C GLU A 47 -5.23 3.16 16.03
N LYS A 48 -5.57 1.88 16.12
CA LYS A 48 -4.60 0.85 16.47
C LYS A 48 -3.58 0.67 15.35
N VAL A 49 -4.02 0.87 14.11
CA VAL A 49 -3.13 0.75 12.96
C VAL A 49 -1.92 1.66 13.09
N LEU A 50 -2.08 2.76 13.81
CA LEU A 50 -1.00 3.71 14.02
C LEU A 50 0.11 3.10 14.86
N LYS A 51 -0.22 2.06 15.61
CA LYS A 51 0.75 1.38 16.45
C LYS A 51 1.69 0.51 15.62
N ALA A 52 1.14 -0.11 14.58
CA ALA A 52 1.93 -0.96 13.70
C ALA A 52 3.02 -0.17 12.99
N LEU A 53 2.66 1.01 12.51
CA LEU A 53 3.61 1.88 11.81
C LEU A 53 4.79 2.23 12.71
N GLU A 54 4.59 2.10 14.02
CA GLU A 54 5.63 2.40 14.99
C GLU A 54 6.79 1.42 14.87
N ARG A 55 6.47 0.15 14.69
CA ARG A 55 7.47 -0.90 14.56
C ARG A 55 8.10 -0.89 13.18
N THR A 56 7.29 -0.53 12.17
CA THR A 56 7.76 -0.48 10.79
C THR A 56 8.66 0.74 10.56
N ARG A 57 8.20 1.90 11.03
CA ARG A 57 8.96 3.14 10.86
C ARG A 57 10.37 2.98 11.43
N GLN A 58 10.51 2.10 12.41
CA GLN A 58 11.81 1.87 13.03
C GLN A 58 12.80 1.31 12.03
N LEU A 59 12.33 0.39 11.18
CA LEU A 59 13.18 -0.22 10.17
C LEU A 59 13.13 0.57 8.87
N ASP A 60 12.58 1.78 8.93
CA ASP A 60 12.47 2.63 7.75
C ASP A 60 11.55 2.00 6.70
N ILE A 61 10.25 2.04 6.98
CA ILE A 61 9.26 1.48 6.06
C ILE A 61 8.15 2.48 5.77
N PRO A 62 7.83 2.66 4.48
CA PRO A 62 6.78 3.58 4.05
C PRO A 62 5.39 3.09 4.42
N ASP A 63 4.53 4.00 4.84
CA ASP A 63 3.17 3.67 5.23
C ASP A 63 2.36 3.22 4.02
N GLU A 64 2.92 3.43 2.82
CA GLU A 64 2.25 3.04 1.59
C GLU A 64 2.30 1.54 1.38
N LYS A 65 3.39 0.92 1.81
CA LYS A 65 3.58 -0.52 1.68
C LYS A 65 3.19 -1.24 2.97
N THR A 66 3.38 -0.57 4.09
CA THR A 66 3.05 -1.14 5.39
C THR A 66 1.54 -1.24 5.59
N MET A 67 0.81 -0.31 4.97
CA MET A 67 -0.65 -0.30 5.07
C MET A 67 -1.22 -1.67 4.75
N PRO A 68 -0.98 -2.15 3.53
CA PRO A 68 -1.47 -3.45 3.07
C PRO A 68 -0.77 -4.61 3.76
N VAL A 69 0.33 -4.31 4.43
CA VAL A 69 1.10 -5.34 5.14
C VAL A 69 0.46 -5.66 6.49
N LEU A 70 0.31 -4.63 7.32
CA LEU A 70 -0.29 -4.80 8.64
C LEU A 70 -1.69 -5.37 8.53
N MET A 71 -2.48 -4.83 7.60
CA MET A 71 -3.85 -5.29 7.40
C MET A 71 -3.88 -6.77 7.03
N LYS A 72 -2.78 -7.26 6.46
CA LYS A 72 -2.68 -8.65 6.06
C LYS A 72 -2.68 -9.56 7.29
N LEU A 73 -2.15 -9.05 8.39
CA LEU A 73 -2.08 -9.82 9.64
C LEU A 73 -3.45 -9.90 10.29
N LEU A 74 -4.18 -8.79 10.30
CA LEU A 74 -5.51 -8.74 10.91
C LEU A 74 -6.49 -9.60 10.10
N GLU A 75 -6.19 -9.81 8.83
CA GLU A 75 -7.04 -10.61 7.96
C GLU A 75 -7.21 -12.03 8.51
N GLU A 76 -6.08 -12.69 8.76
CA GLU A 76 -6.10 -14.05 9.28
C GLU A 76 -6.39 -14.06 10.77
N ALA A 77 -5.96 -13.00 11.46
CA ALA A 77 -6.18 -12.88 12.89
C ALA A 77 -7.58 -12.31 13.20
N GLY A 78 -8.36 -12.11 12.14
CA GLY A 78 -9.71 -11.57 12.31
C GLY A 78 -9.71 -10.27 13.09
N GLY A 79 -8.59 -9.56 13.06
CA GLY A 79 -8.49 -8.30 13.78
C GLY A 79 -8.01 -8.48 15.20
N ASN A 80 -7.06 -9.39 15.41
CA ASN A 80 -6.51 -9.65 16.73
C ASN A 80 -5.04 -9.28 16.79
N TRP A 81 -4.75 -8.15 17.42
CA TRP A 81 -3.37 -7.69 17.56
C TRP A 81 -2.65 -8.42 18.67
N SER A 82 -3.42 -8.97 19.61
CA SER A 82 -2.85 -9.69 20.74
C SER A 82 -1.87 -10.76 20.26
N TYR A 83 -2.32 -11.60 19.34
CA TYR A 83 -1.48 -12.66 18.81
C TYR A 83 -0.49 -12.11 17.79
N ILE A 84 -0.95 -11.21 16.94
CA ILE A 84 -0.11 -10.60 15.93
C ILE A 84 1.08 -9.88 16.56
N LYS A 85 0.91 -9.44 17.81
CA LYS A 85 1.96 -8.74 18.51
C LYS A 85 2.74 -9.70 19.41
N LEU A 86 2.46 -10.99 19.28
CA LEU A 86 3.14 -12.01 20.07
C LEU A 86 4.64 -12.03 19.78
N ASP A 87 5.02 -11.42 18.67
CA ASP A 87 6.43 -11.36 18.28
C ASP A 87 6.80 -9.96 17.81
N ASN A 88 6.07 -8.96 18.31
CA ASN A 88 6.33 -7.57 17.94
C ASN A 88 6.00 -7.33 16.47
N TYR A 89 4.92 -7.94 16.01
CA TYR A 89 4.50 -7.79 14.61
C TYR A 89 5.57 -8.32 13.66
N THR A 90 6.17 -9.45 14.04
CA THR A 90 7.21 -10.06 13.22
C THR A 90 6.74 -10.23 11.78
N ALA A 91 5.45 -10.48 11.60
CA ALA A 91 4.88 -10.66 10.27
C ALA A 91 5.26 -9.51 9.35
N LEU A 92 5.33 -8.31 9.90
CA LEU A 92 5.69 -7.12 9.13
C LEU A 92 7.14 -7.18 8.68
N VAL A 93 7.99 -7.76 9.52
CA VAL A 93 9.41 -7.88 9.21
C VAL A 93 9.63 -8.76 7.98
N ASP A 94 8.99 -9.93 7.98
CA ASP A 94 9.12 -10.86 6.86
C ASP A 94 8.31 -10.38 5.66
N ALA A 95 7.23 -9.67 5.94
CA ALA A 95 6.37 -9.15 4.88
C ALA A 95 7.06 -8.01 4.12
N ILE A 96 7.46 -6.98 4.84
CA ILE A 96 8.14 -5.84 4.23
C ILE A 96 9.42 -6.27 3.53
N TYR A 97 10.13 -7.22 4.13
CA TYR A 97 11.38 -7.72 3.57
C TYR A 97 11.15 -8.33 2.18
N SER A 98 9.98 -8.94 2.00
CA SER A 98 9.63 -9.56 0.72
C SER A 98 9.25 -8.51 -0.31
N VAL A 99 8.27 -7.67 0.04
CA VAL A 99 7.80 -6.62 -0.84
C VAL A 99 8.93 -5.66 -1.20
N GLU A 100 9.59 -5.12 -0.17
CA GLU A 100 10.68 -4.19 -0.38
C GLU A 100 11.71 -4.75 -1.35
N ASP A 101 11.85 -6.07 -1.36
CA ASP A 101 12.79 -6.75 -2.25
C ASP A 101 12.12 -7.13 -3.56
N GLU A 102 12.93 -7.44 -4.57
CA GLU A 102 12.42 -7.82 -5.88
C GLU A 102 11.41 -6.78 -6.38
N ASN A 103 11.91 -5.62 -6.77
CA ASN A 103 11.05 -4.55 -7.27
C ASN A 103 11.02 -4.55 -8.80
N LYS A 104 12.08 -5.07 -9.41
CA LYS A 104 12.17 -5.14 -10.85
C LYS A 104 12.02 -6.57 -11.35
N GLN A 105 12.08 -7.52 -10.42
CA GLN A 105 11.95 -8.93 -10.76
C GLN A 105 10.59 -9.21 -11.41
N SER A 106 10.27 -10.49 -11.57
CA SER A 106 9.01 -10.90 -12.18
C SER A 106 7.84 -10.23 -11.48
N GLU A 107 7.90 -10.17 -10.15
CA GLU A 107 6.84 -9.55 -9.37
C GLU A 107 7.41 -8.52 -8.40
N GLY A 108 6.60 -7.50 -8.08
CA GLY A 108 7.05 -6.46 -7.17
C GLY A 108 5.92 -5.54 -6.74
N SER A 109 5.29 -4.90 -7.72
CA SER A 109 4.18 -3.98 -7.43
C SER A 109 2.93 -4.38 -8.21
N MET A 1 53.86 77.52 -32.98
CA MET A 1 52.44 77.49 -32.64
C MET A 1 52.16 76.46 -31.57
N GLY A 2 51.15 76.72 -30.74
CA GLY A 2 50.80 75.79 -29.68
C GLY A 2 49.36 75.94 -29.24
N SER A 3 48.42 75.49 -30.07
CA SER A 3 47.00 75.59 -29.77
C SER A 3 46.63 74.65 -28.61
N SER A 4 46.16 75.22 -27.52
CA SER A 4 45.78 74.44 -26.35
C SER A 4 44.27 74.20 -26.32
N HIS A 5 43.88 72.97 -26.04
CA HIS A 5 42.47 72.60 -25.99
C HIS A 5 42.28 71.27 -25.27
N HIS A 6 41.59 71.30 -24.14
CA HIS A 6 41.34 70.09 -23.36
C HIS A 6 39.93 70.12 -22.77
N HIS A 7 39.60 69.08 -22.01
CA HIS A 7 38.28 68.97 -21.39
C HIS A 7 38.26 67.87 -20.33
N HIS A 8 37.38 68.01 -19.35
CA HIS A 8 37.26 67.03 -18.28
C HIS A 8 35.80 66.78 -17.94
N HIS A 9 35.45 65.51 -17.72
CA HIS A 9 34.09 65.14 -17.37
C HIS A 9 34.05 63.81 -16.64
N HIS A 10 33.12 63.68 -15.70
CA HIS A 10 32.98 62.44 -14.92
C HIS A 10 31.53 62.03 -14.82
N SER A 11 31.30 60.74 -14.56
CA SER A 11 29.95 60.21 -14.45
C SER A 11 29.97 58.78 -13.94
N SER A 12 28.89 58.38 -13.25
CA SER A 12 28.79 57.04 -12.69
C SER A 12 27.34 56.58 -12.65
N GLY A 13 27.09 55.36 -13.11
CA GLY A 13 25.74 54.83 -13.11
C GLY A 13 25.67 53.45 -12.49
N LEU A 14 24.48 52.85 -12.51
CA LEU A 14 24.27 51.52 -11.95
C LEU A 14 23.81 50.53 -13.03
N VAL A 15 23.50 49.32 -12.61
CA VAL A 15 23.04 48.28 -13.53
C VAL A 15 21.72 47.68 -13.07
N PRO A 16 20.96 47.12 -14.03
CA PRO A 16 19.66 46.49 -13.74
C PRO A 16 19.81 45.20 -12.94
N ARG A 17 18.70 44.47 -12.80
CA ARG A 17 18.71 43.22 -12.06
C ARG A 17 17.94 42.14 -12.83
N GLY A 18 18.00 40.91 -12.33
CA GLY A 18 17.32 39.81 -12.97
C GLY A 18 15.84 39.78 -12.65
N SER A 19 15.08 38.99 -13.40
CA SER A 19 13.64 38.88 -13.19
C SER A 19 13.27 37.48 -12.68
N HIS A 20 12.03 37.34 -12.24
CA HIS A 20 11.55 36.06 -11.72
C HIS A 20 11.10 35.15 -12.86
N MET A 21 10.79 33.91 -12.53
CA MET A 21 10.34 32.94 -13.52
C MET A 21 8.99 32.34 -13.14
N ILE A 22 7.91 32.97 -13.61
CA ILE A 22 6.56 32.51 -13.31
C ILE A 22 6.26 31.22 -14.07
N SER A 23 5.54 30.31 -13.41
CA SER A 23 5.17 29.04 -14.02
C SER A 23 3.95 29.19 -14.91
N LEU A 24 4.05 30.07 -15.90
CA LEU A 24 2.95 30.31 -16.82
C LEU A 24 2.52 29.02 -17.50
N SER A 25 3.43 28.42 -18.27
CA SER A 25 3.13 27.18 -18.97
C SER A 25 3.14 26.00 -18.01
N GLY A 26 2.84 24.82 -18.54
CA GLY A 26 2.81 23.62 -17.72
C GLY A 26 4.16 22.91 -17.68
N LEU A 27 4.18 21.71 -17.10
CA LEU A 27 5.41 20.94 -17.00
C LEU A 27 5.10 19.46 -16.80
N THR A 28 6.09 18.61 -17.06
CA THR A 28 5.93 17.17 -16.91
C THR A 28 5.45 16.82 -15.50
N SER A 29 5.18 15.54 -15.28
CA SER A 29 4.71 15.07 -13.98
C SER A 29 5.64 15.53 -12.87
N SER A 30 5.14 16.43 -12.03
CA SER A 30 5.92 16.97 -10.93
C SER A 30 5.32 16.56 -9.58
N VAL A 31 6.15 16.53 -8.55
CA VAL A 31 5.70 16.16 -7.21
C VAL A 31 4.66 15.06 -7.27
N GLU A 32 4.90 14.05 -8.11
CA GLU A 32 3.99 12.94 -8.26
C GLU A 32 4.25 11.86 -7.21
N SER A 33 5.43 11.92 -6.61
CA SER A 33 5.82 10.94 -5.59
C SER A 33 5.97 11.61 -4.23
N ASP A 34 6.15 12.93 -4.24
CA ASP A 34 6.31 13.69 -3.00
C ASP A 34 5.06 13.56 -2.13
N LEU A 35 3.92 13.35 -2.76
CA LEU A 35 2.65 13.21 -2.04
C LEU A 35 2.33 11.75 -1.80
N ASP A 36 3.33 10.88 -1.96
CA ASP A 36 3.15 9.46 -1.76
C ASP A 36 2.79 9.16 -0.31
N MET A 37 3.24 10.02 0.60
CA MET A 37 2.95 9.85 2.02
C MET A 37 1.52 10.26 2.35
N GLN A 38 0.97 11.15 1.53
CA GLN A 38 -0.40 11.62 1.74
C GLN A 38 -1.41 10.53 1.37
N GLN A 39 -0.97 9.57 0.57
CA GLN A 39 -1.84 8.49 0.13
C GLN A 39 -2.50 7.82 1.34
N ALA A 40 -1.69 7.33 2.26
CA ALA A 40 -2.20 6.66 3.46
C ALA A 40 -3.00 7.64 4.31
N MET A 41 -2.70 8.93 4.19
CA MET A 41 -3.39 9.95 4.96
C MET A 41 -4.77 10.23 4.36
N LEU A 42 -4.92 9.97 3.07
CA LEU A 42 -6.18 10.20 2.38
C LEU A 42 -7.18 9.08 2.68
N THR A 43 -6.69 8.03 3.33
CA THR A 43 -7.54 6.89 3.68
C THR A 43 -7.54 6.66 5.19
N ASN A 44 -6.40 6.24 5.72
CA ASN A 44 -6.28 5.97 7.15
C ASN A 44 -7.36 5.01 7.62
N LYS A 45 -7.05 3.72 7.62
CA LYS A 45 -8.00 2.70 8.06
C LYS A 45 -8.52 2.99 9.47
N ASP A 46 -7.63 2.87 10.45
CA ASP A 46 -8.01 3.13 11.84
C ASP A 46 -6.82 3.71 12.61
N GLU A 47 -7.11 4.29 13.78
CA GLU A 47 -6.08 4.90 14.60
C GLU A 47 -5.15 3.82 15.19
N LYS A 48 -5.75 2.77 15.73
CA LYS A 48 -4.99 1.68 16.33
C LYS A 48 -4.02 1.08 15.31
N VAL A 49 -4.41 1.10 14.04
CA VAL A 49 -3.58 0.56 12.97
C VAL A 49 -2.21 1.25 12.95
N LEU A 50 -2.18 2.51 13.33
CA LEU A 50 -0.94 3.27 13.36
C LEU A 50 0.07 2.63 14.31
N LYS A 51 -0.43 1.99 15.35
CA LYS A 51 0.43 1.33 16.34
C LYS A 51 1.42 0.41 15.65
N ALA A 52 1.02 -0.16 14.52
CA ALA A 52 1.88 -1.07 13.78
C ALA A 52 3.01 -0.30 13.08
N LEU A 53 2.68 0.88 12.57
CA LEU A 53 3.67 1.71 11.88
C LEU A 53 4.82 2.07 12.81
N GLU A 54 4.58 1.96 14.11
CA GLU A 54 5.60 2.28 15.10
C GLU A 54 6.79 1.32 14.99
N ARG A 55 6.49 0.03 14.81
CA ARG A 55 7.52 -0.98 14.69
C ARG A 55 8.14 -0.97 13.30
N THR A 56 7.33 -0.63 12.30
CA THR A 56 7.80 -0.57 10.91
C THR A 56 8.71 0.64 10.69
N ARG A 57 8.28 1.80 11.19
CA ARG A 57 9.04 3.02 11.04
C ARG A 57 10.45 2.85 11.62
N GLN A 58 10.58 1.96 12.59
CA GLN A 58 11.87 1.69 13.23
C GLN A 58 12.86 1.12 12.22
N LEU A 59 12.39 0.22 11.37
CA LEU A 59 13.23 -0.40 10.37
C LEU A 59 13.20 0.37 9.05
N ASP A 60 12.69 1.60 9.12
CA ASP A 60 12.60 2.46 7.94
C ASP A 60 11.67 1.86 6.90
N ILE A 61 10.36 1.92 7.19
CA ILE A 61 9.36 1.39 6.27
C ILE A 61 8.24 2.40 6.04
N PRO A 62 7.89 2.63 4.77
CA PRO A 62 6.83 3.56 4.39
C PRO A 62 5.45 3.05 4.77
N ASP A 63 4.61 3.95 5.26
CA ASP A 63 3.25 3.60 5.67
C ASP A 63 2.40 3.21 4.45
N GLU A 64 2.94 3.48 3.26
CA GLU A 64 2.24 3.17 2.03
C GLU A 64 2.27 1.67 1.74
N LYS A 65 3.40 1.04 2.05
CA LYS A 65 3.56 -0.39 1.82
C LYS A 65 3.16 -1.18 3.07
N THR A 66 3.32 -0.56 4.23
CA THR A 66 2.98 -1.21 5.49
C THR A 66 1.47 -1.28 5.68
N MET A 67 0.77 -0.30 5.13
CA MET A 67 -0.69 -0.25 5.24
C MET A 67 -1.30 -1.59 4.85
N PRO A 68 -1.05 -2.02 3.60
CA PRO A 68 -1.57 -3.28 3.07
C PRO A 68 -0.92 -4.50 3.73
N VAL A 69 0.18 -4.26 4.45
CA VAL A 69 0.89 -5.33 5.13
C VAL A 69 0.21 -5.69 6.44
N LEU A 70 0.07 -4.70 7.32
CA LEU A 70 -0.56 -4.92 8.62
C LEU A 70 -1.98 -5.46 8.46
N MET A 71 -2.71 -4.88 7.52
CA MET A 71 -4.09 -5.30 7.26
C MET A 71 -4.13 -6.77 6.86
N LYS A 72 -3.02 -7.28 6.35
CA LYS A 72 -2.93 -8.67 5.92
C LYS A 72 -2.86 -9.60 7.13
N LEU A 73 -2.28 -9.11 8.21
CA LEU A 73 -2.14 -9.89 9.45
C LEU A 73 -3.48 -10.01 10.16
N LEU A 74 -4.13 -8.87 10.39
CA LEU A 74 -5.42 -8.84 11.07
C LEU A 74 -6.46 -9.66 10.30
N GLU A 75 -6.23 -9.82 8.99
CA GLU A 75 -7.14 -10.59 8.15
C GLU A 75 -7.30 -12.01 8.67
N GLU A 76 -6.17 -12.70 8.84
CA GLU A 76 -6.17 -14.08 9.33
C GLU A 76 -6.42 -14.12 10.83
N ALA A 77 -5.98 -13.08 11.53
CA ALA A 77 -6.15 -13.00 12.98
C ALA A 77 -7.53 -12.46 13.33
N GLY A 78 -8.36 -12.22 12.31
CA GLY A 78 -9.69 -11.70 12.54
C GLY A 78 -9.68 -10.41 13.32
N GLY A 79 -8.56 -9.69 13.28
CA GLY A 79 -8.44 -8.44 14.00
C GLY A 79 -7.91 -8.62 15.41
N ASN A 80 -6.93 -9.51 15.55
CA ASN A 80 -6.34 -9.79 16.86
C ASN A 80 -4.86 -9.38 16.87
N TRP A 81 -4.56 -8.28 17.53
CA TRP A 81 -3.20 -7.78 17.63
C TRP A 81 -2.43 -8.50 18.74
N SER A 82 -3.18 -9.10 19.67
CA SER A 82 -2.57 -9.81 20.79
C SER A 82 -1.55 -10.83 20.28
N TYR A 83 -1.96 -11.66 19.33
CA TYR A 83 -1.10 -12.68 18.77
C TYR A 83 -0.14 -12.07 17.74
N ILE A 84 -0.67 -11.19 16.90
CA ILE A 84 0.13 -10.54 15.87
C ILE A 84 1.30 -9.79 16.48
N LYS A 85 1.13 -9.36 17.73
CA LYS A 85 2.18 -8.62 18.42
C LYS A 85 2.99 -9.56 19.33
N LEU A 86 2.62 -10.83 19.34
CA LEU A 86 3.30 -11.82 20.15
C LEU A 86 4.79 -11.86 19.83
N ASP A 87 5.14 -11.42 18.62
CA ASP A 87 6.53 -11.40 18.19
C ASP A 87 6.93 -10.00 17.73
N ASN A 88 6.25 -8.99 18.26
CA ASN A 88 6.53 -7.61 17.91
C ASN A 88 6.21 -7.34 16.43
N TYR A 89 5.09 -7.90 15.97
CA TYR A 89 4.68 -7.72 14.58
C TYR A 89 5.71 -8.29 13.62
N THR A 90 6.28 -9.44 13.98
CA THR A 90 7.29 -10.08 13.15
C THR A 90 6.81 -10.22 11.71
N ALA A 91 5.51 -10.44 11.55
CA ALA A 91 4.92 -10.59 10.21
C ALA A 91 5.33 -9.43 9.30
N LEU A 92 5.43 -8.25 9.87
CA LEU A 92 5.83 -7.06 9.11
C LEU A 92 7.27 -7.17 8.62
N VAL A 93 8.10 -7.79 9.45
CA VAL A 93 9.52 -7.96 9.10
C VAL A 93 9.68 -8.83 7.87
N ASP A 94 9.01 -9.98 7.87
CA ASP A 94 9.08 -10.91 6.75
C ASP A 94 8.26 -10.40 5.56
N ALA A 95 7.20 -9.65 5.87
CA ALA A 95 6.34 -9.10 4.84
C ALA A 95 7.03 -7.97 4.08
N ILE A 96 7.47 -6.95 4.82
CA ILE A 96 8.15 -5.82 4.22
C ILE A 96 9.42 -6.25 3.48
N TYR A 97 10.13 -7.21 4.08
CA TYR A 97 11.36 -7.72 3.48
C TYR A 97 11.09 -8.33 2.10
N SER A 98 9.91 -8.93 1.95
CA SER A 98 9.53 -9.55 0.69
C SER A 98 9.13 -8.49 -0.34
N VAL A 99 8.18 -7.64 0.02
CA VAL A 99 7.72 -6.59 -0.87
C VAL A 99 8.85 -5.64 -1.24
N GLU A 100 9.50 -5.09 -0.22
CA GLU A 100 10.61 -4.16 -0.44
C GLU A 100 11.62 -4.74 -1.41
N ASP A 101 11.76 -6.07 -1.40
CA ASP A 101 12.69 -6.76 -2.27
C ASP A 101 12.18 -6.78 -3.71
N GLU A 102 11.19 -7.63 -3.96
CA GLU A 102 10.60 -7.75 -5.29
C GLU A 102 9.39 -6.84 -5.45
N ASN A 103 9.33 -6.14 -6.57
CA ASN A 103 8.23 -5.22 -6.84
C ASN A 103 7.67 -5.44 -8.23
N LYS A 104 8.56 -5.65 -9.20
CA LYS A 104 8.15 -5.88 -10.58
C LYS A 104 8.56 -7.28 -11.04
N GLN A 105 9.62 -7.81 -10.45
CA GLN A 105 10.10 -9.14 -10.80
C GLN A 105 9.09 -10.20 -10.42
N SER A 106 9.45 -11.47 -10.64
CA SER A 106 8.57 -12.59 -10.33
C SER A 106 9.37 -13.86 -10.10
N GLU A 107 8.82 -14.78 -9.32
CA GLU A 107 9.48 -16.04 -9.01
C GLU A 107 9.31 -17.02 -10.16
N GLY A 108 8.08 -17.17 -10.64
CA GLY A 108 7.81 -18.08 -11.74
C GLY A 108 6.99 -17.44 -12.83
N SER A 109 5.83 -18.05 -13.13
CA SER A 109 4.95 -17.53 -14.17
C SER A 109 4.52 -16.10 -13.85
N MET A 1 -45.51 -76.61 2.96
CA MET A 1 -46.63 -77.41 3.42
C MET A 1 -46.77 -77.32 4.94
N GLY A 2 -48.01 -77.38 5.42
CA GLY A 2 -48.25 -77.31 6.85
C GLY A 2 -49.42 -76.41 7.19
N SER A 3 -49.17 -75.40 8.02
CA SER A 3 -50.23 -74.47 8.43
C SER A 3 -50.33 -73.31 7.45
N SER A 4 -51.21 -72.35 7.77
CA SER A 4 -51.41 -71.19 6.91
C SER A 4 -50.25 -70.21 7.04
N HIS A 5 -50.32 -69.12 6.29
CA HIS A 5 -49.28 -68.11 6.33
C HIS A 5 -49.85 -66.75 6.78
N HIS A 6 -48.98 -65.75 6.89
CA HIS A 6 -49.39 -64.42 7.30
C HIS A 6 -48.65 -63.35 6.52
N HIS A 7 -49.00 -62.09 6.77
CA HIS A 7 -48.36 -60.97 6.09
C HIS A 7 -47.26 -60.36 6.94
N HIS A 8 -46.65 -59.29 6.44
CA HIS A 8 -45.58 -58.61 7.16
C HIS A 8 -45.55 -57.12 6.82
N HIS A 9 -44.96 -56.32 7.71
CA HIS A 9 -44.87 -54.88 7.49
C HIS A 9 -43.48 -54.50 7.00
N HIS A 10 -43.27 -53.20 6.79
CA HIS A 10 -41.99 -52.70 6.32
C HIS A 10 -41.40 -51.70 7.32
N SER A 11 -40.23 -51.15 6.98
CA SER A 11 -39.55 -50.20 7.85
C SER A 11 -38.97 -49.05 7.04
N SER A 12 -38.24 -48.17 7.72
CA SER A 12 -37.62 -47.02 7.06
C SER A 12 -36.38 -46.57 7.82
N GLY A 13 -35.25 -46.51 7.10
CA GLY A 13 -34.01 -46.09 7.71
C GLY A 13 -33.60 -44.70 7.30
N LEU A 14 -32.32 -44.53 6.97
CA LEU A 14 -31.80 -43.23 6.55
C LEU A 14 -30.54 -43.40 5.72
N VAL A 15 -30.04 -42.28 5.18
CA VAL A 15 -28.84 -42.30 4.35
C VAL A 15 -28.06 -41.00 4.50
N PRO A 16 -26.74 -41.07 4.21
CA PRO A 16 -25.86 -39.89 4.29
C PRO A 16 -26.15 -38.88 3.20
N ARG A 17 -25.27 -37.88 3.09
CA ARG A 17 -25.44 -36.83 2.08
C ARG A 17 -24.14 -36.63 1.29
N GLY A 18 -24.28 -36.49 -0.02
CA GLY A 18 -23.12 -36.30 -0.87
C GLY A 18 -23.32 -35.20 -1.90
N SER A 19 -22.73 -34.03 -1.63
CA SER A 19 -22.86 -32.90 -2.54
C SER A 19 -21.50 -32.25 -2.79
N HIS A 20 -21.00 -32.39 -4.01
CA HIS A 20 -19.71 -31.83 -4.39
C HIS A 20 -19.85 -30.34 -4.69
N MET A 21 -18.74 -29.62 -4.58
CA MET A 21 -18.73 -28.17 -4.85
C MET A 21 -17.53 -27.79 -5.71
N ILE A 22 -17.71 -27.85 -7.03
CA ILE A 22 -16.65 -27.50 -7.96
C ILE A 22 -17.07 -26.37 -8.88
N SER A 23 -16.12 -25.49 -9.20
CA SER A 23 -16.40 -24.36 -10.08
C SER A 23 -17.05 -24.82 -11.37
N LEU A 24 -16.36 -25.68 -12.10
CA LEU A 24 -16.87 -26.19 -13.37
C LEU A 24 -17.14 -25.07 -14.36
N SER A 25 -16.30 -24.02 -14.29
CA SER A 25 -16.44 -22.88 -15.18
C SER A 25 -15.24 -21.95 -15.06
N GLY A 26 -15.19 -20.94 -15.93
CA GLY A 26 -14.08 -19.99 -15.91
C GLY A 26 -13.52 -19.73 -17.28
N LEU A 27 -14.29 -19.04 -18.11
CA LEU A 27 -13.87 -18.71 -19.47
C LEU A 27 -13.98 -17.22 -19.74
N THR A 28 -14.15 -16.44 -18.67
CA THR A 28 -14.29 -14.99 -18.79
C THR A 28 -13.69 -14.29 -17.57
N SER A 29 -13.77 -12.96 -17.56
CA SER A 29 -13.23 -12.18 -16.46
C SER A 29 -14.17 -12.22 -15.27
N SER A 30 -13.74 -11.61 -14.16
CA SER A 30 -14.54 -11.58 -12.94
C SER A 30 -14.13 -10.41 -12.05
N VAL A 31 -15.03 -10.00 -11.17
CA VAL A 31 -14.77 -8.90 -10.25
C VAL A 31 -13.94 -7.82 -10.93
N GLU A 32 -14.31 -7.48 -12.16
CA GLU A 32 -13.60 -6.46 -12.92
C GLU A 32 -13.88 -5.06 -12.34
N SER A 33 -15.03 -4.92 -11.70
CA SER A 33 -15.42 -3.64 -11.12
C SER A 33 -15.54 -3.75 -9.60
N ASP A 34 -15.80 -4.96 -9.12
CA ASP A 34 -15.95 -5.22 -7.70
C ASP A 34 -14.70 -4.76 -6.95
N LEU A 35 -13.56 -4.73 -7.64
CA LEU A 35 -12.31 -4.30 -7.03
C LEU A 35 -12.37 -2.84 -6.61
N ASP A 36 -13.22 -2.07 -7.29
CA ASP A 36 -13.38 -0.66 -6.99
C ASP A 36 -13.84 -0.46 -5.54
N MET A 37 -14.55 -1.44 -5.01
CA MET A 37 -15.05 -1.37 -3.65
C MET A 37 -13.96 -1.76 -2.65
N GLN A 38 -13.08 -2.65 -3.06
CA GLN A 38 -12.00 -3.10 -2.20
C GLN A 38 -11.13 -1.93 -1.76
N GLN A 39 -11.16 -0.85 -2.54
CA GLN A 39 -10.37 0.33 -2.24
C GLN A 39 -10.66 0.83 -0.82
N ALA A 40 -11.93 0.71 -0.41
CA ALA A 40 -12.33 1.15 0.92
C ALA A 40 -11.63 0.33 2.00
N MET A 41 -11.22 -0.88 1.66
CA MET A 41 -10.53 -1.76 2.60
C MET A 41 -9.06 -1.38 2.72
N LEU A 42 -8.42 -1.14 1.58
CA LEU A 42 -7.02 -0.76 1.57
C LEU A 42 -6.81 0.63 2.18
N THR A 43 -7.83 1.48 2.06
CA THR A 43 -7.76 2.83 2.60
C THR A 43 -8.40 2.90 3.98
N ASN A 44 -8.42 1.77 4.67
CA ASN A 44 -9.01 1.71 6.01
C ASN A 44 -7.97 2.09 7.07
N LYS A 45 -7.99 3.35 7.49
CA LYS A 45 -7.07 3.83 8.50
C LYS A 45 -7.74 3.88 9.88
N ASP A 46 -6.99 3.51 10.91
CA ASP A 46 -7.50 3.51 12.27
C ASP A 46 -6.39 3.78 13.28
N GLU A 47 -6.76 4.25 14.46
CA GLU A 47 -5.79 4.54 15.51
C GLU A 47 -5.02 3.29 15.90
N LYS A 48 -5.75 2.18 16.08
CA LYS A 48 -5.13 0.93 16.46
C LYS A 48 -4.14 0.46 15.40
N VAL A 49 -4.42 0.81 14.15
CA VAL A 49 -3.54 0.44 13.04
C VAL A 49 -2.20 1.16 13.12
N LEU A 50 -2.25 2.44 13.48
CA LEU A 50 -1.04 3.24 13.60
C LEU A 50 -0.02 2.56 14.50
N LYS A 51 -0.50 1.85 15.51
CA LYS A 51 0.38 1.14 16.44
C LYS A 51 1.38 0.27 15.68
N ALA A 52 0.96 -0.25 14.53
CA ALA A 52 1.82 -1.10 13.72
C ALA A 52 2.91 -0.27 13.04
N LEU A 53 2.53 0.90 12.54
CA LEU A 53 3.47 1.77 11.86
C LEU A 53 4.61 2.18 12.79
N GLU A 54 4.38 2.05 14.10
CA GLU A 54 5.39 2.39 15.09
C GLU A 54 6.60 1.45 14.98
N ARG A 55 6.32 0.17 14.81
CA ARG A 55 7.38 -0.82 14.70
C ARG A 55 8.02 -0.79 13.32
N THR A 56 7.22 -0.46 12.30
CA THR A 56 7.71 -0.40 10.93
C THR A 56 8.57 0.84 10.72
N ARG A 57 8.08 1.99 11.18
CA ARG A 57 8.80 3.25 11.05
C ARG A 57 10.19 3.14 11.65
N GLN A 58 10.34 2.26 12.63
CA GLN A 58 11.63 2.07 13.30
C GLN A 58 12.66 1.50 12.33
N LEU A 59 12.23 0.58 11.48
CA LEU A 59 13.12 -0.04 10.50
C LEU A 59 13.09 0.73 9.18
N ASP A 60 12.53 1.94 9.21
CA ASP A 60 12.44 2.77 8.03
C ASP A 60 11.56 2.12 6.96
N ILE A 61 10.25 2.12 7.20
CA ILE A 61 9.30 1.53 6.26
C ILE A 61 8.18 2.51 5.93
N PRO A 62 7.89 2.67 4.63
CA PRO A 62 6.83 3.57 4.16
C PRO A 62 5.44 3.04 4.49
N ASP A 63 4.56 3.96 4.91
CA ASP A 63 3.20 3.60 5.27
C ASP A 63 2.41 3.14 4.04
N GLU A 64 3.00 3.36 2.86
CA GLU A 64 2.36 2.98 1.61
C GLU A 64 2.43 1.47 1.39
N LYS A 65 3.51 0.86 1.87
CA LYS A 65 3.72 -0.57 1.74
C LYS A 65 3.30 -1.31 3.01
N THR A 66 3.46 -0.63 4.15
CA THR A 66 3.10 -1.22 5.43
C THR A 66 1.59 -1.28 5.61
N MET A 67 0.89 -0.32 5.01
CA MET A 67 -0.57 -0.28 5.10
C MET A 67 -1.18 -1.61 4.72
N PRO A 68 -0.92 -2.06 3.48
CA PRO A 68 -1.44 -3.33 2.97
C PRO A 68 -0.79 -4.53 3.65
N VAL A 69 0.32 -4.30 4.34
CA VAL A 69 1.02 -5.36 5.04
C VAL A 69 0.38 -5.66 6.39
N LEU A 70 0.14 -4.61 7.16
CA LEU A 70 -0.47 -4.76 8.48
C LEU A 70 -1.90 -5.29 8.36
N MET A 71 -2.62 -4.79 7.36
CA MET A 71 -4.00 -5.22 7.14
C MET A 71 -4.06 -6.71 6.84
N LYS A 72 -2.96 -7.26 6.33
CA LYS A 72 -2.89 -8.68 6.00
C LYS A 72 -2.86 -9.53 7.27
N LEU A 73 -2.28 -8.98 8.33
CA LEU A 73 -2.18 -9.68 9.60
C LEU A 73 -3.55 -9.81 10.27
N LEU A 74 -4.28 -8.71 10.30
CA LEU A 74 -5.62 -8.69 10.90
C LEU A 74 -6.62 -9.45 10.02
N GLU A 75 -6.30 -9.58 8.74
CA GLU A 75 -7.16 -10.28 7.81
C GLU A 75 -7.28 -11.75 8.17
N GLU A 76 -6.13 -12.41 8.30
CA GLU A 76 -6.11 -13.83 8.64
C GLU A 76 -6.34 -14.04 10.14
N ALA A 77 -5.81 -13.12 10.94
CA ALA A 77 -5.96 -13.19 12.39
C ALA A 77 -7.37 -12.81 12.82
N GLY A 78 -8.09 -12.13 11.93
CA GLY A 78 -9.45 -11.70 12.23
C GLY A 78 -9.49 -10.41 13.02
N GLY A 79 -8.34 -9.75 13.13
CA GLY A 79 -8.27 -8.50 13.87
C GLY A 79 -7.77 -8.70 15.28
N ASN A 80 -6.78 -9.58 15.44
CA ASN A 80 -6.21 -9.86 16.76
C ASN A 80 -4.74 -9.45 16.81
N TRP A 81 -4.47 -8.38 17.54
CA TRP A 81 -3.10 -7.88 17.68
C TRP A 81 -2.37 -8.61 18.80
N SER A 82 -3.12 -9.21 19.71
CA SER A 82 -2.54 -9.94 20.83
C SER A 82 -1.52 -10.96 20.35
N TYR A 83 -1.86 -11.67 19.28
CA TYR A 83 -0.98 -12.68 18.71
C TYR A 83 0.00 -12.06 17.72
N ILE A 84 -0.52 -11.20 16.85
CA ILE A 84 0.31 -10.54 15.84
C ILE A 84 1.43 -9.74 16.50
N LYS A 85 1.20 -9.33 17.75
CA LYS A 85 2.19 -8.56 18.49
C LYS A 85 2.97 -9.45 19.45
N LEU A 86 2.67 -10.75 19.42
CA LEU A 86 3.35 -11.70 20.28
C LEU A 86 4.84 -11.77 19.95
N ASP A 87 5.21 -11.25 18.79
CA ASP A 87 6.60 -11.25 18.36
C ASP A 87 7.01 -9.86 17.87
N ASN A 88 6.34 -8.84 18.38
CA ASN A 88 6.63 -7.46 17.99
C ASN A 88 6.30 -7.23 16.52
N TYR A 89 5.16 -7.76 16.09
CA TYR A 89 4.72 -7.61 14.70
C TYR A 89 5.74 -8.21 13.74
N THR A 90 6.27 -9.38 14.11
CA THR A 90 7.26 -10.07 13.28
C THR A 90 6.75 -10.24 11.86
N ALA A 91 5.44 -10.38 11.71
CA ALA A 91 4.82 -10.55 10.41
C ALA A 91 5.24 -9.44 9.45
N LEU A 92 5.38 -8.23 9.99
CA LEU A 92 5.78 -7.07 9.18
C LEU A 92 7.21 -7.22 8.70
N VAL A 93 8.05 -7.84 9.52
CA VAL A 93 9.46 -8.05 9.18
C VAL A 93 9.60 -8.97 7.97
N ASP A 94 8.90 -10.11 8.01
CA ASP A 94 8.95 -11.07 6.92
C ASP A 94 8.13 -10.58 5.73
N ALA A 95 7.09 -9.82 6.01
CA ALA A 95 6.23 -9.28 4.96
C ALA A 95 6.94 -8.17 4.19
N ILE A 96 7.36 -7.13 4.91
CA ILE A 96 8.04 -6.01 4.28
C ILE A 96 9.30 -6.47 3.54
N TYR A 97 10.00 -7.43 4.13
CA TYR A 97 11.23 -7.96 3.53
C TYR A 97 10.95 -8.56 2.16
N SER A 98 9.76 -9.15 2.01
CA SER A 98 9.38 -9.76 0.74
C SER A 98 8.95 -8.70 -0.27
N VAL A 99 8.00 -7.87 0.12
CA VAL A 99 7.51 -6.80 -0.75
C VAL A 99 8.64 -5.87 -1.16
N GLU A 100 9.44 -5.44 -0.18
CA GLU A 100 10.55 -4.54 -0.43
C GLU A 100 11.54 -5.16 -1.41
N ASP A 101 11.48 -6.48 -1.54
CA ASP A 101 12.38 -7.20 -2.44
C ASP A 101 11.78 -7.32 -3.83
N GLU A 102 10.49 -7.02 -3.95
CA GLU A 102 9.80 -7.08 -5.23
C GLU A 102 9.19 -5.72 -5.59
N ASN A 103 9.97 -4.89 -6.26
CA ASN A 103 9.50 -3.56 -6.66
C ASN A 103 9.62 -3.38 -8.16
N LYS A 104 10.39 -4.24 -8.81
CA LYS A 104 10.58 -4.18 -10.25
C LYS A 104 9.23 -4.22 -10.98
N GLN A 105 8.21 -4.75 -10.31
CA GLN A 105 6.88 -4.84 -10.89
C GLN A 105 6.29 -3.45 -11.10
N SER A 106 6.91 -2.44 -10.50
CA SER A 106 6.44 -1.07 -10.64
C SER A 106 7.61 -0.10 -10.72
N GLU A 107 7.34 1.12 -11.19
CA GLU A 107 8.36 2.13 -11.32
C GLU A 107 8.50 2.95 -10.04
N GLY A 108 7.36 3.30 -9.45
CA GLY A 108 7.37 4.08 -8.23
C GLY A 108 6.01 4.12 -7.55
N SER A 109 5.68 5.25 -6.96
CA SER A 109 4.40 5.41 -6.27
C SER A 109 3.24 5.36 -7.25
N MET A 1 -38.22 13.85 -14.16
CA MET A 1 -37.05 14.55 -13.62
C MET A 1 -35.82 13.65 -13.66
N GLY A 2 -36.02 12.35 -13.46
CA GLY A 2 -34.91 11.41 -13.47
C GLY A 2 -35.27 10.12 -14.19
N SER A 3 -34.48 9.77 -15.20
CA SER A 3 -34.72 8.56 -15.97
C SER A 3 -33.58 7.56 -15.77
N SER A 4 -33.93 6.28 -15.70
CA SER A 4 -32.94 5.23 -15.51
C SER A 4 -33.32 3.97 -16.29
N HIS A 5 -32.43 3.53 -17.16
CA HIS A 5 -32.66 2.34 -17.97
C HIS A 5 -32.61 1.08 -17.12
N HIS A 6 -32.90 -0.06 -17.74
CA HIS A 6 -32.88 -1.34 -17.03
C HIS A 6 -31.45 -1.84 -16.85
N HIS A 7 -31.05 -2.00 -15.59
CA HIS A 7 -29.70 -2.46 -15.27
C HIS A 7 -29.71 -3.96 -14.94
N HIS A 8 -28.98 -4.74 -15.73
CA HIS A 8 -28.91 -6.18 -15.52
C HIS A 8 -27.58 -6.57 -14.88
N HIS A 9 -27.41 -7.86 -14.60
CA HIS A 9 -26.19 -8.35 -13.99
C HIS A 9 -25.95 -9.81 -14.36
N HIS A 10 -24.69 -10.18 -14.55
CA HIS A 10 -24.34 -11.55 -14.91
C HIS A 10 -23.70 -12.27 -13.73
N SER A 11 -23.71 -13.60 -13.78
CA SER A 11 -23.14 -14.41 -12.71
C SER A 11 -22.04 -15.32 -13.23
N SER A 12 -22.36 -16.09 -14.27
CA SER A 12 -21.41 -17.02 -14.87
C SER A 12 -20.38 -16.26 -15.71
N GLY A 13 -19.16 -16.79 -15.75
CA GLY A 13 -18.10 -16.16 -16.52
C GLY A 13 -16.90 -17.05 -16.68
N LEU A 14 -16.15 -16.85 -17.77
CA LEU A 14 -14.96 -17.64 -18.04
C LEU A 14 -13.86 -16.77 -18.65
N VAL A 15 -12.64 -17.29 -18.64
CA VAL A 15 -11.49 -16.57 -19.20
C VAL A 15 -10.71 -17.45 -20.15
N PRO A 16 -9.97 -16.81 -21.08
CA PRO A 16 -9.16 -17.52 -22.08
C PRO A 16 -7.95 -18.20 -21.45
N ARG A 17 -7.23 -18.96 -22.26
CA ARG A 17 -6.04 -19.68 -21.79
C ARG A 17 -4.77 -19.00 -22.27
N GLY A 18 -3.67 -19.20 -21.55
CA GLY A 18 -2.40 -18.60 -21.92
C GLY A 18 -1.52 -19.56 -22.70
N SER A 19 -1.35 -19.28 -23.99
CA SER A 19 -0.52 -20.12 -24.84
C SER A 19 0.26 -19.29 -25.85
N HIS A 20 1.58 -19.43 -25.84
CA HIS A 20 2.44 -18.68 -26.74
C HIS A 20 2.66 -19.47 -28.03
N MET A 21 1.67 -19.43 -28.92
CA MET A 21 1.76 -20.14 -30.19
C MET A 21 1.76 -19.15 -31.36
N ILE A 22 0.71 -18.34 -31.43
CA ILE A 22 0.58 -17.34 -32.49
C ILE A 22 0.77 -15.93 -31.96
N SER A 23 1.33 -15.83 -30.76
CA SER A 23 1.56 -14.53 -30.13
C SER A 23 0.26 -13.74 -30.02
N LEU A 24 -0.84 -14.44 -29.81
CA LEU A 24 -2.14 -13.81 -29.70
C LEU A 24 -2.11 -12.70 -28.65
N SER A 25 -1.90 -13.08 -27.40
CA SER A 25 -1.86 -12.12 -26.30
C SER A 25 -0.53 -12.22 -25.55
N GLY A 26 -0.33 -11.31 -24.59
CA GLY A 26 0.89 -11.32 -23.81
C GLY A 26 1.22 -9.96 -23.23
N LEU A 27 1.57 -9.02 -24.10
CA LEU A 27 1.91 -7.67 -23.67
C LEU A 27 0.67 -6.91 -23.21
N THR A 28 -0.50 -7.50 -23.46
CA THR A 28 -1.76 -6.89 -23.08
C THR A 28 -1.85 -6.72 -21.56
N SER A 29 -2.36 -5.57 -21.13
CA SER A 29 -2.50 -5.28 -19.70
C SER A 29 -3.12 -3.90 -19.48
N SER A 30 -4.00 -3.82 -18.48
CA SER A 30 -4.67 -2.57 -18.17
C SER A 30 -5.22 -2.58 -16.75
N VAL A 31 -5.84 -1.48 -16.35
CA VAL A 31 -6.42 -1.38 -15.02
C VAL A 31 -5.55 -2.08 -13.99
N GLU A 32 -4.24 -1.86 -14.08
CA GLU A 32 -3.30 -2.46 -13.15
C GLU A 32 -3.31 -1.75 -11.81
N SER A 33 -3.74 -0.49 -11.82
CA SER A 33 -3.80 0.31 -10.59
C SER A 33 -5.25 0.69 -10.27
N ASP A 34 -6.09 0.70 -11.29
CA ASP A 34 -7.49 1.04 -11.12
C ASP A 34 -8.16 0.11 -10.11
N LEU A 35 -7.63 -1.10 -9.99
CA LEU A 35 -8.17 -2.09 -9.06
C LEU A 35 -7.45 -2.02 -7.71
N ASP A 36 -6.72 -0.94 -7.49
CA ASP A 36 -5.97 -0.75 -6.25
C ASP A 36 -6.72 0.21 -5.32
N MET A 37 -7.52 1.08 -5.89
CA MET A 37 -8.29 2.05 -5.12
C MET A 37 -9.24 1.35 -4.16
N GLN A 38 -9.66 0.15 -4.54
CA GLN A 38 -10.58 -0.63 -3.71
C GLN A 38 -9.87 -1.20 -2.50
N GLN A 39 -8.56 -1.40 -2.61
CA GLN A 39 -7.77 -1.94 -1.51
C GLN A 39 -7.83 -1.02 -0.29
N ALA A 40 -8.13 0.25 -0.52
CA ALA A 40 -8.23 1.22 0.55
C ALA A 40 -9.34 0.84 1.53
N MET A 41 -10.32 0.10 1.04
CA MET A 41 -11.45 -0.33 1.87
C MET A 41 -11.03 -1.44 2.82
N LEU A 42 -10.30 -2.42 2.29
CA LEU A 42 -9.83 -3.54 3.09
C LEU A 42 -8.79 -3.10 4.12
N THR A 43 -8.18 -1.95 3.85
CA THR A 43 -7.15 -1.40 4.74
C THR A 43 -7.61 -0.08 5.37
N ASN A 44 -8.86 -0.06 5.83
CA ASN A 44 -9.42 1.14 6.43
C ASN A 44 -8.51 1.65 7.54
N LYS A 45 -7.95 2.85 7.33
CA LYS A 45 -7.06 3.46 8.32
C LYS A 45 -7.77 3.62 9.65
N ASP A 46 -7.04 3.39 10.74
CA ASP A 46 -7.59 3.53 12.08
C ASP A 46 -6.52 3.96 13.08
N GLU A 47 -6.94 4.27 14.29
CA GLU A 47 -6.02 4.70 15.33
C GLU A 47 -5.15 3.55 15.80
N LYS A 48 -5.77 2.38 15.97
CA LYS A 48 -5.06 1.19 16.42
C LYS A 48 -4.08 0.71 15.36
N VAL A 49 -4.43 0.94 14.10
CA VAL A 49 -3.58 0.53 12.98
C VAL A 49 -2.21 1.19 13.06
N LEU A 50 -2.19 2.46 13.47
CA LEU A 50 -0.95 3.21 13.58
C LEU A 50 0.05 2.48 14.49
N LYS A 51 -0.48 1.77 15.47
CA LYS A 51 0.35 1.02 16.41
C LYS A 51 1.35 0.14 15.66
N ALA A 52 0.94 -0.35 14.49
CA ALA A 52 1.79 -1.21 13.68
C ALA A 52 2.92 -0.40 13.03
N LEU A 53 2.56 0.75 12.47
CA LEU A 53 3.54 1.62 11.83
C LEU A 53 4.67 1.99 12.79
N GLU A 54 4.38 1.91 14.08
CA GLU A 54 5.36 2.24 15.11
C GLU A 54 6.59 1.34 14.99
N ARG A 55 6.35 0.04 14.87
CA ARG A 55 7.43 -0.93 14.76
C ARG A 55 8.09 -0.85 13.38
N THR A 56 7.30 -0.51 12.37
CA THR A 56 7.81 -0.39 11.01
C THR A 56 8.69 0.84 10.86
N ARG A 57 8.30 1.93 11.51
CA ARG A 57 9.06 3.18 11.44
C ARG A 57 10.51 2.94 11.85
N GLN A 58 10.71 2.06 12.83
CA GLN A 58 12.06 1.76 13.31
C GLN A 58 12.88 1.09 12.22
N LEU A 59 12.22 0.30 11.38
CA LEU A 59 12.89 -0.40 10.30
C LEU A 59 12.88 0.44 9.02
N ASP A 60 12.36 1.65 9.12
CA ASP A 60 12.29 2.55 7.97
C ASP A 60 11.39 1.97 6.88
N ILE A 61 10.08 2.00 7.13
CA ILE A 61 9.11 1.49 6.17
C ILE A 61 7.97 2.49 5.96
N PRO A 62 7.68 2.78 4.68
CA PRO A 62 6.60 3.71 4.31
C PRO A 62 5.22 3.15 4.62
N ASP A 63 4.36 3.98 5.18
CA ASP A 63 3.00 3.57 5.52
C ASP A 63 2.24 3.14 4.26
N GLU A 64 2.75 3.53 3.10
CA GLU A 64 2.11 3.18 1.84
C GLU A 64 2.18 1.68 1.58
N LYS A 65 3.34 1.09 1.85
CA LYS A 65 3.54 -0.34 1.65
C LYS A 65 3.17 -1.12 2.91
N THR A 66 3.32 -0.46 4.06
CA THR A 66 3.01 -1.09 5.33
C THR A 66 1.49 -1.19 5.54
N MET A 67 0.76 -0.24 4.97
CA MET A 67 -0.69 -0.22 5.10
C MET A 67 -1.28 -1.58 4.74
N PRO A 68 -1.03 -2.04 3.51
CA PRO A 68 -1.53 -3.33 3.03
C PRO A 68 -0.84 -4.51 3.71
N VAL A 69 0.26 -4.23 4.40
CA VAL A 69 1.00 -5.27 5.11
C VAL A 69 0.36 -5.59 6.45
N LEU A 70 0.20 -4.57 7.28
CA LEU A 70 -0.39 -4.75 8.60
C LEU A 70 -1.83 -5.26 8.48
N MET A 71 -2.59 -4.69 7.55
CA MET A 71 -3.96 -5.10 7.33
C MET A 71 -4.05 -6.57 6.92
N LYS A 72 -2.96 -7.08 6.38
CA LYS A 72 -2.90 -8.48 5.95
C LYS A 72 -2.83 -9.41 7.15
N LEU A 73 -2.22 -8.94 8.23
CA LEU A 73 -2.09 -9.73 9.44
C LEU A 73 -3.44 -9.88 10.14
N LEU A 74 -4.15 -8.77 10.29
CA LEU A 74 -5.46 -8.78 10.94
C LEU A 74 -6.45 -9.63 10.16
N GLU A 75 -6.19 -9.80 8.87
CA GLU A 75 -7.07 -10.61 8.01
C GLU A 75 -7.18 -12.04 8.54
N GLU A 76 -6.03 -12.68 8.73
CA GLU A 76 -6.00 -14.05 9.23
C GLU A 76 -6.26 -14.09 10.73
N ALA A 77 -5.84 -13.03 11.43
CA ALA A 77 -6.02 -12.94 12.87
C ALA A 77 -7.41 -12.42 13.22
N GLY A 78 -8.23 -12.23 12.19
CA GLY A 78 -9.58 -11.74 12.41
C GLY A 78 -9.60 -10.44 13.20
N GLY A 79 -8.49 -9.70 13.16
CA GLY A 79 -8.41 -8.44 13.88
C GLY A 79 -7.88 -8.63 15.29
N ASN A 80 -6.91 -9.51 15.46
CA ASN A 80 -6.33 -9.77 16.77
C ASN A 80 -4.86 -9.35 16.81
N TRP A 81 -4.58 -8.25 17.49
CA TRP A 81 -3.21 -7.74 17.60
C TRP A 81 -2.46 -8.47 18.71
N SER A 82 -3.20 -9.08 19.63
CA SER A 82 -2.60 -9.81 20.74
C SER A 82 -1.58 -10.82 20.25
N TYR A 83 -2.01 -11.66 19.30
CA TYR A 83 -1.14 -12.68 18.74
C TYR A 83 -0.16 -12.08 17.74
N ILE A 84 -0.68 -11.18 16.90
CA ILE A 84 0.15 -10.53 15.89
C ILE A 84 1.31 -9.78 16.52
N LYS A 85 1.12 -9.36 17.77
CA LYS A 85 2.16 -8.64 18.50
C LYS A 85 2.95 -9.57 19.40
N LEU A 86 2.67 -10.87 19.29
CA LEU A 86 3.37 -11.87 20.09
C LEU A 86 4.86 -11.90 19.78
N ASP A 87 5.23 -11.30 18.65
CA ASP A 87 6.62 -11.24 18.24
C ASP A 87 7.00 -9.85 17.75
N ASN A 88 6.30 -8.84 18.27
CA ASN A 88 6.56 -7.46 17.89
C ASN A 88 6.21 -7.22 16.43
N TYR A 89 5.09 -7.79 15.99
CA TYR A 89 4.66 -7.64 14.61
C TYR A 89 5.69 -8.20 13.65
N THR A 90 6.27 -9.34 14.00
CA THR A 90 7.28 -9.98 13.16
C THR A 90 6.80 -10.13 11.74
N ALA A 91 5.50 -10.36 11.58
CA ALA A 91 4.91 -10.53 10.26
C ALA A 91 5.29 -9.38 9.33
N LEU A 92 5.38 -8.18 9.89
CA LEU A 92 5.74 -6.99 9.11
C LEU A 92 7.18 -7.09 8.63
N VAL A 93 8.03 -7.70 9.44
CA VAL A 93 9.44 -7.85 9.08
C VAL A 93 9.61 -8.77 7.88
N ASP A 94 8.96 -9.93 7.93
CA ASP A 94 9.03 -10.89 6.83
C ASP A 94 8.21 -10.42 5.64
N ALA A 95 7.14 -9.68 5.92
CA ALA A 95 6.28 -9.16 4.87
C ALA A 95 6.98 -8.09 4.04
N ILE A 96 7.44 -7.04 4.72
CA ILE A 96 8.14 -5.95 4.06
C ILE A 96 9.42 -6.44 3.38
N TYR A 97 10.08 -7.40 4.00
CA TYR A 97 11.32 -7.95 3.47
C TYR A 97 11.08 -8.59 2.10
N SER A 98 9.89 -9.17 1.93
CA SER A 98 9.54 -9.82 0.67
C SER A 98 9.21 -8.79 -0.39
N VAL A 99 8.26 -7.90 -0.08
CA VAL A 99 7.84 -6.86 -1.01
C VAL A 99 9.01 -5.94 -1.37
N GLU A 100 9.61 -5.35 -0.35
CA GLU A 100 10.74 -4.45 -0.54
C GLU A 100 11.81 -5.10 -1.43
N ASP A 101 11.92 -6.41 -1.34
CA ASP A 101 12.89 -7.15 -2.14
C ASP A 101 12.28 -7.61 -3.46
N GLU A 102 13.14 -7.98 -4.41
CA GLU A 102 12.69 -8.44 -5.71
C GLU A 102 11.70 -7.45 -6.32
N ASN A 103 12.23 -6.37 -6.88
CA ASN A 103 11.41 -5.34 -7.50
C ASN A 103 11.51 -5.40 -9.02
N LYS A 104 12.60 -5.97 -9.51
CA LYS A 104 12.83 -6.10 -10.94
C LYS A 104 12.60 -7.52 -11.41
N GLN A 105 12.62 -8.47 -10.47
CA GLN A 105 12.41 -9.87 -10.78
C GLN A 105 13.52 -10.39 -11.69
N SER A 106 14.74 -10.33 -11.20
CA SER A 106 15.90 -10.80 -11.96
C SER A 106 16.22 -12.25 -11.63
N GLU A 107 15.42 -13.16 -12.16
CA GLU A 107 15.61 -14.59 -11.92
C GLU A 107 16.09 -15.30 -13.19
N GLY A 108 17.41 -15.38 -13.35
CA GLY A 108 17.96 -16.04 -14.52
C GLY A 108 19.02 -17.05 -14.17
N SER A 109 18.60 -18.13 -13.49
CA SER A 109 19.52 -19.18 -13.09
C SER A 109 19.97 -20.01 -14.29
N MET A 1 7.16 45.26 9.50
CA MET A 1 7.31 45.03 10.94
C MET A 1 5.99 44.63 11.57
N GLY A 2 6.03 43.63 12.44
CA GLY A 2 4.82 43.16 13.10
C GLY A 2 4.31 41.87 12.50
N SER A 3 5.22 41.02 12.04
CA SER A 3 4.85 39.74 11.44
C SER A 3 4.13 38.86 12.46
N SER A 4 3.02 38.26 12.03
CA SER A 4 2.24 37.39 12.90
C SER A 4 1.47 36.36 12.09
N HIS A 5 0.85 35.40 12.78
CA HIS A 5 0.08 34.35 12.12
C HIS A 5 -1.24 34.11 12.85
N HIS A 6 -2.35 34.45 12.20
CA HIS A 6 -3.67 34.26 12.78
C HIS A 6 -4.17 32.84 12.57
N HIS A 7 -5.02 32.38 13.47
CA HIS A 7 -5.58 31.03 13.37
C HIS A 7 -6.99 30.98 13.92
N HIS A 8 -7.85 30.18 13.29
CA HIS A 8 -9.23 30.04 13.72
C HIS A 8 -9.79 28.68 13.34
N HIS A 9 -10.91 28.30 13.95
CA HIS A 9 -11.54 27.03 13.67
C HIS A 9 -12.25 27.05 12.32
N HIS A 10 -12.49 25.87 11.76
CA HIS A 10 -13.16 25.75 10.46
C HIS A 10 -14.42 24.90 10.57
N SER A 11 -15.57 25.56 10.60
CA SER A 11 -16.84 24.87 10.71
C SER A 11 -17.51 24.73 9.35
N SER A 12 -17.08 23.73 8.58
CA SER A 12 -17.62 23.49 7.25
C SER A 12 -17.84 21.99 7.00
N GLY A 13 -19.08 21.63 6.69
CA GLY A 13 -19.39 20.23 6.43
C GLY A 13 -20.30 20.05 5.24
N LEU A 14 -19.95 19.11 4.37
CA LEU A 14 -20.74 18.84 3.18
C LEU A 14 -21.02 17.33 3.03
N VAL A 15 -21.02 16.64 4.16
CA VAL A 15 -21.28 15.20 4.16
C VAL A 15 -20.27 14.46 3.28
N PRO A 16 -20.13 13.15 3.50
CA PRO A 16 -19.22 12.31 2.73
C PRO A 16 -19.66 12.11 1.29
N ARG A 17 -18.92 12.71 0.36
CA ARG A 17 -19.26 12.60 -1.06
C ARG A 17 -17.99 12.54 -1.91
N GLY A 18 -18.15 12.20 -3.18
CA GLY A 18 -17.01 12.11 -4.08
C GLY A 18 -17.24 11.12 -5.20
N SER A 19 -18.33 11.30 -5.93
CA SER A 19 -18.65 10.41 -7.05
C SER A 19 -19.48 11.14 -8.10
N HIS A 20 -19.48 10.61 -9.32
CA HIS A 20 -20.22 11.21 -10.42
C HIS A 20 -20.73 10.14 -11.38
N MET A 21 -21.86 10.41 -12.02
CA MET A 21 -22.44 9.47 -12.97
C MET A 21 -22.30 9.99 -14.40
N ILE A 22 -21.13 10.53 -14.71
CA ILE A 22 -20.86 11.06 -16.05
C ILE A 22 -20.75 9.93 -17.07
N SER A 23 -21.31 10.16 -18.26
CA SER A 23 -21.27 9.16 -19.32
C SER A 23 -19.85 8.67 -19.56
N LEU A 24 -18.92 9.62 -19.69
CA LEU A 24 -17.52 9.29 -19.93
C LEU A 24 -17.36 8.45 -21.19
N SER A 25 -17.99 8.90 -22.27
CA SER A 25 -17.93 8.19 -23.55
C SER A 25 -16.47 7.92 -23.94
N GLY A 26 -16.12 6.64 -23.99
CA GLY A 26 -14.76 6.26 -24.36
C GLY A 26 -14.72 5.04 -25.25
N LEU A 27 -13.62 4.88 -25.97
CA LEU A 27 -13.46 3.74 -26.88
C LEU A 27 -13.07 2.48 -26.12
N THR A 28 -12.62 2.66 -24.88
CA THR A 28 -12.22 1.54 -24.04
C THR A 28 -12.65 1.75 -22.59
N SER A 29 -12.77 0.66 -21.85
CA SER A 29 -13.18 0.73 -20.45
C SER A 29 -12.33 1.74 -19.69
N SER A 30 -12.88 2.27 -18.60
CA SER A 30 -12.17 3.24 -17.78
C SER A 30 -12.39 2.96 -16.30
N VAL A 31 -11.46 2.24 -15.68
CA VAL A 31 -11.55 1.90 -14.27
C VAL A 31 -10.21 2.09 -13.58
N GLU A 32 -9.45 3.09 -14.03
CA GLU A 32 -8.14 3.37 -13.45
C GLU A 32 -8.29 4.07 -12.10
N SER A 33 -9.42 4.74 -11.90
CA SER A 33 -9.68 5.44 -10.65
C SER A 33 -10.87 4.84 -9.92
N ASP A 34 -11.75 4.19 -10.68
CA ASP A 34 -12.94 3.57 -10.11
C ASP A 34 -12.56 2.57 -9.02
N LEU A 35 -11.35 2.03 -9.11
CA LEU A 35 -10.86 1.08 -8.12
C LEU A 35 -10.33 1.78 -6.88
N ASP A 36 -9.90 3.03 -7.05
CA ASP A 36 -9.37 3.82 -5.95
C ASP A 36 -10.34 3.83 -4.77
N MET A 37 -11.63 3.94 -5.07
CA MET A 37 -12.66 3.95 -4.04
C MET A 37 -12.81 2.57 -3.40
N GLN A 38 -12.50 1.53 -4.18
CA GLN A 38 -12.60 0.16 -3.68
C GLN A 38 -11.46 -0.16 -2.73
N GLN A 39 -10.25 0.22 -3.13
CA GLN A 39 -9.07 -0.04 -2.31
C GLN A 39 -9.11 0.77 -1.02
N ALA A 40 -9.73 1.95 -1.09
CA ALA A 40 -9.84 2.82 0.08
C ALA A 40 -10.65 2.16 1.18
N MET A 41 -11.51 1.21 0.79
CA MET A 41 -12.34 0.51 1.75
C MET A 41 -11.57 -0.63 2.42
N LEU A 42 -10.77 -1.34 1.63
CA LEU A 42 -9.97 -2.45 2.15
C LEU A 42 -8.83 -1.94 3.00
N THR A 43 -8.41 -0.70 2.75
CA THR A 43 -7.32 -0.10 3.50
C THR A 43 -7.84 0.85 4.56
N ASN A 44 -8.97 0.49 5.17
CA ASN A 44 -9.57 1.31 6.21
C ASN A 44 -8.57 1.62 7.32
N LYS A 45 -8.26 2.91 7.48
CA LYS A 45 -7.32 3.33 8.51
C LYS A 45 -7.96 3.32 9.89
N ASP A 46 -7.19 2.92 10.89
CA ASP A 46 -7.70 2.86 12.25
C ASP A 46 -6.62 3.30 13.25
N GLU A 47 -7.02 3.51 14.50
CA GLU A 47 -6.10 3.93 15.54
C GLU A 47 -5.05 2.86 15.80
N LYS A 48 -5.50 1.65 16.07
CA LYS A 48 -4.59 0.54 16.34
C LYS A 48 -3.59 0.36 15.21
N VAL A 49 -4.02 0.67 13.99
CA VAL A 49 -3.16 0.55 12.82
C VAL A 49 -1.95 1.45 12.94
N LEU A 50 -2.11 2.57 13.64
CA LEU A 50 -1.02 3.52 13.84
C LEU A 50 0.07 2.93 14.73
N LYS A 51 -0.30 1.92 15.52
CA LYS A 51 0.64 1.26 16.42
C LYS A 51 1.64 0.42 15.63
N ALA A 52 1.14 -0.24 14.59
CA ALA A 52 1.99 -1.09 13.76
C ALA A 52 3.06 -0.27 13.04
N LEU A 53 2.65 0.88 12.49
CA LEU A 53 3.56 1.76 11.78
C LEU A 53 4.73 2.16 12.68
N GLU A 54 4.52 2.08 13.99
CA GLU A 54 5.56 2.45 14.95
C GLU A 54 6.74 1.48 14.86
N ARG A 55 6.43 0.20 14.74
CA ARG A 55 7.46 -0.83 14.65
C ARG A 55 8.08 -0.87 13.26
N THR A 56 7.27 -0.55 12.24
CA THR A 56 7.74 -0.55 10.87
C THR A 56 8.62 0.66 10.59
N ARG A 57 8.17 1.82 11.02
CA ARG A 57 8.92 3.07 10.82
C ARG A 57 10.34 2.93 11.38
N GLN A 58 10.50 2.06 12.37
CA GLN A 58 11.80 1.85 12.99
C GLN A 58 12.78 1.27 12.00
N LEU A 59 12.32 0.34 11.17
CA LEU A 59 13.16 -0.29 10.17
C LEU A 59 13.08 0.46 8.84
N ASP A 60 12.57 1.68 8.87
CA ASP A 60 12.43 2.50 7.68
C ASP A 60 11.44 1.86 6.70
N ILE A 61 10.15 1.97 7.02
CA ILE A 61 9.11 1.41 6.17
C ILE A 61 7.97 2.39 5.99
N PRO A 62 7.72 2.80 4.74
CA PRO A 62 6.65 3.75 4.40
C PRO A 62 5.26 3.13 4.57
N ASP A 63 4.36 3.90 5.16
CA ASP A 63 2.99 3.43 5.38
C ASP A 63 2.33 3.03 4.06
N GLU A 64 2.88 3.53 2.96
CA GLU A 64 2.35 3.23 1.65
C GLU A 64 2.42 1.73 1.36
N LYS A 65 3.43 1.07 1.91
CA LYS A 65 3.62 -0.36 1.73
C LYS A 65 3.20 -1.13 2.97
N THR A 66 3.33 -0.49 4.12
CA THR A 66 2.96 -1.11 5.39
C THR A 66 1.45 -1.22 5.54
N MET A 67 0.74 -0.26 4.95
CA MET A 67 -0.71 -0.24 5.02
C MET A 67 -1.30 -1.61 4.64
N PRO A 68 -1.00 -2.05 3.40
CA PRO A 68 -1.49 -3.34 2.89
C PRO A 68 -0.82 -4.52 3.59
N VAL A 69 0.26 -4.25 4.31
CA VAL A 69 0.98 -5.30 5.02
C VAL A 69 0.31 -5.62 6.35
N LEU A 70 0.16 -4.60 7.20
CA LEU A 70 -0.47 -4.78 8.50
C LEU A 70 -1.88 -5.33 8.35
N MET A 71 -2.62 -4.79 7.39
CA MET A 71 -4.00 -5.23 7.14
C MET A 71 -4.04 -6.70 6.79
N LYS A 72 -2.91 -7.22 6.28
CA LYS A 72 -2.82 -8.62 5.89
C LYS A 72 -2.77 -9.52 7.13
N LEU A 73 -2.21 -9.00 8.22
CA LEU A 73 -2.10 -9.76 9.46
C LEU A 73 -3.45 -9.86 10.15
N LEU A 74 -4.11 -8.72 10.31
CA LEU A 74 -5.43 -8.69 10.96
C LEU A 74 -6.44 -9.51 10.18
N GLU A 75 -6.18 -9.69 8.89
CA GLU A 75 -7.08 -10.46 8.03
C GLU A 75 -7.23 -11.88 8.55
N GLU A 76 -6.12 -12.57 8.75
CA GLU A 76 -6.13 -13.94 9.24
C GLU A 76 -6.41 -13.97 10.75
N ALA A 77 -5.97 -12.92 11.44
CA ALA A 77 -6.17 -12.83 12.89
C ALA A 77 -7.55 -12.27 13.22
N GLY A 78 -8.35 -12.05 12.19
CA GLY A 78 -9.69 -11.51 12.39
C GLY A 78 -9.68 -10.21 13.18
N GLY A 79 -8.56 -9.51 13.14
CA GLY A 79 -8.45 -8.26 13.86
C GLY A 79 -7.94 -8.44 15.27
N ASN A 80 -6.99 -9.36 15.45
CA ASN A 80 -6.42 -9.63 16.77
C ASN A 80 -4.95 -9.26 16.81
N TRP A 81 -4.64 -8.14 17.47
CA TRP A 81 -3.26 -7.67 17.58
C TRP A 81 -2.54 -8.41 18.70
N SER A 82 -3.30 -8.97 19.63
CA SER A 82 -2.72 -9.70 20.76
C SER A 82 -1.73 -10.75 20.27
N TYR A 83 -2.17 -11.58 19.33
CA TYR A 83 -1.34 -12.63 18.78
C TYR A 83 -0.34 -12.06 17.77
N ILE A 84 -0.81 -11.15 16.93
CA ILE A 84 0.03 -10.53 15.92
C ILE A 84 1.21 -9.82 16.56
N LYS A 85 1.04 -9.41 17.81
CA LYS A 85 2.09 -8.72 18.54
C LYS A 85 2.87 -9.68 19.44
N LEU A 86 2.57 -10.97 19.31
CA LEU A 86 3.23 -11.99 20.10
C LEU A 86 4.73 -12.02 19.81
N ASP A 87 5.12 -11.42 18.69
CA ASP A 87 6.52 -11.38 18.30
C ASP A 87 6.92 -9.97 17.84
N ASN A 88 6.22 -8.97 18.38
CA ASN A 88 6.50 -7.58 18.03
C ASN A 88 6.17 -7.32 16.56
N TYR A 89 5.06 -7.88 16.09
CA TYR A 89 4.64 -7.70 14.71
C TYR A 89 5.68 -8.25 13.75
N THR A 90 6.25 -9.40 14.10
CA THR A 90 7.26 -10.04 13.27
C THR A 90 6.77 -10.19 11.83
N ALA A 91 5.47 -10.41 11.67
CA ALA A 91 4.88 -10.55 10.35
C ALA A 91 5.28 -9.41 9.43
N LEU A 92 5.38 -8.21 9.99
CA LEU A 92 5.76 -7.03 9.22
C LEU A 92 7.20 -7.13 8.75
N VAL A 93 8.05 -7.74 9.56
CA VAL A 93 9.46 -7.92 9.22
C VAL A 93 9.63 -8.82 8.00
N ASP A 94 8.97 -9.97 8.03
CA ASP A 94 9.04 -10.91 6.93
C ASP A 94 8.23 -10.42 5.73
N ALA A 95 7.17 -9.68 6.01
CA ALA A 95 6.31 -9.14 4.96
C ALA A 95 7.02 -8.05 4.18
N ILE A 96 7.46 -7.00 4.89
CA ILE A 96 8.16 -5.89 4.26
C ILE A 96 9.43 -6.35 3.57
N TYR A 97 10.09 -7.33 4.16
CA TYR A 97 11.33 -7.86 3.61
C TYR A 97 11.10 -8.44 2.22
N SER A 98 9.92 -9.02 2.02
CA SER A 98 9.58 -9.62 0.73
C SER A 98 9.22 -8.53 -0.29
N VAL A 99 8.26 -7.68 0.07
CA VAL A 99 7.83 -6.61 -0.81
C VAL A 99 8.98 -5.67 -1.14
N GLU A 100 9.64 -5.16 -0.11
CA GLU A 100 10.77 -4.25 -0.30
C GLU A 100 11.79 -4.84 -1.26
N ASP A 101 11.89 -6.17 -1.27
CA ASP A 101 12.84 -6.86 -2.14
C ASP A 101 12.19 -7.19 -3.48
N GLU A 102 13.01 -7.38 -4.51
CA GLU A 102 12.52 -7.69 -5.84
C GLU A 102 11.46 -6.69 -6.28
N ASN A 103 11.91 -5.54 -6.75
CA ASN A 103 10.99 -4.49 -7.21
C ASN A 103 10.91 -4.46 -8.73
N LYS A 104 11.98 -4.92 -9.38
CA LYS A 104 12.03 -4.95 -10.84
C LYS A 104 11.22 -6.13 -11.39
N GLN A 105 11.08 -7.17 -10.59
CA GLN A 105 10.33 -8.35 -10.99
C GLN A 105 8.84 -8.19 -10.70
N SER A 106 8.26 -7.11 -11.20
CA SER A 106 6.85 -6.83 -11.00
C SER A 106 6.43 -5.54 -11.70
N GLU A 107 5.14 -5.38 -11.92
CA GLU A 107 4.61 -4.20 -12.59
C GLU A 107 3.59 -3.48 -11.71
N GLY A 108 3.64 -2.15 -11.72
CA GLY A 108 2.72 -1.37 -10.92
C GLY A 108 2.03 -0.29 -11.73
N SER A 109 0.90 0.19 -11.21
CA SER A 109 0.13 1.22 -11.89
C SER A 109 -0.41 2.24 -10.89
N MET A 1 1.72 64.54 46.38
CA MET A 1 1.41 63.53 47.39
C MET A 1 0.88 62.25 46.73
N GLY A 2 1.66 61.70 45.82
CA GLY A 2 1.26 60.48 45.14
C GLY A 2 0.95 60.72 43.67
N SER A 3 1.30 59.75 42.82
CA SER A 3 1.06 59.86 41.39
C SER A 3 0.33 58.63 40.86
N SER A 4 -0.87 58.84 40.35
CA SER A 4 -1.67 57.74 39.81
C SER A 4 -0.93 57.03 38.67
N HIS A 5 -0.90 55.71 38.74
CA HIS A 5 -0.22 54.92 37.72
C HIS A 5 -1.21 54.43 36.67
N HIS A 6 -1.41 55.26 35.64
CA HIS A 6 -2.34 54.92 34.57
C HIS A 6 -2.11 55.81 33.35
N HIS A 7 -2.29 55.25 32.16
CA HIS A 7 -2.10 56.00 30.93
C HIS A 7 -2.80 55.31 29.75
N HIS A 8 -3.33 56.09 28.83
CA HIS A 8 -4.02 55.56 27.67
C HIS A 8 -3.07 54.72 26.82
N HIS A 9 -3.57 53.62 26.27
CA HIS A 9 -2.77 52.74 25.43
C HIS A 9 -3.52 52.38 24.15
N HIS A 10 -2.77 52.26 23.05
CA HIS A 10 -3.36 51.93 21.75
C HIS A 10 -2.38 51.12 20.91
N SER A 11 -2.91 50.18 20.14
CA SER A 11 -2.09 49.34 19.27
C SER A 11 -1.79 50.03 17.95
N SER A 12 -0.72 49.61 17.29
CA SER A 12 -0.32 50.19 16.02
C SER A 12 -0.58 49.21 14.87
N GLY A 13 -1.86 49.03 14.54
CA GLY A 13 -2.21 48.11 13.47
C GLY A 13 -3.60 48.39 12.91
N LEU A 14 -3.79 49.58 12.35
CA LEU A 14 -5.07 49.97 11.78
C LEU A 14 -4.89 50.50 10.37
N VAL A 15 -4.28 49.70 9.50
CA VAL A 15 -4.05 50.10 8.12
C VAL A 15 -4.84 49.21 7.16
N PRO A 16 -5.12 49.73 5.95
CA PRO A 16 -5.87 49.00 4.93
C PRO A 16 -5.06 47.85 4.34
N ARG A 17 -5.50 46.62 4.63
CA ARG A 17 -4.81 45.43 4.13
C ARG A 17 -4.75 45.45 2.61
N GLY A 18 -3.67 44.90 2.05
CA GLY A 18 -3.52 44.85 0.62
C GLY A 18 -2.15 44.35 0.20
N SER A 19 -2.08 43.06 -0.14
CA SER A 19 -0.82 42.45 -0.55
C SER A 19 -0.61 42.61 -2.06
N HIS A 20 0.63 42.42 -2.49
CA HIS A 20 0.97 42.55 -3.91
C HIS A 20 1.00 41.17 -4.57
N MET A 21 1.14 41.18 -5.91
CA MET A 21 1.19 39.93 -6.65
C MET A 21 1.51 40.20 -8.12
N ILE A 22 2.23 39.27 -8.75
CA ILE A 22 2.61 39.40 -10.15
C ILE A 22 1.90 38.37 -11.01
N SER A 23 1.45 38.79 -12.18
CA SER A 23 0.75 37.90 -13.11
C SER A 23 1.55 36.62 -13.33
N LEU A 24 2.83 36.78 -13.63
CA LEU A 24 3.72 35.64 -13.87
C LEU A 24 4.32 35.13 -12.56
N SER A 25 3.47 35.00 -11.55
CA SER A 25 3.92 34.52 -10.24
C SER A 25 4.23 33.02 -10.29
N GLY A 26 5.42 32.68 -10.74
CA GLY A 26 5.82 31.28 -10.83
C GLY A 26 4.99 30.51 -11.84
N LEU A 27 5.57 29.44 -12.38
CA LEU A 27 4.88 28.62 -13.37
C LEU A 27 4.93 27.14 -12.96
N THR A 28 3.78 26.49 -13.03
CA THR A 28 3.68 25.08 -12.67
C THR A 28 2.24 24.59 -12.76
N SER A 29 2.07 23.26 -12.85
CA SER A 29 0.75 22.67 -12.94
C SER A 29 -0.05 22.91 -11.65
N SER A 30 -1.28 22.41 -11.63
CA SER A 30 -2.15 22.57 -10.47
C SER A 30 -2.69 21.22 -10.00
N VAL A 31 -3.40 21.24 -8.87
CA VAL A 31 -3.98 20.02 -8.33
C VAL A 31 -3.04 18.82 -8.52
N GLU A 32 -1.76 19.04 -8.27
CA GLU A 32 -0.76 17.98 -8.42
C GLU A 32 -0.82 17.01 -7.24
N SER A 33 -1.33 17.49 -6.12
CA SER A 33 -1.44 16.66 -4.92
C SER A 33 -2.90 16.44 -4.54
N ASP A 34 -3.76 17.35 -4.97
CA ASP A 34 -5.19 17.25 -4.68
C ASP A 34 -5.74 15.91 -5.14
N LEU A 35 -5.11 15.33 -6.15
CA LEU A 35 -5.54 14.04 -6.69
C LEU A 35 -4.86 12.88 -5.97
N ASP A 36 -3.69 13.15 -5.40
CA ASP A 36 -2.94 12.14 -4.67
C ASP A 36 -3.63 11.78 -3.37
N MET A 37 -4.27 12.77 -2.75
CA MET A 37 -4.98 12.56 -1.49
C MET A 37 -6.00 11.44 -1.62
N GLN A 38 -6.49 11.23 -2.85
CA GLN A 38 -7.47 10.19 -3.10
C GLN A 38 -6.98 8.84 -2.60
N GLN A 39 -5.66 8.66 -2.56
CA GLN A 39 -5.06 7.42 -2.10
C GLN A 39 -5.46 7.12 -0.65
N ALA A 40 -5.64 8.18 0.13
CA ALA A 40 -6.02 8.05 1.53
C ALA A 40 -7.38 7.38 1.66
N MET A 41 -8.19 7.48 0.61
CA MET A 41 -9.52 6.89 0.62
C MET A 41 -9.46 5.40 0.29
N LEU A 42 -8.44 5.00 -0.47
CA LEU A 42 -8.26 3.61 -0.85
C LEU A 42 -7.40 2.87 0.17
N THR A 43 -7.09 3.56 1.27
CA THR A 43 -6.27 2.96 2.33
C THR A 43 -6.80 3.36 3.70
N ASN A 44 -8.10 3.21 3.90
CA ASN A 44 -8.73 3.55 5.17
C ASN A 44 -8.01 2.87 6.33
N LYS A 45 -7.36 3.66 7.17
CA LYS A 45 -6.64 3.13 8.32
C LYS A 45 -7.45 3.30 9.60
N ASP A 46 -6.93 2.77 10.70
CA ASP A 46 -7.60 2.86 11.98
C ASP A 46 -6.65 3.36 13.06
N GLU A 47 -7.15 3.46 14.28
CA GLU A 47 -6.34 3.94 15.40
C GLU A 47 -5.28 2.91 15.79
N LYS A 48 -5.67 1.64 15.80
CA LYS A 48 -4.76 0.56 16.14
C LYS A 48 -3.73 0.35 15.05
N VAL A 49 -4.14 0.59 13.80
CA VAL A 49 -3.24 0.42 12.67
C VAL A 49 -2.02 1.33 12.79
N LEU A 50 -2.18 2.44 13.49
CA LEU A 50 -1.09 3.39 13.69
C LEU A 50 -0.01 2.80 14.59
N LYS A 51 -0.41 1.87 15.44
CA LYS A 51 0.53 1.22 16.35
C LYS A 51 1.54 0.37 15.58
N ALA A 52 1.08 -0.32 14.54
CA ALA A 52 1.95 -1.15 13.73
C ALA A 52 3.01 -0.31 13.03
N LEU A 53 2.60 0.84 12.50
CA LEU A 53 3.52 1.73 11.80
C LEU A 53 4.65 2.16 12.72
N GLU A 54 4.43 2.07 14.02
CA GLU A 54 5.43 2.45 15.01
C GLU A 54 6.62 1.50 14.98
N ARG A 55 6.34 0.21 14.79
CA ARG A 55 7.37 -0.81 14.74
C ARG A 55 8.08 -0.80 13.38
N THR A 56 7.32 -0.50 12.33
CA THR A 56 7.87 -0.46 10.98
C THR A 56 8.71 0.80 10.77
N ARG A 57 8.18 1.93 11.21
CA ARG A 57 8.88 3.20 11.07
C ARG A 57 10.29 3.12 11.67
N GLN A 58 10.46 2.24 12.64
CA GLN A 58 11.76 2.06 13.28
C GLN A 58 12.79 1.52 12.29
N LEU A 59 12.37 0.60 11.45
CA LEU A 59 13.25 0.01 10.45
C LEU A 59 13.19 0.78 9.13
N ASP A 60 12.57 1.95 9.17
CA ASP A 60 12.46 2.79 7.98
C ASP A 60 11.57 2.10 6.94
N ILE A 61 10.27 2.12 7.17
CA ILE A 61 9.32 1.51 6.25
C ILE A 61 8.18 2.46 5.91
N PRO A 62 7.89 2.61 4.61
CA PRO A 62 6.82 3.49 4.13
C PRO A 62 5.43 2.96 4.48
N ASP A 63 4.57 3.85 4.94
CA ASP A 63 3.20 3.47 5.31
C ASP A 63 2.40 3.07 4.08
N GLU A 64 2.97 3.31 2.91
CA GLU A 64 2.30 2.97 1.66
C GLU A 64 2.37 1.47 1.39
N LYS A 65 3.36 0.82 1.98
CA LYS A 65 3.53 -0.62 1.82
C LYS A 65 3.19 -1.37 3.11
N THR A 66 3.30 -0.67 4.23
CA THR A 66 3.01 -1.27 5.53
C THR A 66 1.49 -1.38 5.75
N MET A 67 0.77 -0.37 5.27
CA MET A 67 -0.69 -0.36 5.41
C MET A 67 -1.29 -1.69 4.97
N PRO A 68 -1.01 -2.08 3.72
CA PRO A 68 -1.52 -3.33 3.15
C PRO A 68 -0.87 -4.56 3.78
N VAL A 69 0.24 -4.35 4.49
CA VAL A 69 0.95 -5.43 5.14
C VAL A 69 0.30 -5.79 6.47
N LEU A 70 0.18 -4.80 7.35
CA LEU A 70 -0.42 -5.00 8.66
C LEU A 70 -1.86 -5.48 8.54
N MET A 71 -2.61 -4.83 7.64
CA MET A 71 -4.01 -5.20 7.41
C MET A 71 -4.13 -6.64 6.94
N LYS A 72 -3.06 -7.16 6.37
CA LYS A 72 -3.04 -8.53 5.88
C LYS A 72 -3.00 -9.52 7.03
N LEU A 73 -2.39 -9.11 8.14
CA LEU A 73 -2.28 -9.96 9.32
C LEU A 73 -3.61 -10.04 10.06
N LEU A 74 -4.19 -8.88 10.35
CA LEU A 74 -5.46 -8.81 11.06
C LEU A 74 -6.54 -9.57 10.30
N GLU A 75 -6.35 -9.72 8.99
CA GLU A 75 -7.31 -10.42 8.15
C GLU A 75 -7.54 -11.84 8.67
N GLU A 76 -6.45 -12.59 8.82
CA GLU A 76 -6.53 -13.96 9.31
C GLU A 76 -6.75 -14.00 10.81
N ALA A 77 -6.25 -12.97 11.50
CA ALA A 77 -6.40 -12.89 12.96
C ALA A 77 -7.74 -12.28 13.34
N GLY A 78 -8.57 -12.02 12.33
CA GLY A 78 -9.89 -11.45 12.58
C GLY A 78 -9.81 -10.13 13.32
N GLY A 79 -8.64 -9.49 13.27
CA GLY A 79 -8.47 -8.22 13.94
C GLY A 79 -7.92 -8.38 15.35
N ASN A 80 -6.98 -9.30 15.51
CA ASN A 80 -6.38 -9.55 16.82
C ASN A 80 -4.89 -9.20 16.82
N TRP A 81 -4.57 -8.06 17.40
CA TRP A 81 -3.18 -7.60 17.47
C TRP A 81 -2.43 -8.29 18.61
N SER A 82 -3.18 -8.79 19.58
CA SER A 82 -2.59 -9.46 20.73
C SER A 82 -1.61 -10.54 20.29
N TYR A 83 -2.07 -11.41 19.39
CA TYR A 83 -1.24 -12.49 18.87
C TYR A 83 -0.27 -11.97 17.81
N ILE A 84 -0.77 -11.13 16.92
CA ILE A 84 0.06 -10.57 15.86
C ILE A 84 1.25 -9.82 16.44
N LYS A 85 1.11 -9.35 17.67
CA LYS A 85 2.18 -8.62 18.33
C LYS A 85 2.98 -9.54 19.26
N LEU A 86 2.56 -10.80 19.34
CA LEU A 86 3.24 -11.77 20.19
C LEU A 86 4.73 -11.82 19.87
N ASP A 87 5.08 -11.48 18.64
CA ASP A 87 6.48 -11.49 18.21
C ASP A 87 6.91 -10.10 17.75
N ASN A 88 6.22 -9.07 18.26
CA ASN A 88 6.54 -7.70 17.90
C ASN A 88 6.25 -7.43 16.43
N TYR A 89 5.13 -7.98 15.94
CA TYR A 89 4.74 -7.81 14.55
C TYR A 89 5.80 -8.39 13.62
N THR A 90 6.33 -9.55 13.99
CA THR A 90 7.35 -10.22 13.19
C THR A 90 6.89 -10.37 11.74
N ALA A 91 5.59 -10.50 11.55
CA ALA A 91 5.02 -10.65 10.21
C ALA A 91 5.44 -9.50 9.31
N LEU A 92 5.52 -8.31 9.88
CA LEU A 92 5.90 -7.12 9.12
C LEU A 92 7.35 -7.22 8.64
N VAL A 93 8.19 -7.87 9.45
CA VAL A 93 9.60 -8.04 9.11
C VAL A 93 9.75 -8.92 7.88
N ASP A 94 9.09 -10.06 7.87
CA ASP A 94 9.15 -10.99 6.75
C ASP A 94 8.33 -10.47 5.57
N ALA A 95 7.27 -9.73 5.88
CA ALA A 95 6.40 -9.17 4.85
C ALA A 95 7.09 -8.04 4.10
N ILE A 96 7.50 -7.02 4.84
CA ILE A 96 8.18 -5.86 4.25
C ILE A 96 9.44 -6.29 3.50
N TYR A 97 10.16 -7.25 4.08
CA TYR A 97 11.39 -7.75 3.47
C TYR A 97 11.12 -8.34 2.08
N SER A 98 9.94 -8.94 1.93
CA SER A 98 9.56 -9.55 0.66
C SER A 98 9.14 -8.48 -0.34
N VAL A 99 8.19 -7.65 0.04
CA VAL A 99 7.70 -6.59 -0.83
C VAL A 99 8.83 -5.62 -1.20
N GLU A 100 9.50 -5.09 -0.19
CA GLU A 100 10.61 -4.16 -0.41
C GLU A 100 11.60 -4.73 -1.41
N ASP A 101 11.73 -6.05 -1.43
CA ASP A 101 12.65 -6.71 -2.35
C ASP A 101 12.21 -6.51 -3.80
N GLU A 102 11.00 -6.95 -4.11
CA GLU A 102 10.46 -6.82 -5.46
C GLU A 102 9.37 -5.75 -5.52
N ASN A 103 9.61 -4.71 -6.31
CA ASN A 103 8.65 -3.62 -6.45
C ASN A 103 8.05 -3.59 -7.85
N LYS A 104 8.80 -4.13 -8.81
CA LYS A 104 8.36 -4.18 -10.20
C LYS A 104 7.09 -5.01 -10.34
N GLN A 105 6.84 -5.86 -9.35
CA GLN A 105 5.65 -6.71 -9.36
C GLN A 105 4.40 -5.89 -9.61
N SER A 106 3.31 -6.58 -9.96
CA SER A 106 2.04 -5.91 -10.22
C SER A 106 1.26 -5.69 -8.93
N GLU A 107 1.05 -4.44 -8.57
CA GLU A 107 0.32 -4.10 -7.36
C GLU A 107 -1.00 -3.39 -7.69
N GLY A 108 -1.70 -2.93 -6.66
CA GLY A 108 -2.96 -2.25 -6.86
C GLY A 108 -3.55 -1.72 -5.57
N SER A 109 -4.35 -2.54 -4.91
CA SER A 109 -4.98 -2.15 -3.66
C SER A 109 -4.19 -2.67 -2.46
N MET A 1 -9.82 52.53 -2.87
CA MET A 1 -9.39 53.75 -2.21
C MET A 1 -10.17 53.98 -0.92
N GLY A 2 -10.54 52.89 -0.26
CA GLY A 2 -11.28 52.99 0.99
C GLY A 2 -10.48 52.52 2.19
N SER A 3 -10.80 53.05 3.35
CA SER A 3 -10.10 52.69 4.58
C SER A 3 -10.82 51.55 5.30
N SER A 4 -10.71 50.35 4.76
CA SER A 4 -11.36 49.18 5.35
C SER A 4 -10.82 47.89 4.73
N HIS A 5 -10.98 46.79 5.46
CA HIS A 5 -10.51 45.49 4.99
C HIS A 5 -11.63 44.74 4.27
N HIS A 6 -11.48 44.60 2.96
CA HIS A 6 -12.48 43.89 2.16
C HIS A 6 -12.17 42.40 2.09
N HIS A 7 -10.90 42.06 2.24
CA HIS A 7 -10.47 40.66 2.20
C HIS A 7 -11.28 39.81 3.18
N HIS A 8 -11.49 40.34 4.38
CA HIS A 8 -12.24 39.63 5.41
C HIS A 8 -13.71 39.49 5.00
N HIS A 9 -14.31 38.36 5.35
CA HIS A 9 -15.71 38.11 5.02
C HIS A 9 -16.41 37.37 6.16
N HIS A 10 -17.67 37.02 5.94
CA HIS A 10 -18.45 36.31 6.95
C HIS A 10 -18.28 34.80 6.82
N SER A 11 -18.21 34.11 7.96
CA SER A 11 -18.04 32.67 7.96
C SER A 11 -19.24 31.98 8.61
N SER A 12 -20.14 31.47 7.78
CA SER A 12 -21.33 30.79 8.26
C SER A 12 -20.99 29.39 8.77
N GLY A 13 -21.83 28.87 9.67
CA GLY A 13 -21.60 27.55 10.21
C GLY A 13 -21.74 26.46 9.17
N LEU A 14 -20.98 25.38 9.33
CA LEU A 14 -21.02 24.27 8.38
C LEU A 14 -22.43 23.69 8.28
N VAL A 15 -22.60 22.72 7.39
CA VAL A 15 -23.90 22.08 7.20
C VAL A 15 -23.75 20.59 6.93
N PRO A 16 -24.80 19.83 7.22
CA PRO A 16 -24.82 18.37 7.01
C PRO A 16 -24.82 18.00 5.53
N ARG A 17 -24.57 16.73 5.25
CA ARG A 17 -24.54 16.24 3.87
C ARG A 17 -25.74 15.34 3.60
N GLY A 18 -26.26 14.71 4.64
CA GLY A 18 -27.40 13.83 4.49
C GLY A 18 -27.13 12.69 3.52
N SER A 19 -28.18 12.23 2.86
CA SER A 19 -28.05 11.13 1.90
C SER A 19 -28.76 11.47 0.60
N HIS A 20 -28.07 11.26 -0.53
CA HIS A 20 -28.63 11.53 -1.84
C HIS A 20 -29.32 10.30 -2.41
N MET A 21 -30.45 10.51 -3.08
CA MET A 21 -31.20 9.42 -3.68
C MET A 21 -30.98 9.37 -5.19
N ILE A 22 -30.49 8.24 -5.68
CA ILE A 22 -30.25 8.07 -7.10
C ILE A 22 -30.40 6.62 -7.52
N SER A 23 -30.97 6.40 -8.71
CA SER A 23 -31.17 5.04 -9.23
C SER A 23 -29.86 4.47 -9.77
N LEU A 24 -28.87 4.33 -8.89
CA LEU A 24 -27.57 3.79 -9.29
C LEU A 24 -27.73 2.45 -9.97
N SER A 25 -28.58 1.59 -9.41
CA SER A 25 -28.82 0.26 -9.97
C SER A 25 -29.27 0.36 -11.42
N GLY A 26 -28.96 -0.67 -12.20
CA GLY A 26 -29.35 -0.68 -13.60
C GLY A 26 -29.13 -2.04 -14.25
N LEU A 27 -29.89 -2.31 -15.30
CA LEU A 27 -29.79 -3.58 -16.00
C LEU A 27 -28.55 -3.60 -16.89
N THR A 28 -27.99 -2.43 -17.15
CA THR A 28 -26.80 -2.31 -17.99
C THR A 28 -25.55 -2.12 -17.14
N SER A 29 -24.41 -1.93 -17.80
CA SER A 29 -23.15 -1.74 -17.10
C SER A 29 -23.05 -0.32 -16.53
N SER A 30 -22.47 -0.21 -15.35
CA SER A 30 -22.32 1.08 -14.69
C SER A 30 -21.15 1.06 -13.71
N VAL A 31 -20.83 2.23 -13.14
CA VAL A 31 -19.74 2.34 -12.19
C VAL A 31 -18.57 1.44 -12.59
N GLU A 32 -18.23 1.45 -13.88
CA GLU A 32 -17.13 0.64 -14.38
C GLU A 32 -15.79 1.13 -13.83
N SER A 33 -15.72 2.44 -13.58
CA SER A 33 -14.49 3.05 -13.06
C SER A 33 -14.81 4.04 -11.95
N ASP A 34 -16.00 3.93 -11.38
CA ASP A 34 -16.43 4.82 -10.31
C ASP A 34 -16.03 4.27 -8.95
N LEU A 35 -15.98 2.94 -8.84
CA LEU A 35 -15.61 2.29 -7.60
C LEU A 35 -14.22 2.74 -7.13
N ASP A 36 -13.41 3.18 -8.08
CA ASP A 36 -12.06 3.66 -7.77
C ASP A 36 -12.09 4.69 -6.65
N MET A 37 -13.18 5.45 -6.58
CA MET A 37 -13.33 6.47 -5.56
C MET A 37 -13.77 5.86 -4.23
N GLN A 38 -14.60 4.82 -4.31
CA GLN A 38 -15.09 4.15 -3.11
C GLN A 38 -13.96 3.41 -2.39
N GLN A 39 -12.93 3.04 -3.14
CA GLN A 39 -11.79 2.33 -2.58
C GLN A 39 -11.20 3.11 -1.41
N ALA A 40 -11.24 4.44 -1.51
CA ALA A 40 -10.70 5.30 -0.46
C ALA A 40 -11.47 5.12 0.85
N MET A 41 -12.72 4.68 0.74
CA MET A 41 -13.55 4.46 1.91
C MET A 41 -13.25 3.11 2.55
N LEU A 42 -13.11 2.09 1.73
CA LEU A 42 -12.82 0.74 2.21
C LEU A 42 -11.41 0.67 2.79
N THR A 43 -10.53 1.54 2.30
CA THR A 43 -9.15 1.57 2.76
C THR A 43 -8.95 2.63 3.84
N ASN A 44 -10.04 2.97 4.53
CA ASN A 44 -9.99 3.96 5.58
C ASN A 44 -9.14 3.48 6.76
N LYS A 45 -7.91 3.97 6.84
CA LYS A 45 -7.00 3.58 7.92
C LYS A 45 -7.65 3.78 9.27
N ASP A 46 -6.99 3.28 10.32
CA ASP A 46 -7.52 3.41 11.68
C ASP A 46 -6.38 3.70 12.66
N GLU A 47 -6.75 4.08 13.88
CA GLU A 47 -5.77 4.39 14.91
C GLU A 47 -4.98 3.15 15.31
N LYS A 48 -5.70 2.09 15.67
CA LYS A 48 -5.07 0.84 16.08
C LYS A 48 -4.06 0.38 15.02
N VAL A 49 -4.32 0.73 13.76
CA VAL A 49 -3.44 0.35 12.66
C VAL A 49 -2.10 1.09 12.76
N LEU A 50 -2.17 2.35 13.18
CA LEU A 50 -0.97 3.17 13.31
C LEU A 50 0.03 2.52 14.28
N LYS A 51 -0.50 1.86 15.29
CA LYS A 51 0.35 1.19 16.29
C LYS A 51 1.38 0.30 15.61
N ALA A 52 1.00 -0.30 14.49
CA ALA A 52 1.91 -1.18 13.75
C ALA A 52 2.99 -0.37 13.05
N LEU A 53 2.61 0.80 12.52
CA LEU A 53 3.55 1.67 11.83
C LEU A 53 4.69 2.10 12.75
N GLU A 54 4.44 2.03 14.05
CA GLU A 54 5.44 2.42 15.04
C GLU A 54 6.63 1.46 15.01
N ARG A 55 6.34 0.17 14.86
CA ARG A 55 7.39 -0.85 14.82
C ARG A 55 8.06 -0.88 13.46
N THR A 56 7.29 -0.59 12.41
CA THR A 56 7.82 -0.58 11.06
C THR A 56 8.68 0.65 10.80
N ARG A 57 8.21 1.81 11.26
CA ARG A 57 8.93 3.06 11.08
C ARG A 57 10.35 2.94 11.63
N GLN A 58 10.53 2.05 12.59
CA GLN A 58 11.85 1.84 13.20
C GLN A 58 12.84 1.30 12.18
N LEU A 59 12.37 0.44 11.29
CA LEU A 59 13.22 -0.15 10.26
C LEU A 59 13.09 0.62 8.95
N ASP A 60 12.51 1.81 9.03
CA ASP A 60 12.32 2.65 7.84
C ASP A 60 11.35 1.98 6.86
N ILE A 61 10.07 2.05 7.18
CA ILE A 61 9.04 1.46 6.33
C ILE A 61 7.85 2.41 6.16
N PRO A 62 7.60 2.82 4.91
CA PRO A 62 6.49 3.72 4.58
C PRO A 62 5.13 3.07 4.75
N ASP A 63 4.21 3.80 5.38
CA ASP A 63 2.86 3.28 5.60
C ASP A 63 2.19 2.89 4.29
N GLU A 64 2.71 3.44 3.18
CA GLU A 64 2.17 3.15 1.87
C GLU A 64 2.27 1.65 1.55
N LYS A 65 3.27 1.00 2.13
CA LYS A 65 3.48 -0.43 1.91
C LYS A 65 3.14 -1.22 3.16
N THR A 66 3.24 -0.58 4.32
CA THR A 66 2.94 -1.23 5.59
C THR A 66 1.44 -1.35 5.81
N MET A 67 0.69 -0.36 5.32
CA MET A 67 -0.76 -0.37 5.47
C MET A 67 -1.34 -1.70 5.02
N PRO A 68 -1.06 -2.09 3.76
CA PRO A 68 -1.55 -3.34 3.19
C PRO A 68 -0.89 -4.57 3.82
N VAL A 69 0.22 -4.34 4.52
CA VAL A 69 0.95 -5.42 5.16
C VAL A 69 0.31 -5.78 6.50
N LEU A 70 0.18 -4.79 7.38
CA LEU A 70 -0.42 -5.01 8.70
C LEU A 70 -1.86 -5.49 8.57
N MET A 71 -2.61 -4.85 7.68
CA MET A 71 -4.01 -5.23 7.46
C MET A 71 -4.12 -6.67 6.99
N LYS A 72 -3.04 -7.19 6.40
CA LYS A 72 -3.01 -8.55 5.91
C LYS A 72 -2.97 -9.55 7.07
N LEU A 73 -2.36 -9.13 8.17
CA LEU A 73 -2.26 -9.99 9.35
C LEU A 73 -3.58 -10.05 10.10
N LEU A 74 -4.15 -8.89 10.40
CA LEU A 74 -5.42 -8.82 11.11
C LEU A 74 -6.51 -9.56 10.35
N GLU A 75 -6.32 -9.71 9.04
CA GLU A 75 -7.30 -10.40 8.20
C GLU A 75 -7.52 -11.83 8.71
N GLU A 76 -6.44 -12.58 8.85
CA GLU A 76 -6.53 -13.95 9.33
C GLU A 76 -6.74 -14.00 10.84
N ALA A 77 -6.23 -12.99 11.54
CA ALA A 77 -6.38 -12.91 12.99
C ALA A 77 -7.72 -12.31 13.37
N GLY A 78 -8.55 -12.03 12.38
CA GLY A 78 -9.86 -11.45 12.64
C GLY A 78 -9.77 -10.14 13.39
N GLY A 79 -8.60 -9.51 13.34
CA GLY A 79 -8.41 -8.24 14.02
C GLY A 79 -7.87 -8.42 15.43
N ASN A 80 -6.92 -9.34 15.57
CA ASN A 80 -6.32 -9.61 16.88
C ASN A 80 -4.83 -9.27 16.87
N TRP A 81 -4.49 -8.13 17.48
CA TRP A 81 -3.11 -7.68 17.54
C TRP A 81 -2.36 -8.38 18.67
N SER A 82 -3.12 -8.90 19.63
CA SER A 82 -2.51 -9.60 20.77
C SER A 82 -1.54 -10.67 20.31
N TYR A 83 -1.99 -11.52 19.39
CA TYR A 83 -1.15 -12.58 18.86
C TYR A 83 -0.19 -12.07 17.81
N ILE A 84 -0.70 -11.20 16.93
CA ILE A 84 0.11 -10.62 15.86
C ILE A 84 1.31 -9.86 16.44
N LYS A 85 1.17 -9.42 17.68
CA LYS A 85 2.25 -8.69 18.35
C LYS A 85 3.05 -9.61 19.28
N LEU A 86 2.64 -10.88 19.32
CA LEU A 86 3.32 -11.86 20.16
C LEU A 86 4.82 -11.90 19.85
N ASP A 87 5.17 -11.52 18.63
CA ASP A 87 6.57 -11.52 18.21
C ASP A 87 6.99 -10.12 17.75
N ASN A 88 6.30 -9.10 18.25
CA ASN A 88 6.61 -7.73 17.90
C ASN A 88 6.30 -7.46 16.43
N TYR A 89 5.20 -8.01 15.96
CA TYR A 89 4.79 -7.83 14.57
C TYR A 89 5.84 -8.42 13.62
N THR A 90 6.39 -9.57 13.99
CA THR A 90 7.41 -10.22 13.18
C THR A 90 6.94 -10.38 11.73
N ALA A 91 5.64 -10.51 11.55
CA ALA A 91 5.07 -10.66 10.21
C ALA A 91 5.48 -9.51 9.31
N LEU A 92 5.56 -8.31 9.89
CA LEU A 92 5.94 -7.12 9.13
C LEU A 92 7.38 -7.22 8.64
N VAL A 93 8.23 -7.85 9.45
CA VAL A 93 9.64 -8.03 9.10
C VAL A 93 9.79 -8.89 7.86
N ASP A 94 9.12 -10.05 7.85
CA ASP A 94 9.20 -10.96 6.72
C ASP A 94 8.35 -10.45 5.56
N ALA A 95 7.29 -9.71 5.88
CA ALA A 95 6.41 -9.15 4.85
C ALA A 95 7.11 -8.03 4.09
N ILE A 96 7.55 -7.01 4.81
CA ILE A 96 8.23 -5.87 4.20
C ILE A 96 9.50 -6.32 3.48
N TYR A 97 10.18 -7.32 4.04
CA TYR A 97 11.41 -7.83 3.46
C TYR A 97 11.16 -8.37 2.05
N SER A 98 9.98 -8.95 1.84
CA SER A 98 9.62 -9.51 0.55
C SER A 98 9.25 -8.40 -0.43
N VAL A 99 8.30 -7.56 -0.04
CA VAL A 99 7.85 -6.46 -0.89
C VAL A 99 9.00 -5.52 -1.21
N GLU A 100 9.65 -5.01 -0.17
CA GLU A 100 10.78 -4.09 -0.34
C GLU A 100 11.80 -4.66 -1.31
N ASP A 101 11.91 -5.98 -1.34
CA ASP A 101 12.85 -6.65 -2.23
C ASP A 101 12.22 -6.91 -3.59
N GLU A 102 13.06 -7.08 -4.61
CA GLU A 102 12.59 -7.33 -5.96
C GLU A 102 11.53 -6.30 -6.37
N ASN A 103 12.00 -5.15 -6.86
CA ASN A 103 11.11 -4.08 -7.28
C ASN A 103 11.11 -3.95 -8.80
N LYS A 104 12.21 -4.37 -9.43
CA LYS A 104 12.34 -4.29 -10.88
C LYS A 104 11.20 -5.03 -11.57
N GLN A 105 10.76 -6.13 -10.96
CA GLN A 105 9.67 -6.93 -11.52
C GLN A 105 8.45 -6.90 -10.59
N SER A 106 8.33 -5.84 -9.81
CA SER A 106 7.21 -5.69 -8.89
C SER A 106 5.98 -5.13 -9.61
N GLU A 107 6.18 -4.04 -10.34
CA GLU A 107 5.08 -3.41 -11.06
C GLU A 107 5.35 -3.42 -12.57
N GLY A 108 5.49 -4.62 -13.13
CA GLY A 108 5.75 -4.75 -14.54
C GLY A 108 6.53 -6.01 -14.88
N SER A 109 6.00 -6.80 -15.81
CA SER A 109 6.65 -8.05 -16.21
C SER A 109 6.70 -8.17 -17.73
N MET A 1 -58.47 -16.58 23.56
CA MET A 1 -58.89 -15.89 22.36
C MET A 1 -57.79 -15.90 21.30
N GLY A 2 -57.44 -17.10 20.83
CA GLY A 2 -56.41 -17.24 19.82
C GLY A 2 -55.03 -16.94 20.37
N SER A 3 -54.73 -17.47 21.55
CA SER A 3 -53.43 -17.26 22.18
C SER A 3 -52.79 -18.58 22.59
N SER A 4 -51.73 -18.97 21.87
CA SER A 4 -51.04 -20.21 22.16
C SER A 4 -49.69 -20.26 21.45
N HIS A 5 -48.76 -21.03 22.00
CA HIS A 5 -47.43 -21.16 21.41
C HIS A 5 -47.50 -21.84 20.04
N HIS A 6 -47.16 -21.08 19.00
CA HIS A 6 -47.19 -21.61 17.64
C HIS A 6 -45.85 -21.37 16.94
N HIS A 7 -44.81 -22.05 17.41
CA HIS A 7 -43.48 -21.90 16.83
C HIS A 7 -42.98 -23.24 16.29
N HIS A 8 -42.97 -23.38 14.96
CA HIS A 8 -42.51 -24.60 14.32
C HIS A 8 -41.06 -24.91 14.70
N HIS A 9 -40.15 -24.04 14.27
CA HIS A 9 -38.73 -24.22 14.57
C HIS A 9 -37.95 -22.95 14.26
N HIS A 10 -36.81 -22.79 14.92
CA HIS A 10 -35.96 -21.61 14.71
C HIS A 10 -35.29 -21.66 13.34
N SER A 11 -34.94 -20.49 12.82
CA SER A 11 -34.30 -20.40 11.51
C SER A 11 -32.98 -19.63 11.61
N SER A 12 -32.03 -19.99 10.76
CA SER A 12 -30.73 -19.35 10.75
C SER A 12 -30.60 -18.40 9.56
N GLY A 13 -31.10 -18.83 8.41
CA GLY A 13 -31.04 -18.00 7.22
C GLY A 13 -29.77 -18.23 6.43
N LEU A 14 -29.82 -17.96 5.13
CA LEU A 14 -28.65 -18.14 4.26
C LEU A 14 -28.78 -17.29 3.01
N VAL A 15 -27.81 -16.42 2.78
CA VAL A 15 -27.80 -15.54 1.62
C VAL A 15 -26.56 -15.78 0.75
N PRO A 16 -26.68 -15.44 -0.54
CA PRO A 16 -25.58 -15.61 -1.50
C PRO A 16 -24.43 -14.65 -1.23
N ARG A 17 -23.32 -15.19 -0.73
CA ARG A 17 -22.15 -14.38 -0.44
C ARG A 17 -21.58 -13.77 -1.72
N GLY A 18 -21.81 -12.47 -1.90
CA GLY A 18 -21.32 -11.78 -3.08
C GLY A 18 -22.41 -11.47 -4.08
N SER A 19 -22.02 -10.99 -5.25
CA SER A 19 -22.99 -10.65 -6.30
C SER A 19 -22.28 -10.36 -7.62
N HIS A 20 -22.71 -11.02 -8.67
CA HIS A 20 -22.12 -10.83 -9.99
C HIS A 20 -23.00 -9.95 -10.86
N MET A 21 -22.38 -9.22 -11.78
CA MET A 21 -23.11 -8.33 -12.68
C MET A 21 -22.28 -8.03 -13.93
N ILE A 22 -22.97 -7.88 -15.07
CA ILE A 22 -22.30 -7.58 -16.32
C ILE A 22 -22.71 -6.21 -16.85
N SER A 23 -21.73 -5.46 -17.34
CA SER A 23 -21.99 -4.12 -17.87
C SER A 23 -22.52 -4.21 -19.30
N LEU A 24 -23.64 -4.89 -19.46
CA LEU A 24 -24.26 -5.05 -20.78
C LEU A 24 -24.53 -3.68 -21.41
N SER A 25 -24.87 -2.71 -20.59
CA SER A 25 -25.15 -1.36 -21.07
C SER A 25 -24.46 -0.32 -20.20
N GLY A 26 -24.05 0.78 -20.81
CA GLY A 26 -23.39 1.84 -20.07
C GLY A 26 -23.68 3.22 -20.64
N LEU A 27 -22.65 3.88 -21.14
CA LEU A 27 -22.81 5.22 -21.72
C LEU A 27 -23.74 6.07 -20.86
N THR A 28 -23.65 5.89 -19.55
CA THR A 28 -24.48 6.65 -18.62
C THR A 28 -23.63 7.36 -17.57
N SER A 29 -22.54 6.72 -17.15
CA SER A 29 -21.65 7.29 -16.16
C SER A 29 -20.41 6.41 -15.97
N SER A 30 -19.47 6.89 -15.17
CA SER A 30 -18.24 6.16 -14.92
C SER A 30 -18.14 5.75 -13.45
N VAL A 31 -17.04 5.09 -13.10
CA VAL A 31 -16.82 4.63 -11.73
C VAL A 31 -18.13 4.20 -11.08
N GLU A 32 -18.93 3.43 -11.83
CA GLU A 32 -20.20 2.94 -11.33
C GLU A 32 -20.02 2.20 -10.01
N SER A 33 -18.90 1.50 -9.87
CA SER A 33 -18.61 0.74 -8.67
C SER A 33 -17.34 1.26 -8.00
N ASP A 34 -16.44 1.82 -8.80
CA ASP A 34 -15.19 2.36 -8.27
C ASP A 34 -15.45 3.44 -7.23
N LEU A 35 -16.61 4.09 -7.34
CA LEU A 35 -16.98 5.14 -6.40
C LEU A 35 -16.89 4.65 -4.95
N ASP A 36 -17.13 3.36 -4.76
CA ASP A 36 -17.08 2.76 -3.43
C ASP A 36 -15.72 3.02 -2.78
N MET A 37 -14.69 3.21 -3.61
CA MET A 37 -13.34 3.45 -3.12
C MET A 37 -13.32 4.69 -2.22
N GLN A 38 -14.19 5.65 -2.51
CA GLN A 38 -14.26 6.88 -1.73
C GLN A 38 -14.67 6.59 -0.30
N GLN A 39 -15.86 6.03 -0.13
CA GLN A 39 -16.38 5.71 1.19
C GLN A 39 -15.42 4.77 1.93
N ALA A 40 -14.64 4.01 1.17
CA ALA A 40 -13.68 3.09 1.75
C ALA A 40 -12.49 3.82 2.35
N MET A 41 -12.11 4.94 1.73
CA MET A 41 -10.99 5.74 2.20
C MET A 41 -11.18 6.13 3.66
N LEU A 42 -12.33 6.71 3.97
CA LEU A 42 -12.64 7.13 5.34
C LEU A 42 -12.59 5.95 6.29
N THR A 43 -12.84 4.75 5.76
CA THR A 43 -12.83 3.54 6.57
C THR A 43 -11.84 2.52 6.01
N ASN A 44 -10.55 2.86 6.07
CA ASN A 44 -9.51 1.96 5.57
C ASN A 44 -8.41 1.78 6.60
N LYS A 45 -8.61 2.35 7.78
CA LYS A 45 -7.62 2.26 8.86
C LYS A 45 -8.30 2.40 10.22
N ASP A 46 -7.49 2.38 11.27
CA ASP A 46 -8.01 2.51 12.63
C ASP A 46 -6.97 3.18 13.55
N GLU A 47 -7.34 3.32 14.82
CA GLU A 47 -6.44 3.95 15.79
C GLU A 47 -5.22 3.07 16.04
N LYS A 48 -5.45 1.78 16.18
CA LYS A 48 -4.37 0.83 16.43
C LYS A 48 -3.48 0.68 15.20
N VAL A 49 -4.09 0.81 14.02
CA VAL A 49 -3.35 0.69 12.76
C VAL A 49 -2.20 1.69 12.71
N LEU A 50 -2.40 2.85 13.33
CA LEU A 50 -1.38 3.89 13.35
C LEU A 50 -0.19 3.47 14.21
N LYS A 51 -0.44 2.55 15.14
CA LYS A 51 0.61 2.06 16.03
C LYS A 51 1.52 1.07 15.31
N ALA A 52 0.95 0.30 14.40
CA ALA A 52 1.71 -0.67 13.63
C ALA A 52 2.87 -0.01 12.90
N LEU A 53 2.69 1.25 12.52
CA LEU A 53 3.72 1.99 11.81
C LEU A 53 4.89 2.33 12.75
N GLU A 54 4.63 2.27 14.04
CA GLU A 54 5.65 2.57 15.04
C GLU A 54 6.80 1.56 14.97
N ARG A 55 6.45 0.28 14.80
CA ARG A 55 7.45 -0.78 14.71
C ARG A 55 8.09 -0.80 13.33
N THR A 56 7.31 -0.45 12.31
CA THR A 56 7.79 -0.44 10.94
C THR A 56 8.74 0.73 10.70
N ARG A 57 8.34 1.91 11.16
CA ARG A 57 9.16 3.11 11.00
C ARG A 57 10.54 2.91 11.59
N GLN A 58 10.63 2.03 12.58
CA GLN A 58 11.90 1.75 13.24
C GLN A 58 12.89 1.13 12.27
N LEU A 59 12.40 0.23 11.42
CA LEU A 59 13.25 -0.44 10.43
C LEU A 59 13.25 0.33 9.11
N ASP A 60 12.78 1.57 9.15
CA ASP A 60 12.72 2.41 7.96
C ASP A 60 11.77 1.82 6.92
N ILE A 61 10.48 1.94 7.17
CA ILE A 61 9.46 1.42 6.26
C ILE A 61 8.37 2.46 6.00
N PRO A 62 8.06 2.67 4.71
CA PRO A 62 7.03 3.63 4.30
C PRO A 62 5.62 3.17 4.67
N ASP A 63 4.79 4.10 5.12
CA ASP A 63 3.42 3.79 5.51
C ASP A 63 2.59 3.39 4.29
N GLU A 64 3.15 3.60 3.10
CA GLU A 64 2.46 3.25 1.87
C GLU A 64 2.49 1.75 1.62
N LYS A 65 3.62 1.13 1.96
CA LYS A 65 3.78 -0.31 1.78
C LYS A 65 3.35 -1.07 3.04
N THR A 66 3.49 -0.42 4.19
CA THR A 66 3.11 -1.02 5.46
C THR A 66 1.60 -1.10 5.61
N MET A 67 0.90 -0.15 5.01
CA MET A 67 -0.55 -0.12 5.07
C MET A 67 -1.15 -1.47 4.71
N PRO A 68 -0.86 -1.93 3.48
CA PRO A 68 -1.36 -3.22 2.98
C PRO A 68 -0.70 -4.40 3.69
N VAL A 69 0.39 -4.14 4.39
CA VAL A 69 1.10 -5.18 5.12
C VAL A 69 0.43 -5.49 6.45
N LEU A 70 0.28 -4.46 7.28
CA LEU A 70 -0.35 -4.62 8.58
C LEU A 70 -1.77 -5.16 8.44
N MET A 71 -2.50 -4.65 7.46
CA MET A 71 -3.87 -5.09 7.21
C MET A 71 -3.92 -6.58 6.89
N LYS A 72 -2.81 -7.11 6.40
CA LYS A 72 -2.73 -8.53 6.05
C LYS A 72 -2.70 -9.38 7.31
N LEU A 73 -2.14 -8.84 8.38
CA LEU A 73 -2.06 -9.57 9.65
C LEU A 73 -3.43 -9.71 10.28
N LEU A 74 -4.22 -8.64 10.24
CA LEU A 74 -5.56 -8.66 10.81
C LEU A 74 -6.52 -9.45 9.92
N GLU A 75 -6.17 -9.56 8.64
CA GLU A 75 -7.00 -10.28 7.69
C GLU A 75 -6.98 -11.78 7.98
N GLU A 76 -5.80 -12.31 8.29
CA GLU A 76 -5.64 -13.72 8.59
C GLU A 76 -6.08 -14.03 10.01
N ALA A 77 -5.64 -13.20 10.96
CA ALA A 77 -5.99 -13.39 12.36
C ALA A 77 -7.43 -12.97 12.63
N GLY A 78 -7.98 -12.18 11.71
CA GLY A 78 -9.36 -11.72 11.87
C GLY A 78 -9.45 -10.47 12.70
N GLY A 79 -8.31 -9.83 12.96
CA GLY A 79 -8.28 -8.61 13.75
C GLY A 79 -7.81 -8.85 15.16
N ASN A 80 -6.78 -9.70 15.30
CA ASN A 80 -6.23 -10.01 16.62
C ASN A 80 -4.80 -9.52 16.74
N TRP A 81 -4.60 -8.42 17.45
CA TRP A 81 -3.28 -7.84 17.64
C TRP A 81 -2.53 -8.56 18.75
N SER A 82 -3.27 -9.23 19.63
CA SER A 82 -2.67 -9.96 20.74
C SER A 82 -1.59 -10.92 20.24
N TYR A 83 -1.95 -11.78 19.30
CA TYR A 83 -1.01 -12.73 18.74
C TYR A 83 -0.05 -12.06 17.77
N ILE A 84 -0.59 -11.19 16.92
CA ILE A 84 0.23 -10.48 15.94
C ILE A 84 1.34 -9.68 16.63
N LYS A 85 1.07 -9.24 17.85
CA LYS A 85 2.05 -8.47 18.61
C LYS A 85 2.84 -9.38 19.56
N LEU A 86 2.55 -10.68 19.50
CA LEU A 86 3.23 -11.65 20.35
C LEU A 86 4.72 -11.71 20.02
N ASP A 87 5.09 -11.16 18.87
CA ASP A 87 6.49 -11.14 18.44
C ASP A 87 6.88 -9.76 17.92
N ASN A 88 6.19 -8.73 18.41
CA ASN A 88 6.45 -7.36 18.00
C ASN A 88 6.12 -7.16 16.52
N TYR A 89 4.99 -7.73 16.10
CA TYR A 89 4.54 -7.62 14.72
C TYR A 89 5.57 -8.22 13.77
N THR A 90 6.15 -9.35 14.16
CA THR A 90 7.14 -10.02 13.34
C THR A 90 6.64 -10.23 11.92
N ALA A 91 5.33 -10.37 11.76
CA ALA A 91 4.72 -10.56 10.46
C ALA A 91 5.13 -9.45 9.49
N LEU A 92 5.28 -8.24 10.03
CA LEU A 92 5.66 -7.09 9.21
C LEU A 92 7.10 -7.22 8.74
N VAL A 93 7.95 -7.79 9.58
CA VAL A 93 9.36 -7.97 9.24
C VAL A 93 9.52 -8.84 8.00
N ASP A 94 8.87 -9.99 8.00
CA ASP A 94 8.93 -10.92 6.88
C ASP A 94 8.08 -10.41 5.71
N ALA A 95 7.02 -9.68 6.03
CA ALA A 95 6.13 -9.13 5.01
C ALA A 95 6.83 -8.05 4.20
N ILE A 96 7.31 -7.02 4.89
CA ILE A 96 7.99 -5.91 4.23
C ILE A 96 9.20 -6.41 3.44
N TYR A 97 10.00 -7.27 4.07
CA TYR A 97 11.19 -7.83 3.42
C TYR A 97 10.82 -8.60 2.16
N SER A 98 9.62 -9.19 2.17
CA SER A 98 9.14 -9.96 1.03
C SER A 98 8.68 -9.03 -0.10
N VAL A 99 7.77 -8.13 0.23
CA VAL A 99 7.25 -7.19 -0.76
C VAL A 99 8.34 -6.27 -1.28
N GLU A 100 9.05 -5.61 -0.36
CA GLU A 100 10.13 -4.71 -0.73
C GLU A 100 11.09 -5.38 -1.70
N ASP A 101 11.25 -6.69 -1.56
CA ASP A 101 12.14 -7.44 -2.43
C ASP A 101 11.68 -7.38 -3.88
N GLU A 102 10.38 -7.51 -4.09
CA GLU A 102 9.82 -7.46 -5.44
C GLU A 102 8.50 -6.68 -5.45
N ASN A 103 8.46 -5.62 -6.25
CA ASN A 103 7.27 -4.79 -6.35
C ASN A 103 6.71 -4.81 -7.77
N LYS A 104 7.60 -4.97 -8.75
CA LYS A 104 7.21 -5.01 -10.15
C LYS A 104 6.13 -6.07 -10.39
N GLN A 105 6.13 -7.09 -9.54
CA GLN A 105 5.16 -8.17 -9.65
C GLN A 105 4.19 -8.17 -8.48
N SER A 106 3.62 -7.00 -8.19
CA SER A 106 2.68 -6.86 -7.08
C SER A 106 2.17 -5.42 -6.98
N GLU A 107 0.97 -5.27 -6.45
CA GLU A 107 0.36 -3.95 -6.30
C GLU A 107 0.75 -3.33 -4.96
N GLY A 108 0.22 -2.13 -4.70
CA GLY A 108 0.51 -1.45 -3.45
C GLY A 108 -0.38 -0.25 -3.21
N SER A 109 -0.49 0.17 -1.96
CA SER A 109 -1.32 1.31 -1.61
C SER A 109 -0.49 2.42 -0.99
N MET A 1 30.01 1.10 -50.50
CA MET A 1 31.14 0.39 -51.07
C MET A 1 32.45 1.02 -50.62
N GLY A 2 33.52 0.24 -50.68
CA GLY A 2 34.83 0.74 -50.26
C GLY A 2 35.70 -0.34 -49.63
N SER A 3 36.97 -0.39 -50.02
CA SER A 3 37.88 -1.38 -49.49
C SER A 3 38.08 -1.20 -47.99
N SER A 4 38.36 -2.29 -47.30
CA SER A 4 38.55 -2.26 -45.84
C SER A 4 40.04 -2.18 -45.51
N HIS A 5 40.76 -1.31 -46.21
CA HIS A 5 42.18 -1.14 -45.98
C HIS A 5 42.49 0.27 -45.50
N HIS A 6 41.63 0.80 -44.63
CA HIS A 6 41.82 2.15 -44.10
C HIS A 6 41.92 2.12 -42.58
N HIS A 7 41.06 1.33 -41.95
CA HIS A 7 41.06 1.21 -40.49
C HIS A 7 40.93 2.58 -39.84
N HIS A 8 40.21 3.48 -40.49
CA HIS A 8 40.01 4.83 -39.98
C HIS A 8 38.68 5.41 -40.45
N HIS A 9 37.77 5.67 -39.52
CA HIS A 9 36.47 6.22 -39.85
C HIS A 9 36.45 7.73 -39.64
N HIS A 10 35.35 8.37 -40.03
CA HIS A 10 35.21 9.82 -39.89
C HIS A 10 35.28 10.23 -38.42
N SER A 11 34.70 9.40 -37.55
CA SER A 11 34.70 9.68 -36.12
C SER A 11 36.11 9.65 -35.55
N SER A 12 36.68 10.83 -35.34
CA SER A 12 38.04 10.94 -34.80
C SER A 12 38.13 12.06 -33.78
N GLY A 13 38.48 11.70 -32.56
CA GLY A 13 38.60 12.69 -31.50
C GLY A 13 37.39 12.72 -30.59
N LEU A 14 37.19 13.85 -29.91
CA LEU A 14 36.06 14.00 -29.00
C LEU A 14 35.01 14.94 -29.58
N VAL A 15 33.76 14.47 -29.61
CA VAL A 15 32.67 15.27 -30.14
C VAL A 15 32.64 16.67 -29.51
N PRO A 16 32.04 17.62 -30.22
CA PRO A 16 31.93 19.01 -29.76
C PRO A 16 30.96 19.15 -28.58
N ARG A 17 30.97 20.31 -27.95
CA ARG A 17 30.10 20.57 -26.81
C ARG A 17 29.40 21.92 -26.95
N GLY A 18 28.64 22.29 -25.94
CA GLY A 18 27.93 23.56 -25.97
C GLY A 18 27.12 23.81 -24.71
N SER A 19 25.86 24.19 -24.87
CA SER A 19 24.98 24.47 -23.75
C SER A 19 23.88 23.43 -23.65
N HIS A 20 23.38 23.20 -22.43
CA HIS A 20 22.31 22.24 -22.21
C HIS A 20 20.95 22.94 -22.09
N MET A 21 20.07 22.68 -23.05
CA MET A 21 18.75 23.29 -23.06
C MET A 21 17.66 22.22 -23.15
N ILE A 22 17.84 21.14 -22.38
CA ILE A 22 16.87 20.06 -22.36
C ILE A 22 15.58 20.47 -21.65
N SER A 23 14.48 19.86 -22.05
CA SER A 23 13.18 20.16 -21.45
C SER A 23 12.96 19.33 -20.19
N LEU A 24 13.98 18.58 -19.79
CA LEU A 24 13.88 17.73 -18.60
C LEU A 24 12.47 17.19 -18.42
N SER A 25 11.95 16.54 -19.46
CA SER A 25 10.60 15.99 -19.42
C SER A 25 10.64 14.47 -19.59
N GLY A 26 9.57 13.80 -19.18
CA GLY A 26 9.50 12.36 -19.29
C GLY A 26 8.48 11.91 -20.32
N LEU A 27 8.21 10.61 -20.35
CA LEU A 27 7.24 10.05 -21.30
C LEU A 27 6.04 9.48 -20.56
N THR A 28 5.94 9.79 -19.26
CA THR A 28 4.83 9.30 -18.45
C THR A 28 3.54 10.03 -18.78
N SER A 29 2.44 9.59 -18.17
CA SER A 29 1.14 10.21 -18.41
C SER A 29 0.69 11.02 -17.20
N SER A 30 -0.57 11.46 -17.22
CA SER A 30 -1.12 12.24 -16.13
C SER A 30 -1.90 11.35 -15.16
N VAL A 31 -2.56 11.98 -14.20
CA VAL A 31 -3.34 11.25 -13.21
C VAL A 31 -2.66 9.94 -12.83
N GLU A 32 -1.35 10.00 -12.60
CA GLU A 32 -0.58 8.83 -12.24
C GLU A 32 -0.75 8.51 -10.75
N SER A 33 -1.14 9.51 -9.98
CA SER A 33 -1.34 9.34 -8.54
C SER A 33 -2.81 9.53 -8.17
N ASP A 34 -3.54 10.24 -9.03
CA ASP A 34 -4.96 10.49 -8.79
C ASP A 34 -5.72 9.19 -8.59
N LEU A 35 -5.20 8.11 -9.17
CA LEU A 35 -5.82 6.80 -9.07
C LEU A 35 -5.50 6.15 -7.72
N ASP A 36 -4.31 6.42 -7.21
CA ASP A 36 -3.89 5.87 -5.92
C ASP A 36 -4.85 6.30 -4.81
N MET A 37 -5.52 7.42 -5.02
CA MET A 37 -6.46 7.94 -4.02
C MET A 37 -7.70 7.06 -3.94
N GLN A 38 -8.19 6.60 -5.09
CA GLN A 38 -9.37 5.75 -5.15
C GLN A 38 -9.17 4.48 -4.33
N GLN A 39 -7.91 4.09 -4.16
CA GLN A 39 -7.58 2.89 -3.40
C GLN A 39 -7.58 3.18 -1.90
N ALA A 40 -7.39 4.45 -1.55
CA ALA A 40 -7.38 4.85 -0.14
C ALA A 40 -8.73 4.57 0.52
N MET A 41 -9.77 4.48 -0.29
CA MET A 41 -11.11 4.21 0.22
C MET A 41 -11.27 2.75 0.59
N LEU A 42 -10.74 1.86 -0.25
CA LEU A 42 -10.81 0.43 -0.01
C LEU A 42 -9.88 0.01 1.12
N THR A 43 -8.98 0.91 1.49
CA THR A 43 -8.02 0.64 2.56
C THR A 43 -8.09 1.70 3.65
N ASN A 44 -9.31 1.97 4.12
CA ASN A 44 -9.52 2.96 5.17
C ASN A 44 -8.61 2.69 6.37
N LYS A 45 -7.72 3.63 6.64
CA LYS A 45 -6.79 3.50 7.75
C LYS A 45 -7.51 3.67 9.09
N ASP A 46 -6.84 3.28 10.17
CA ASP A 46 -7.42 3.40 11.50
C ASP A 46 -6.35 3.76 12.53
N GLU A 47 -6.79 4.19 13.71
CA GLU A 47 -5.88 4.58 14.78
C GLU A 47 -5.11 3.36 15.29
N LYS A 48 -5.83 2.27 15.52
CA LYS A 48 -5.22 1.05 16.01
C LYS A 48 -4.15 0.54 15.06
N VAL A 49 -4.34 0.81 13.77
CA VAL A 49 -3.39 0.38 12.74
C VAL A 49 -2.05 1.08 12.92
N LEU A 50 -2.10 2.34 13.36
CA LEU A 50 -0.89 3.13 13.57
C LEU A 50 0.09 2.39 14.48
N LYS A 51 -0.45 1.65 15.44
CA LYS A 51 0.37 0.90 16.38
C LYS A 51 1.39 0.04 15.64
N ALA A 52 1.00 -0.47 14.48
CA ALA A 52 1.89 -1.30 13.67
C ALA A 52 2.98 -0.46 13.02
N LEU A 53 2.62 0.72 12.54
CA LEU A 53 3.56 1.61 11.89
C LEU A 53 4.67 2.01 12.85
N GLU A 54 4.41 1.87 14.14
CA GLU A 54 5.39 2.22 15.17
C GLU A 54 6.61 1.30 15.09
N ARG A 55 6.35 0.01 14.89
CA ARG A 55 7.43 -0.97 14.80
C ARG A 55 8.10 -0.92 13.44
N THR A 56 7.32 -0.58 12.41
CA THR A 56 7.85 -0.50 11.06
C THR A 56 8.70 0.76 10.88
N ARG A 57 8.20 1.88 11.37
CA ARG A 57 8.91 3.15 11.26
C ARG A 57 10.33 3.02 11.83
N GLN A 58 10.51 2.08 12.75
CA GLN A 58 11.82 1.86 13.37
C GLN A 58 12.83 1.34 12.34
N LEU A 59 12.36 0.49 11.44
CA LEU A 59 13.22 -0.07 10.40
C LEU A 59 13.13 0.74 9.12
N ASP A 60 12.54 1.93 9.22
CA ASP A 60 12.40 2.81 8.06
C ASP A 60 11.53 2.17 6.99
N ILE A 61 10.22 2.15 7.23
CA ILE A 61 9.28 1.56 6.28
C ILE A 61 8.12 2.51 5.99
N PRO A 62 7.83 2.70 4.70
CA PRO A 62 6.74 3.58 4.25
C PRO A 62 5.36 3.02 4.60
N ASP A 63 4.48 3.89 5.10
CA ASP A 63 3.13 3.48 5.45
C ASP A 63 2.32 3.10 4.22
N GLU A 64 2.89 3.40 3.05
CA GLU A 64 2.21 3.09 1.79
C GLU A 64 2.28 1.59 1.49
N LYS A 65 3.27 0.92 2.07
CA LYS A 65 3.44 -0.51 1.86
C LYS A 65 3.11 -1.29 3.13
N THR A 66 3.24 -0.62 4.27
CA THR A 66 2.96 -1.25 5.56
C THR A 66 1.45 -1.36 5.80
N MET A 67 0.72 -0.34 5.36
CA MET A 67 -0.73 -0.33 5.53
C MET A 67 -1.34 -1.64 5.06
N PRO A 68 -1.09 -2.01 3.79
CA PRO A 68 -1.61 -3.24 3.20
C PRO A 68 -0.96 -4.48 3.79
N VAL A 69 0.17 -4.30 4.46
CA VAL A 69 0.89 -5.40 5.08
C VAL A 69 0.27 -5.78 6.43
N LEU A 70 0.19 -4.80 7.33
CA LEU A 70 -0.37 -5.04 8.65
C LEU A 70 -1.82 -5.51 8.54
N MET A 71 -2.59 -4.86 7.69
CA MET A 71 -3.99 -5.23 7.49
C MET A 71 -4.12 -6.68 7.03
N LYS A 72 -3.06 -7.20 6.44
CA LYS A 72 -3.05 -8.58 5.96
C LYS A 72 -2.98 -9.56 7.13
N LEU A 73 -2.36 -9.13 8.22
CA LEU A 73 -2.24 -9.98 9.41
C LEU A 73 -3.55 -10.06 10.16
N LEU A 74 -4.18 -8.91 10.38
CA LEU A 74 -5.45 -8.85 11.10
C LEU A 74 -6.52 -9.64 10.34
N GLU A 75 -6.33 -9.80 9.04
CA GLU A 75 -7.28 -10.53 8.21
C GLU A 75 -7.48 -11.95 8.74
N GLU A 76 -6.37 -12.67 8.90
CA GLU A 76 -6.42 -14.04 9.38
C GLU A 76 -6.64 -14.07 10.90
N ALA A 77 -6.16 -13.03 11.58
CA ALA A 77 -6.30 -12.94 13.03
C ALA A 77 -7.65 -12.35 13.41
N GLY A 78 -8.49 -12.12 12.41
CA GLY A 78 -9.80 -11.55 12.66
C GLY A 78 -9.74 -10.24 13.42
N GLY A 79 -8.60 -9.56 13.33
CA GLY A 79 -8.43 -8.30 14.02
C GLY A 79 -7.89 -8.47 15.42
N ASN A 80 -6.93 -9.38 15.57
CA ASN A 80 -6.32 -9.65 16.88
C ASN A 80 -4.84 -9.28 16.87
N TRP A 81 -4.52 -8.14 17.48
CA TRP A 81 -3.15 -7.67 17.55
C TRP A 81 -2.38 -8.38 18.67
N SER A 82 -3.13 -8.92 19.64
CA SER A 82 -2.53 -9.61 20.77
C SER A 82 -1.55 -10.68 20.29
N TYR A 83 -2.01 -11.54 19.39
CA TYR A 83 -1.17 -12.61 18.87
C TYR A 83 -0.21 -12.07 17.81
N ILE A 84 -0.71 -11.20 16.94
CA ILE A 84 0.09 -10.61 15.89
C ILE A 84 1.30 -9.87 16.47
N LYS A 85 1.16 -9.42 17.71
CA LYS A 85 2.23 -8.69 18.38
C LYS A 85 3.02 -9.62 19.30
N LEU A 86 2.66 -10.89 19.30
CA LEU A 86 3.34 -11.88 20.12
C LEU A 86 4.83 -11.91 19.82
N ASP A 87 5.20 -11.46 18.62
CA ASP A 87 6.60 -11.43 18.22
C ASP A 87 7.00 -10.04 17.75
N ASN A 88 6.30 -9.02 18.26
CA ASN A 88 6.59 -7.65 17.89
C ASN A 88 6.27 -7.39 16.42
N TYR A 89 5.17 -7.95 15.96
CA TYR A 89 4.75 -7.78 14.57
C TYR A 89 5.81 -8.35 13.62
N THR A 90 6.37 -9.49 13.99
CA THR A 90 7.40 -10.15 13.17
C THR A 90 6.92 -10.30 11.73
N ALA A 91 5.62 -10.47 11.56
CA ALA A 91 5.04 -10.62 10.23
C ALA A 91 5.45 -9.47 9.31
N LEU A 92 5.52 -8.28 9.89
CA LEU A 92 5.90 -7.09 9.12
C LEU A 92 7.33 -7.19 8.64
N VAL A 93 8.19 -7.82 9.43
CA VAL A 93 9.59 -7.98 9.08
C VAL A 93 9.74 -8.85 7.84
N ASP A 94 9.08 -10.01 7.85
CA ASP A 94 9.15 -10.94 6.73
C ASP A 94 8.32 -10.43 5.57
N ALA A 95 7.25 -9.69 5.87
CA ALA A 95 6.37 -9.15 4.84
C ALA A 95 7.06 -8.01 4.09
N ILE A 96 7.48 -6.99 4.82
CA ILE A 96 8.14 -5.85 4.22
C ILE A 96 9.41 -6.27 3.47
N TYR A 97 10.12 -7.22 4.03
CA TYR A 97 11.36 -7.72 3.43
C TYR A 97 11.08 -8.31 2.06
N SER A 98 9.91 -8.92 1.90
CA SER A 98 9.52 -9.52 0.62
C SER A 98 9.11 -8.46 -0.38
N VAL A 99 8.14 -7.63 0.01
CA VAL A 99 7.65 -6.56 -0.86
C VAL A 99 8.78 -5.60 -1.23
N GLU A 100 9.46 -5.07 -0.22
CA GLU A 100 10.56 -4.14 -0.45
C GLU A 100 11.55 -4.70 -1.46
N ASP A 101 11.68 -6.02 -1.48
CA ASP A 101 12.60 -6.68 -2.40
C ASP A 101 12.10 -6.57 -3.84
N GLU A 102 10.89 -7.05 -4.08
CA GLU A 102 10.29 -7.01 -5.41
C GLU A 102 9.06 -6.11 -5.42
N ASN A 103 9.17 -4.98 -6.11
CA ASN A 103 8.07 -4.03 -6.20
C ASN A 103 7.33 -4.18 -7.53
N LYS A 104 8.08 -4.35 -8.61
CA LYS A 104 7.49 -4.52 -9.94
C LYS A 104 7.80 -5.90 -10.50
N GLN A 105 8.99 -6.42 -10.18
CA GLN A 105 9.40 -7.73 -10.64
C GLN A 105 8.50 -8.82 -10.07
N SER A 106 7.83 -9.56 -10.94
CA SER A 106 6.93 -10.63 -10.52
C SER A 106 6.72 -11.65 -11.64
N GLU A 107 6.22 -12.82 -11.28
CA GLU A 107 5.99 -13.87 -12.26
C GLU A 107 4.58 -14.45 -12.08
N GLY A 108 3.68 -14.09 -13.00
CA GLY A 108 2.32 -14.59 -12.94
C GLY A 108 1.32 -13.50 -12.60
N SER A 109 1.14 -12.56 -13.53
CA SER A 109 0.22 -11.45 -13.33
C SER A 109 -1.22 -11.89 -13.60
N MET A 1 38.17 56.46 -41.06
CA MET A 1 38.59 55.16 -40.52
C MET A 1 38.32 55.07 -39.03
N GLY A 2 37.44 54.15 -38.64
CA GLY A 2 37.12 53.99 -37.23
C GLY A 2 35.74 53.37 -37.02
N SER A 3 35.68 52.32 -36.22
CA SER A 3 34.42 51.64 -35.95
C SER A 3 34.06 51.74 -34.47
N SER A 4 32.96 51.11 -34.09
CA SER A 4 32.51 51.12 -32.70
C SER A 4 31.78 49.82 -32.36
N HIS A 5 31.48 49.64 -31.08
CA HIS A 5 30.79 48.44 -30.61
C HIS A 5 29.93 48.74 -29.39
N HIS A 6 28.84 48.01 -29.24
CA HIS A 6 27.93 48.20 -28.11
C HIS A 6 27.62 46.87 -27.43
N HIS A 7 27.26 46.94 -26.15
CA HIS A 7 26.94 45.74 -25.38
C HIS A 7 25.58 45.88 -24.69
N HIS A 8 25.09 44.78 -24.15
CA HIS A 8 23.80 44.77 -23.46
C HIS A 8 23.77 43.71 -22.37
N HIS A 9 22.69 43.69 -21.60
CA HIS A 9 22.53 42.73 -20.52
C HIS A 9 21.07 42.38 -20.31
N HIS A 10 20.77 41.09 -20.20
CA HIS A 10 19.40 40.63 -20.00
C HIS A 10 19.39 39.29 -19.25
N SER A 11 18.23 38.95 -18.69
CA SER A 11 18.09 37.71 -17.95
C SER A 11 16.69 37.12 -18.14
N SER A 12 16.52 35.87 -17.74
CA SER A 12 15.23 35.19 -17.86
C SER A 12 14.85 34.50 -16.57
N GLY A 13 15.53 33.38 -16.27
CA GLY A 13 15.25 32.64 -15.06
C GLY A 13 14.04 31.74 -15.19
N LEU A 14 13.69 31.05 -14.12
CA LEU A 14 12.56 30.15 -14.12
C LEU A 14 11.25 30.91 -13.93
N VAL A 15 10.13 30.19 -13.93
CA VAL A 15 8.82 30.80 -13.77
C VAL A 15 8.03 30.11 -12.66
N PRO A 16 7.06 30.84 -12.07
CA PRO A 16 6.22 30.31 -10.99
C PRO A 16 5.25 29.24 -11.50
N ARG A 17 4.33 28.83 -10.62
CA ARG A 17 3.34 27.81 -10.99
C ARG A 17 1.95 28.26 -10.57
N GLY A 18 0.94 27.45 -10.93
CA GLY A 18 -0.42 27.78 -10.58
C GLY A 18 -1.40 26.68 -10.97
N SER A 19 -2.68 27.02 -11.05
CA SER A 19 -3.71 26.05 -11.40
C SER A 19 -3.59 25.64 -12.86
N HIS A 20 -4.54 24.83 -13.32
CA HIS A 20 -4.54 24.37 -14.70
C HIS A 20 -5.71 24.97 -15.48
N MET A 21 -6.00 26.23 -15.22
CA MET A 21 -7.10 26.92 -15.89
C MET A 21 -6.60 27.65 -17.13
N ILE A 22 -6.59 26.94 -18.25
CA ILE A 22 -6.14 27.54 -19.51
C ILE A 22 -6.52 26.64 -20.69
N SER A 23 -6.78 27.27 -21.83
CA SER A 23 -7.16 26.54 -23.04
C SER A 23 -5.95 25.87 -23.67
N LEU A 24 -5.39 24.87 -22.98
CA LEU A 24 -4.23 24.15 -23.46
C LEU A 24 -4.65 22.96 -24.32
N SER A 25 -5.61 23.18 -25.22
CA SER A 25 -6.10 22.11 -26.08
C SER A 25 -4.94 21.45 -26.83
N GLY A 26 -4.76 20.16 -26.59
CA GLY A 26 -3.70 19.42 -27.24
C GLY A 26 -2.57 19.06 -26.29
N LEU A 27 -2.89 18.26 -25.27
CA LEU A 27 -1.91 17.85 -24.29
C LEU A 27 -2.16 16.41 -23.83
N THR A 28 -1.11 15.76 -23.34
CA THR A 28 -1.22 14.38 -22.86
C THR A 28 -2.34 14.24 -21.84
N SER A 29 -2.65 12.99 -21.48
CA SER A 29 -3.70 12.72 -20.51
C SER A 29 -3.33 13.30 -19.14
N SER A 30 -4.19 13.06 -18.15
CA SER A 30 -3.97 13.56 -16.80
C SER A 30 -4.19 12.45 -15.78
N VAL A 31 -4.17 12.82 -14.50
CA VAL A 31 -4.37 11.87 -13.42
C VAL A 31 -3.73 10.52 -13.74
N GLU A 32 -2.51 10.57 -14.27
CA GLU A 32 -1.77 9.35 -14.63
C GLU A 32 -1.44 8.54 -13.38
N SER A 33 -1.23 9.24 -12.27
CA SER A 33 -0.89 8.58 -11.01
C SER A 33 -1.60 9.25 -9.84
N ASP A 34 -2.66 9.99 -10.14
CA ASP A 34 -3.42 10.69 -9.11
C ASP A 34 -4.52 9.79 -8.55
N LEU A 35 -5.06 8.93 -9.40
CA LEU A 35 -6.12 8.02 -8.99
C LEU A 35 -5.66 7.12 -7.85
N ASP A 36 -4.36 6.89 -7.76
CA ASP A 36 -3.79 6.06 -6.72
C ASP A 36 -4.26 6.52 -5.33
N MET A 37 -4.45 7.83 -5.19
CA MET A 37 -4.89 8.40 -3.92
C MET A 37 -6.18 7.74 -3.46
N GLN A 38 -6.99 7.30 -4.41
CA GLN A 38 -8.26 6.66 -4.10
C GLN A 38 -8.04 5.39 -3.28
N GLN A 39 -6.87 4.78 -3.45
CA GLN A 39 -6.54 3.56 -2.73
C GLN A 39 -6.54 3.80 -1.22
N ALA A 40 -6.33 5.04 -0.82
CA ALA A 40 -6.32 5.40 0.59
C ALA A 40 -7.67 5.13 1.24
N MET A 41 -8.73 5.15 0.43
CA MET A 41 -10.07 4.90 0.94
C MET A 41 -10.27 3.42 1.24
N LEU A 42 -9.92 2.57 0.29
CA LEU A 42 -10.05 1.12 0.46
C LEU A 42 -9.19 0.63 1.60
N THR A 43 -8.15 1.38 1.93
CA THR A 43 -7.24 1.02 3.01
C THR A 43 -7.38 1.98 4.19
N ASN A 44 -8.61 2.33 4.53
CA ASN A 44 -8.87 3.24 5.64
C ASN A 44 -8.17 2.77 6.90
N LYS A 45 -7.15 3.52 7.31
CA LYS A 45 -6.39 3.18 8.51
C LYS A 45 -7.25 3.31 9.76
N ASP A 46 -6.68 2.97 10.91
CA ASP A 46 -7.40 3.04 12.18
C ASP A 46 -6.48 3.53 13.29
N GLU A 47 -7.02 3.59 14.51
CA GLU A 47 -6.25 4.04 15.66
C GLU A 47 -5.21 2.99 16.05
N LYS A 48 -5.61 1.73 16.03
CA LYS A 48 -4.72 0.63 16.38
C LYS A 48 -3.65 0.43 15.31
N VAL A 49 -4.03 0.69 14.06
CA VAL A 49 -3.10 0.54 12.94
C VAL A 49 -1.85 1.38 13.15
N LEU A 50 -2.00 2.48 13.87
CA LEU A 50 -0.88 3.38 14.15
C LEU A 50 0.20 2.68 14.97
N LYS A 51 -0.19 1.62 15.65
CA LYS A 51 0.74 0.85 16.47
C LYS A 51 1.66 -0.01 15.61
N ALA A 52 1.14 -0.45 14.47
CA ALA A 52 1.91 -1.28 13.55
C ALA A 52 2.94 -0.44 12.79
N LEU A 53 2.63 0.84 12.60
CA LEU A 53 3.52 1.75 11.89
C LEU A 53 4.69 2.16 12.78
N GLU A 54 4.48 2.08 14.09
CA GLU A 54 5.52 2.45 15.05
C GLU A 54 6.70 1.49 14.97
N ARG A 55 6.41 0.21 14.72
CA ARG A 55 7.45 -0.81 14.63
C ARG A 55 8.13 -0.75 13.26
N THR A 56 7.35 -0.45 12.22
CA THR A 56 7.89 -0.37 10.87
C THR A 56 8.70 0.91 10.67
N ARG A 57 8.16 2.02 11.14
CA ARG A 57 8.84 3.31 11.03
C ARG A 57 10.24 3.24 11.60
N GLN A 58 10.44 2.35 12.57
CA GLN A 58 11.75 2.18 13.20
C GLN A 58 12.79 1.73 12.18
N LEU A 59 12.39 0.81 11.30
CA LEU A 59 13.30 0.29 10.28
C LEU A 59 13.19 1.10 9.00
N ASP A 60 12.57 2.27 9.09
CA ASP A 60 12.41 3.16 7.94
C ASP A 60 11.53 2.50 6.87
N ILE A 61 10.23 2.43 7.15
CA ILE A 61 9.29 1.82 6.21
C ILE A 61 8.13 2.77 5.92
N PRO A 62 7.83 2.94 4.62
CA PRO A 62 6.74 3.82 4.18
C PRO A 62 5.36 3.26 4.53
N ASP A 63 4.47 4.14 4.96
CA ASP A 63 3.12 3.73 5.33
C ASP A 63 2.33 3.27 4.10
N GLU A 64 2.90 3.52 2.92
CA GLU A 64 2.26 3.13 1.67
C GLU A 64 2.35 1.63 1.45
N LYS A 65 3.47 1.04 1.88
CA LYS A 65 3.69 -0.40 1.73
C LYS A 65 3.29 -1.14 3.00
N THR A 66 3.42 -0.47 4.14
CA THR A 66 3.08 -1.07 5.42
C THR A 66 1.56 -1.16 5.60
N MET A 67 0.85 -0.22 5.00
CA MET A 67 -0.61 -0.20 5.08
C MET A 67 -1.20 -1.55 4.71
N PRO A 68 -0.92 -2.00 3.48
CA PRO A 68 -1.42 -3.29 2.98
C PRO A 68 -0.75 -4.48 3.66
N VAL A 69 0.35 -4.21 4.36
CA VAL A 69 1.09 -5.25 5.06
C VAL A 69 0.44 -5.56 6.40
N LEU A 70 0.30 -4.55 7.24
CA LEU A 70 -0.29 -4.72 8.56
C LEU A 70 -1.72 -5.27 8.44
N MET A 71 -2.48 -4.74 7.49
CA MET A 71 -3.85 -5.17 7.27
C MET A 71 -3.89 -6.66 6.93
N LYS A 72 -2.79 -7.18 6.40
CA LYS A 72 -2.70 -8.58 6.03
C LYS A 72 -2.65 -9.47 7.26
N LEU A 73 -2.10 -8.94 8.34
CA LEU A 73 -2.00 -9.70 9.59
C LEU A 73 -3.36 -9.84 10.25
N LEU A 74 -4.15 -8.77 10.23
CA LEU A 74 -5.48 -8.78 10.81
C LEU A 74 -6.42 -9.68 10.03
N GLU A 75 -6.11 -9.89 8.75
CA GLU A 75 -6.92 -10.72 7.88
C GLU A 75 -7.02 -12.14 8.43
N GLU A 76 -5.87 -12.76 8.69
CA GLU A 76 -5.83 -14.12 9.22
C GLU A 76 -6.14 -14.12 10.71
N ALA A 77 -5.75 -13.05 11.39
CA ALA A 77 -5.99 -12.94 12.83
C ALA A 77 -7.39 -12.41 13.12
N GLY A 78 -8.18 -12.26 12.06
CA GLY A 78 -9.54 -11.76 12.22
C GLY A 78 -9.60 -10.46 12.99
N GLY A 79 -8.50 -9.71 12.96
CA GLY A 79 -8.45 -8.44 13.68
C GLY A 79 -7.98 -8.60 15.11
N ASN A 80 -7.00 -9.47 15.32
CA ASN A 80 -6.47 -9.73 16.66
C ASN A 80 -5.01 -9.32 16.73
N TRP A 81 -4.74 -8.17 17.36
CA TRP A 81 -3.39 -7.67 17.50
C TRP A 81 -2.65 -8.39 18.62
N SER A 82 -3.42 -8.94 19.56
CA SER A 82 -2.84 -9.66 20.69
C SER A 82 -1.85 -10.72 20.22
N TYR A 83 -2.29 -11.56 19.30
CA TYR A 83 -1.44 -12.62 18.76
C TYR A 83 -0.44 -12.06 17.76
N ILE A 84 -0.91 -11.16 16.89
CA ILE A 84 -0.06 -10.55 15.88
C ILE A 84 1.11 -9.82 16.53
N LYS A 85 0.93 -9.39 17.77
CA LYS A 85 1.97 -8.67 18.50
C LYS A 85 2.74 -9.63 19.41
N LEU A 86 2.46 -10.92 19.29
CA LEU A 86 3.12 -11.93 20.10
C LEU A 86 4.62 -11.96 19.83
N ASP A 87 5.02 -11.35 18.70
CA ASP A 87 6.43 -11.31 18.32
C ASP A 87 6.81 -9.90 17.84
N ASN A 88 6.09 -8.90 18.34
CA ASN A 88 6.36 -7.52 17.96
C ASN A 88 6.03 -7.29 16.49
N TYR A 89 4.94 -7.87 16.04
CA TYR A 89 4.51 -7.73 14.64
C TYR A 89 5.57 -8.29 13.70
N THR A 90 6.15 -9.42 14.08
CA THR A 90 7.19 -10.06 13.26
C THR A 90 6.71 -10.25 11.82
N ALA A 91 5.40 -10.45 11.66
CA ALA A 91 4.83 -10.65 10.34
C ALA A 91 5.22 -9.51 9.40
N LEU A 92 5.32 -8.31 9.95
CA LEU A 92 5.69 -7.14 9.16
C LEU A 92 7.14 -7.22 8.69
N VAL A 93 7.99 -7.79 9.53
CA VAL A 93 9.40 -7.95 9.20
C VAL A 93 9.58 -8.82 7.96
N ASP A 94 8.95 -9.98 7.96
CA ASP A 94 9.03 -10.90 6.83
C ASP A 94 8.20 -10.41 5.66
N ALA A 95 7.13 -9.70 5.96
CA ALA A 95 6.24 -9.16 4.94
C ALA A 95 6.92 -8.05 4.15
N ILE A 96 7.37 -7.01 4.85
CA ILE A 96 8.04 -5.89 4.21
C ILE A 96 9.28 -6.35 3.45
N TYR A 97 10.08 -7.19 4.09
CA TYR A 97 11.30 -7.70 3.48
C TYR A 97 10.98 -8.48 2.22
N SER A 98 9.81 -9.13 2.19
CA SER A 98 9.40 -9.91 1.05
C SER A 98 8.92 -9.01 -0.09
N VAL A 99 7.95 -8.14 0.22
CA VAL A 99 7.41 -7.22 -0.77
C VAL A 99 8.48 -6.26 -1.28
N GLU A 100 9.13 -5.57 -0.36
CA GLU A 100 10.18 -4.63 -0.71
C GLU A 100 11.20 -5.27 -1.66
N ASP A 101 11.40 -6.58 -1.49
CA ASP A 101 12.35 -7.31 -2.32
C ASP A 101 11.65 -7.87 -3.57
N GLU A 102 12.43 -8.11 -4.62
CA GLU A 102 11.90 -8.64 -5.86
C GLU A 102 10.70 -7.82 -6.34
N ASN A 103 10.99 -6.70 -6.99
CA ASN A 103 9.94 -5.83 -7.50
C ASN A 103 9.70 -6.06 -8.98
N LYS A 104 10.73 -6.54 -9.67
CA LYS A 104 10.63 -6.83 -11.10
C LYS A 104 9.68 -8.00 -11.36
N GLN A 105 9.57 -8.88 -10.37
CA GLN A 105 8.69 -10.05 -10.50
C GLN A 105 7.34 -9.78 -9.87
N SER A 106 6.83 -8.56 -10.05
CA SER A 106 5.54 -8.17 -9.50
C SER A 106 5.19 -6.74 -9.89
N GLU A 107 3.91 -6.41 -9.82
CA GLU A 107 3.44 -5.08 -10.17
C GLU A 107 3.84 -4.06 -9.11
N GLY A 108 3.31 -4.23 -7.90
CA GLY A 108 3.62 -3.32 -6.81
C GLY A 108 2.69 -3.48 -5.63
N SER A 109 2.53 -2.41 -4.85
CA SER A 109 1.66 -2.45 -3.68
C SER A 109 0.21 -2.15 -4.07
N MET A 1 35.16 15.73 -11.26
CA MET A 1 34.92 14.36 -10.81
C MET A 1 34.25 14.36 -9.43
N GLY A 2 33.01 13.87 -9.39
CA GLY A 2 32.28 13.81 -8.14
C GLY A 2 30.80 13.56 -8.34
N SER A 3 30.29 12.50 -7.71
CA SER A 3 28.88 12.15 -7.83
C SER A 3 27.99 13.23 -7.23
N SER A 4 27.27 13.93 -8.10
CA SER A 4 26.38 15.00 -7.66
C SER A 4 24.97 14.81 -8.22
N HIS A 5 24.24 13.85 -7.67
CA HIS A 5 22.88 13.57 -8.11
C HIS A 5 21.90 14.55 -7.52
N HIS A 6 21.66 14.44 -6.21
CA HIS A 6 20.74 15.34 -5.51
C HIS A 6 19.33 15.20 -6.08
N HIS A 7 18.86 13.96 -6.18
CA HIS A 7 17.52 13.69 -6.71
C HIS A 7 16.45 14.11 -5.70
N HIS A 8 15.22 14.23 -6.17
CA HIS A 8 14.11 14.63 -5.32
C HIS A 8 13.40 13.40 -4.75
N HIS A 9 12.65 13.60 -3.68
CA HIS A 9 11.91 12.51 -3.04
C HIS A 9 10.47 12.90 -2.78
N HIS A 10 9.88 13.63 -3.71
CA HIS A 10 8.49 14.07 -3.60
C HIS A 10 7.62 13.43 -4.66
N SER A 11 6.43 13.00 -4.26
CA SER A 11 5.49 12.36 -5.19
C SER A 11 4.07 12.83 -4.93
N SER A 12 3.12 12.26 -5.66
CA SER A 12 1.71 12.63 -5.53
C SER A 12 0.80 11.44 -5.86
N GLY A 13 -0.20 11.22 -5.01
CA GLY A 13 -1.12 10.12 -5.23
C GLY A 13 -2.06 9.91 -4.06
N LEU A 14 -2.94 10.87 -3.83
CA LEU A 14 -3.90 10.78 -2.74
C LEU A 14 -5.26 11.33 -3.15
N VAL A 15 -6.31 10.55 -2.92
CA VAL A 15 -7.66 10.95 -3.27
C VAL A 15 -8.65 10.58 -2.17
N PRO A 16 -9.79 11.29 -2.12
CA PRO A 16 -10.83 11.05 -1.13
C PRO A 16 -11.56 9.73 -1.37
N ARG A 17 -12.65 9.52 -0.62
CA ARG A 17 -13.43 8.30 -0.76
C ARG A 17 -13.99 8.17 -2.17
N GLY A 18 -14.26 6.93 -2.58
CA GLY A 18 -14.80 6.69 -3.91
C GLY A 18 -15.91 5.67 -3.90
N SER A 19 -16.32 5.22 -5.09
CA SER A 19 -17.39 4.24 -5.22
C SER A 19 -16.89 2.84 -4.85
N HIS A 20 -17.82 1.90 -4.78
CA HIS A 20 -17.48 0.51 -4.44
C HIS A 20 -17.94 -0.44 -5.55
N MET A 21 -16.99 -1.22 -6.07
CA MET A 21 -17.28 -2.17 -7.12
C MET A 21 -17.99 -1.49 -8.29
N ILE A 22 -17.39 -0.41 -8.78
CA ILE A 22 -17.98 0.34 -9.89
C ILE A 22 -18.01 -0.51 -11.16
N SER A 23 -18.94 -0.20 -12.06
CA SER A 23 -19.09 -0.93 -13.31
C SER A 23 -17.77 -0.96 -14.07
N LEU A 24 -16.94 0.05 -13.84
CA LEU A 24 -15.66 0.15 -14.53
C LEU A 24 -14.84 -1.12 -14.32
N SER A 25 -15.00 -1.74 -13.16
CA SER A 25 -14.27 -2.97 -12.84
C SER A 25 -14.55 -4.05 -13.88
N GLY A 26 -13.52 -4.43 -14.63
CA GLY A 26 -13.67 -5.45 -15.65
C GLY A 26 -12.58 -6.49 -15.59
N LEU A 27 -12.67 -7.50 -16.46
CA LEU A 27 -11.69 -8.57 -16.49
C LEU A 27 -10.77 -8.44 -17.71
N THR A 28 -10.84 -7.28 -18.36
CA THR A 28 -10.01 -7.03 -19.54
C THR A 28 -8.57 -6.74 -19.14
N SER A 29 -7.75 -6.41 -20.13
CA SER A 29 -6.34 -6.11 -19.88
C SER A 29 -6.11 -4.60 -19.81
N SER A 30 -6.65 -3.97 -18.78
CA SER A 30 -6.51 -2.54 -18.60
C SER A 30 -6.92 -2.12 -17.18
N VAL A 31 -6.40 -0.99 -16.74
CA VAL A 31 -6.70 -0.48 -15.41
C VAL A 31 -6.82 -1.62 -14.40
N GLU A 32 -5.89 -2.56 -14.47
CA GLU A 32 -5.88 -3.71 -13.56
C GLU A 32 -5.42 -3.29 -12.17
N SER A 33 -4.64 -2.22 -12.11
CA SER A 33 -4.13 -1.72 -10.83
C SER A 33 -4.68 -0.33 -10.53
N ASP A 34 -5.07 0.38 -11.58
CA ASP A 34 -5.61 1.73 -11.43
C ASP A 34 -6.84 1.71 -10.52
N LEU A 35 -7.49 0.55 -10.41
CA LEU A 35 -8.67 0.42 -9.59
C LEU A 35 -8.30 -0.06 -8.18
N ASP A 36 -7.02 0.05 -7.85
CA ASP A 36 -6.53 -0.37 -6.53
C ASP A 36 -6.95 0.64 -5.46
N MET A 37 -7.15 1.88 -5.87
CA MET A 37 -7.54 2.94 -4.94
C MET A 37 -8.96 2.71 -4.44
N GLN A 38 -9.76 2.01 -5.24
CA GLN A 38 -11.14 1.72 -4.87
C GLN A 38 -11.21 0.82 -3.64
N GLN A 39 -10.53 -0.32 -3.71
CA GLN A 39 -10.51 -1.27 -2.61
C GLN A 39 -9.90 -0.64 -1.36
N ALA A 40 -8.98 0.29 -1.57
CA ALA A 40 -8.32 0.97 -0.46
C ALA A 40 -9.32 1.71 0.41
N MET A 41 -10.46 2.07 -0.19
CA MET A 41 -11.50 2.80 0.53
C MET A 41 -12.19 1.89 1.53
N LEU A 42 -12.43 0.64 1.13
CA LEU A 42 -13.09 -0.32 1.99
C LEU A 42 -12.15 -0.80 3.10
N THR A 43 -10.89 -0.40 3.00
CA THR A 43 -9.88 -0.79 4.00
C THR A 43 -9.08 0.43 4.46
N ASN A 44 -9.75 1.35 5.13
CA ASN A 44 -9.09 2.55 5.63
C ASN A 44 -8.17 2.23 6.81
N LYS A 45 -7.68 3.27 7.46
CA LYS A 45 -6.78 3.09 8.60
C LYS A 45 -7.53 3.26 9.92
N ASP A 46 -6.85 2.99 11.03
CA ASP A 46 -7.46 3.11 12.35
C ASP A 46 -6.43 3.61 13.37
N GLU A 47 -6.90 3.84 14.59
CA GLU A 47 -6.03 4.33 15.66
C GLU A 47 -4.99 3.27 16.03
N LYS A 48 -5.43 2.02 16.12
CA LYS A 48 -4.55 0.92 16.47
C LYS A 48 -3.56 0.62 15.34
N VAL A 49 -4.02 0.84 14.10
CA VAL A 49 -3.16 0.60 12.94
C VAL A 49 -1.91 1.45 12.99
N LEU A 50 -1.99 2.59 13.65
CA LEU A 50 -0.86 3.50 13.78
C LEU A 50 0.24 2.88 14.64
N LYS A 51 -0.16 2.03 15.58
CA LYS A 51 0.79 1.37 16.46
C LYS A 51 1.74 0.48 15.66
N ALA A 52 1.20 -0.23 14.67
CA ALA A 52 2.00 -1.11 13.84
C ALA A 52 3.05 -0.33 13.06
N LEU A 53 2.68 0.88 12.64
CA LEU A 53 3.59 1.74 11.87
C LEU A 53 4.78 2.17 12.73
N GLU A 54 4.61 2.08 14.05
CA GLU A 54 5.67 2.47 14.98
C GLU A 54 6.86 1.52 14.88
N ARG A 55 6.56 0.24 14.74
CA ARG A 55 7.61 -0.77 14.63
C ARG A 55 8.23 -0.78 13.24
N THR A 56 7.40 -0.49 12.23
CA THR A 56 7.86 -0.46 10.85
C THR A 56 8.69 0.80 10.57
N ARG A 57 8.17 1.95 11.00
CA ARG A 57 8.86 3.21 10.81
C ARG A 57 10.29 3.15 11.34
N GLN A 58 10.50 2.30 12.33
CA GLN A 58 11.82 2.14 12.93
C GLN A 58 12.83 1.60 11.91
N LEU A 59 12.38 0.66 11.09
CA LEU A 59 13.24 0.07 10.07
C LEU A 59 13.12 0.83 8.75
N ASP A 60 12.49 2.00 8.80
CA ASP A 60 12.33 2.83 7.61
C ASP A 60 11.42 2.13 6.59
N ILE A 61 10.13 2.12 6.88
CA ILE A 61 9.16 1.48 5.98
C ILE A 61 8.00 2.42 5.67
N PRO A 62 7.67 2.54 4.38
CA PRO A 62 6.59 3.41 3.92
C PRO A 62 5.21 2.87 4.32
N ASP A 63 4.35 3.77 4.76
CA ASP A 63 2.99 3.39 5.17
C ASP A 63 2.17 2.92 3.97
N GLU A 64 2.71 3.13 2.78
CA GLU A 64 2.02 2.73 1.55
C GLU A 64 2.11 1.22 1.34
N LYS A 65 3.13 0.61 1.93
CA LYS A 65 3.33 -0.83 1.81
C LYS A 65 3.09 -1.52 3.14
N THR A 66 3.21 -0.77 4.23
CA THR A 66 3.00 -1.32 5.57
C THR A 66 1.51 -1.49 5.86
N MET A 67 0.71 -0.55 5.39
CA MET A 67 -0.74 -0.60 5.60
C MET A 67 -1.29 -1.96 5.20
N PRO A 68 -1.04 -2.35 3.93
CA PRO A 68 -1.51 -3.63 3.39
C PRO A 68 -0.80 -4.82 4.02
N VAL A 69 0.34 -4.56 4.64
CA VAL A 69 1.13 -5.60 5.29
C VAL A 69 0.57 -5.94 6.67
N LEU A 70 0.31 -4.91 7.47
CA LEU A 70 -0.22 -5.10 8.80
C LEU A 70 -1.68 -5.57 8.75
N MET A 71 -2.43 -5.02 7.81
CA MET A 71 -3.84 -5.39 7.65
C MET A 71 -3.97 -6.85 7.22
N LYS A 72 -2.93 -7.37 6.57
CA LYS A 72 -2.93 -8.74 6.10
C LYS A 72 -3.00 -9.72 7.27
N LEU A 73 -2.36 -9.36 8.37
CA LEU A 73 -2.35 -10.21 9.57
C LEU A 73 -3.70 -10.16 10.27
N LEU A 74 -4.28 -8.96 10.36
CA LEU A 74 -5.58 -8.79 11.01
C LEU A 74 -6.71 -9.31 10.12
N GLU A 75 -6.45 -9.37 8.82
CA GLU A 75 -7.44 -9.85 7.87
C GLU A 75 -7.72 -11.34 8.07
N GLU A 76 -6.65 -12.13 8.11
CA GLU A 76 -6.77 -13.57 8.30
C GLU A 76 -7.02 -13.91 9.77
N ALA A 77 -6.38 -13.17 10.67
CA ALA A 77 -6.54 -13.39 12.10
C ALA A 77 -7.89 -12.87 12.58
N GLY A 78 -8.53 -12.04 11.77
CA GLY A 78 -9.82 -11.48 12.13
C GLY A 78 -9.69 -10.15 12.82
N GLY A 79 -8.47 -9.79 13.22
CA GLY A 79 -8.25 -8.52 13.88
C GLY A 79 -7.78 -8.71 15.31
N ASN A 80 -6.81 -9.58 15.51
CA ASN A 80 -6.27 -9.86 16.84
C ASN A 80 -4.83 -9.36 16.96
N TRP A 81 -4.66 -8.22 17.60
CA TRP A 81 -3.33 -7.62 17.78
C TRP A 81 -2.53 -8.42 18.81
N SER A 82 -3.23 -9.07 19.73
CA SER A 82 -2.57 -9.86 20.77
C SER A 82 -1.61 -10.87 20.16
N TYR A 83 -2.12 -11.69 19.24
CA TYR A 83 -1.29 -12.70 18.58
C TYR A 83 -0.39 -12.06 17.52
N ILE A 84 -0.94 -11.09 16.80
CA ILE A 84 -0.19 -10.40 15.76
C ILE A 84 1.02 -9.67 16.34
N LYS A 85 0.92 -9.31 17.61
CA LYS A 85 2.00 -8.60 18.29
C LYS A 85 2.78 -9.54 19.20
N LEU A 86 2.40 -10.81 19.20
CA LEU A 86 3.08 -11.81 20.02
C LEU A 86 4.58 -11.76 19.81
N ASP A 87 5.00 -11.37 18.62
CA ASP A 87 6.42 -11.27 18.29
C ASP A 87 6.79 -9.85 17.89
N ASN A 88 6.03 -8.87 18.39
CA ASN A 88 6.28 -7.48 18.07
C ASN A 88 6.02 -7.20 16.59
N TYR A 89 4.94 -7.77 16.07
CA TYR A 89 4.59 -7.59 14.67
C TYR A 89 5.68 -8.15 13.76
N THR A 90 6.27 -9.27 14.15
CA THR A 90 7.31 -9.91 13.37
C THR A 90 6.88 -10.10 11.92
N ALA A 91 5.59 -10.36 11.72
CA ALA A 91 5.05 -10.57 10.38
C ALA A 91 5.45 -9.43 9.45
N LEU A 92 5.51 -8.22 10.00
CA LEU A 92 5.87 -7.04 9.21
C LEU A 92 7.32 -7.13 8.75
N VAL A 93 8.17 -7.73 9.57
CA VAL A 93 9.58 -7.88 9.24
C VAL A 93 9.77 -8.80 8.04
N ASP A 94 9.12 -9.96 8.09
CA ASP A 94 9.21 -10.93 7.00
C ASP A 94 8.39 -10.48 5.80
N ALA A 95 7.32 -9.74 6.06
CA ALA A 95 6.45 -9.24 5.00
C ALA A 95 7.13 -8.11 4.22
N ILE A 96 7.51 -7.06 4.93
CA ILE A 96 8.16 -5.92 4.32
C ILE A 96 9.45 -6.33 3.61
N TYR A 97 10.15 -7.29 4.19
CA TYR A 97 11.40 -7.78 3.62
C TYR A 97 11.17 -8.35 2.22
N SER A 98 10.01 -8.98 2.03
CA SER A 98 9.67 -9.56 0.74
C SER A 98 9.28 -8.49 -0.26
N VAL A 99 8.28 -7.68 0.11
CA VAL A 99 7.81 -6.60 -0.75
C VAL A 99 8.93 -5.63 -1.10
N GLU A 100 9.59 -5.12 -0.07
CA GLU A 100 10.69 -4.17 -0.26
C GLU A 100 11.70 -4.72 -1.26
N ASP A 101 11.85 -6.04 -1.30
CA ASP A 101 12.77 -6.68 -2.21
C ASP A 101 12.46 -6.32 -3.66
N GLU A 102 11.19 -6.48 -4.05
CA GLU A 102 10.75 -6.18 -5.40
C GLU A 102 9.51 -5.29 -5.38
N ASN A 103 9.60 -4.15 -6.08
CA ASN A 103 8.48 -3.23 -6.15
C ASN A 103 8.01 -3.03 -7.58
N LYS A 104 8.96 -2.97 -8.51
CA LYS A 104 8.64 -2.80 -9.92
C LYS A 104 9.06 -4.03 -10.72
N GLN A 105 9.99 -4.80 -10.16
CA GLN A 105 10.48 -6.01 -10.84
C GLN A 105 9.32 -6.89 -11.27
N SER A 106 9.04 -6.90 -12.56
CA SER A 106 7.95 -7.71 -13.11
C SER A 106 7.93 -7.65 -14.64
N GLU A 107 6.93 -8.27 -15.23
CA GLU A 107 6.79 -8.28 -16.69
C GLU A 107 5.58 -7.49 -17.13
N GLY A 108 4.54 -7.48 -16.29
CA GLY A 108 3.33 -6.76 -16.61
C GLY A 108 3.12 -5.55 -15.72
N SER A 109 1.87 -5.10 -15.63
CA SER A 109 1.54 -3.94 -14.80
C SER A 109 1.14 -4.39 -13.39
#